data_2KUO
#
_entry.id   2KUO
#
_cell.length_a   1.000
_cell.length_b   1.000
_cell.length_c   1.000
_cell.angle_alpha   90.00
_cell.angle_beta   90.00
_cell.angle_gamma   90.00
#
_symmetry.space_group_name_H-M   'P 1'
#
loop_
_entity.id
_entity.type
_entity.pdbx_description
1 polymer 'Aprataxin and PNK-like factor'
2 non-polymer 'ZINC ION'
#
_entity_poly.entity_id   1
_entity_poly.type   'polypeptide(L)'
_entity_poly.pdbx_seq_one_letter_code
;GSKATDSVLQGSEGNKVKRTSCMYGANCYRKNPVHFQHFSHPGDSDYGGVQIVGQDETDDRPECPYGPSCYRKNPQHKIE
YRHNTLPVRNV
;
_entity_poly.pdbx_strand_id   A
#
loop_
_chem_comp.id
_chem_comp.type
_chem_comp.name
_chem_comp.formula
ZN non-polymer 'ZINC ION' 'Zn 2'
#
# COMPACT_ATOMS: atom_id res chain seq x y z
N GLY A 1 27.68 -6.35 20.20
CA GLY A 1 26.98 -5.22 19.57
C GLY A 1 25.90 -4.64 20.46
N SER A 2 25.64 -3.34 20.32
CA SER A 2 24.65 -2.65 21.14
C SER A 2 23.33 -2.55 20.39
N LYS A 3 22.32 -1.94 21.01
CA LYS A 3 21.02 -1.74 20.36
C LYS A 3 21.15 -0.77 19.20
N ALA A 4 21.39 -1.31 18.01
CA ALA A 4 21.63 -0.51 16.80
C ALA A 4 20.37 -0.47 15.95
N THR A 5 19.78 0.72 15.81
CA THR A 5 18.56 0.91 15.03
C THR A 5 18.87 1.19 13.56
N ASP A 6 20.17 1.34 13.26
CA ASP A 6 20.61 1.65 11.90
C ASP A 6 20.02 0.62 10.93
N SER A 7 19.27 1.13 9.95
CA SER A 7 18.60 0.29 8.97
C SER A 7 19.50 0.08 7.74
N VAL A 8 19.32 -1.02 7.03
CA VAL A 8 20.14 -1.34 5.87
C VAL A 8 19.82 -0.40 4.72
N LEU A 9 20.57 0.69 4.64
CA LEU A 9 20.42 1.66 3.56
C LEU A 9 21.48 1.44 2.48
N GLN A 10 22.54 0.73 2.83
CA GLN A 10 23.63 0.42 1.90
C GLN A 10 23.15 -0.62 0.89
N GLY A 11 23.41 -0.35 -0.39
CA GLY A 11 23.04 -1.28 -1.44
C GLY A 11 22.99 -0.60 -2.79
N SER A 12 22.39 -1.28 -3.77
CA SER A 12 22.30 -0.78 -5.14
C SER A 12 21.20 0.29 -5.24
N GLU A 13 20.31 0.30 -4.26
CA GLU A 13 19.17 1.21 -4.24
C GLU A 13 19.46 2.48 -3.44
N GLY A 14 20.72 2.89 -3.44
CA GLY A 14 21.08 4.13 -2.78
C GLY A 14 20.74 5.32 -3.65
N ASN A 15 19.47 5.40 -4.03
CA ASN A 15 18.96 6.50 -4.86
C ASN A 15 18.59 7.70 -3.99
N LYS A 16 18.21 8.79 -4.65
CA LYS A 16 18.00 10.07 -3.96
C LYS A 16 16.56 10.20 -3.46
N VAL A 17 15.75 9.18 -3.71
CA VAL A 17 14.37 9.12 -3.20
C VAL A 17 13.98 7.67 -2.90
N LYS A 18 12.97 7.49 -2.07
CA LYS A 18 12.41 6.18 -1.78
C LYS A 18 11.12 5.99 -2.58
N ARG A 19 11.05 4.87 -3.29
CA ARG A 19 9.86 4.56 -4.10
C ARG A 19 8.66 4.25 -3.20
N THR A 20 7.50 4.10 -3.83
CA THR A 20 6.26 3.81 -3.14
C THR A 20 5.96 2.30 -3.20
N SER A 21 5.46 1.75 -2.12
CA SER A 21 5.20 0.32 -2.03
C SER A 21 4.29 -0.15 -3.17
N CYS A 22 4.78 -1.11 -3.97
CA CYS A 22 3.99 -1.76 -4.99
C CYS A 22 2.74 -2.33 -4.33
N MET A 23 1.61 -1.67 -4.51
CA MET A 23 0.35 -2.11 -3.91
C MET A 23 0.08 -3.59 -4.16
N TYR A 24 0.60 -4.11 -5.26
CA TYR A 24 0.47 -5.52 -5.57
C TYR A 24 1.67 -6.31 -5.07
N GLY A 25 2.77 -5.62 -4.82
CA GLY A 25 3.99 -6.26 -4.34
C GLY A 25 4.57 -7.19 -5.37
N ALA A 26 4.79 -8.43 -4.96
CA ALA A 26 5.34 -9.46 -5.86
C ALA A 26 4.26 -10.05 -6.75
N ASN A 27 3.04 -9.56 -6.58
CA ASN A 27 1.90 -10.09 -7.32
C ASN A 27 1.64 -9.26 -8.60
N CYS A 28 2.37 -8.16 -8.75
CA CYS A 28 2.25 -7.35 -9.96
C CYS A 28 2.96 -8.05 -11.12
N TYR A 29 2.23 -8.20 -12.25
CA TYR A 29 2.73 -8.93 -13.40
C TYR A 29 3.63 -8.03 -14.25
N ARG A 30 3.86 -6.80 -13.78
CA ARG A 30 4.80 -5.90 -14.42
C ARG A 30 6.20 -6.13 -13.85
N LYS A 31 7.11 -6.58 -14.70
CA LYS A 31 8.50 -6.89 -14.30
C LYS A 31 9.47 -5.99 -15.04
N ASN A 32 8.89 -5.08 -15.84
CA ASN A 32 9.64 -4.05 -16.52
C ASN A 32 10.29 -3.11 -15.46
N PRO A 33 11.57 -2.74 -15.66
CA PRO A 33 12.34 -1.97 -14.67
C PRO A 33 11.63 -0.69 -14.24
N VAL A 34 10.82 -0.13 -15.14
CA VAL A 34 10.09 1.09 -14.85
C VAL A 34 9.13 0.86 -13.70
N HIS A 35 8.52 -0.33 -13.63
CA HIS A 35 7.60 -0.65 -12.54
C HIS A 35 8.30 -0.53 -11.18
N PHE A 36 9.61 -0.77 -11.20
CA PHE A 36 10.42 -0.76 -9.97
C PHE A 36 11.06 0.61 -9.71
N GLN A 37 11.13 1.45 -10.75
CA GLN A 37 11.81 2.74 -10.61
C GLN A 37 10.96 3.73 -9.81
N HIS A 38 9.64 3.47 -9.73
CA HIS A 38 8.74 4.31 -8.92
C HIS A 38 8.02 3.48 -7.84
N PHE A 39 8.02 2.14 -7.97
CA PHE A 39 7.48 1.27 -6.92
C PHE A 39 8.51 0.30 -6.37
N SER A 40 8.55 0.14 -5.06
CA SER A 40 9.44 -0.82 -4.41
C SER A 40 8.70 -2.13 -4.21
N HIS A 41 9.46 -3.23 -4.23
CA HIS A 41 8.88 -4.57 -4.15
C HIS A 41 9.51 -5.37 -3.00
N PRO A 42 8.82 -6.44 -2.53
CA PRO A 42 9.32 -7.26 -1.41
C PRO A 42 10.68 -7.87 -1.73
N GLY A 43 11.72 -7.15 -1.32
CA GLY A 43 13.10 -7.56 -1.54
C GLY A 43 13.95 -6.35 -1.80
N ASP A 44 13.28 -5.23 -2.03
CA ASP A 44 13.94 -3.95 -2.26
C ASP A 44 14.28 -3.26 -0.94
N SER A 45 15.39 -2.55 -0.92
CA SER A 45 15.80 -1.79 0.27
C SER A 45 14.82 -0.65 0.51
N ASP A 46 14.19 -0.20 -0.56
CA ASP A 46 13.26 0.93 -0.50
C ASP A 46 11.86 0.46 -0.12
N TYR A 47 11.69 -0.85 0.00
CA TYR A 47 10.38 -1.41 0.31
C TYR A 47 10.08 -1.24 1.79
N GLY A 48 8.84 -0.88 2.09
CA GLY A 48 8.40 -0.73 3.48
C GLY A 48 7.10 -1.46 3.73
N GLY A 49 6.11 -1.21 2.87
CA GLY A 49 4.84 -1.89 2.96
C GLY A 49 3.99 -1.39 4.12
N VAL A 50 4.42 -0.31 4.76
CA VAL A 50 3.67 0.29 5.87
C VAL A 50 2.75 1.37 5.40
N GLN A 51 2.85 1.71 4.11
CA GLN A 51 1.98 2.70 3.47
C GLN A 51 0.64 2.10 3.16
N ILE A 52 -0.40 2.93 3.15
CA ILE A 52 -1.73 2.48 2.78
C ILE A 52 -1.70 1.73 1.42
N VAL A 53 -0.98 2.31 0.48
CA VAL A 53 -0.71 1.65 -0.78
C VAL A 53 0.36 0.58 -0.53
N GLY A 54 -0.10 -0.65 -0.30
CA GLY A 54 0.79 -1.75 0.04
C GLY A 54 0.23 -2.63 1.13
N GLN A 55 -0.54 -2.04 2.03
CA GLN A 55 -1.17 -2.79 3.12
C GLN A 55 -2.70 -2.76 2.98
N ASP A 56 -3.25 -1.58 2.79
CA ASP A 56 -4.71 -1.40 2.65
C ASP A 56 -5.05 0.09 2.58
N GLU A 57 -6.02 0.43 1.75
CA GLU A 57 -6.36 1.83 1.50
C GLU A 57 -7.82 2.11 1.94
N THR A 58 -8.55 1.06 2.27
CA THR A 58 -10.00 1.19 2.46
C THR A 58 -10.41 1.17 3.92
N ASP A 59 -9.92 0.17 4.64
CA ASP A 59 -10.36 -0.09 6.00
C ASP A 59 -11.80 -0.57 6.03
N ASP A 60 -12.72 0.31 5.62
CA ASP A 60 -14.15 -0.01 5.58
C ASP A 60 -14.90 0.88 4.59
N ARG A 61 -14.37 2.07 4.29
CA ARG A 61 -15.11 3.11 3.56
C ARG A 61 -14.15 4.12 2.92
N PRO A 62 -14.65 5.02 2.04
CA PRO A 62 -13.82 6.08 1.45
C PRO A 62 -13.26 7.02 2.51
N GLU A 63 -12.10 7.61 2.24
CA GLU A 63 -11.45 8.50 3.21
C GLU A 63 -11.94 9.93 3.06
N CYS A 64 -12.09 10.62 4.18
CA CYS A 64 -12.53 12.02 4.19
C CYS A 64 -11.44 12.89 3.56
N PRO A 65 -11.77 13.63 2.47
CA PRO A 65 -10.78 14.38 1.70
C PRO A 65 -10.13 15.51 2.53
N TYR A 66 -10.71 15.77 3.70
CA TYR A 66 -10.20 16.81 4.60
C TYR A 66 -9.44 16.21 5.78
N GLY A 67 -9.40 14.89 5.85
CA GLY A 67 -8.75 14.21 6.97
C GLY A 67 -9.51 14.40 8.27
N PRO A 68 -8.81 14.35 9.43
CA PRO A 68 -9.43 14.59 10.73
C PRO A 68 -9.70 16.08 10.97
N SER A 69 -9.13 16.91 10.09
CA SER A 69 -9.37 18.36 10.11
C SER A 69 -10.65 18.69 9.34
N CYS A 70 -11.37 17.65 8.94
CA CYS A 70 -12.63 17.83 8.23
C CYS A 70 -13.62 18.61 9.08
N TYR A 71 -14.00 19.79 8.58
CA TYR A 71 -14.93 20.67 9.27
C TYR A 71 -16.32 20.53 8.69
N ARG A 72 -16.51 19.51 7.87
CA ARG A 72 -17.80 19.20 7.30
C ARG A 72 -18.78 18.77 8.40
N LYS A 73 -19.74 19.63 8.70
CA LYS A 73 -20.64 19.44 9.82
C LYS A 73 -21.82 18.56 9.43
N ASN A 74 -21.65 17.24 9.54
CA ASN A 74 -22.70 16.28 9.25
C ASN A 74 -22.35 14.89 9.78
N PRO A 75 -23.22 14.29 10.59
CA PRO A 75 -22.96 12.97 11.17
C PRO A 75 -22.88 11.89 10.10
N GLN A 76 -23.70 12.03 9.05
CA GLN A 76 -23.70 11.06 7.96
C GLN A 76 -22.37 11.07 7.24
N HIS A 77 -21.80 12.25 7.08
CA HIS A 77 -20.50 12.41 6.42
C HIS A 77 -19.45 11.58 7.14
N LYS A 78 -19.38 11.77 8.44
CA LYS A 78 -18.48 11.02 9.32
C LYS A 78 -18.75 9.51 9.26
N ILE A 79 -19.95 9.14 8.86
CA ILE A 79 -20.34 7.74 8.74
C ILE A 79 -19.81 7.14 7.42
N GLU A 80 -19.83 7.97 6.36
CA GLU A 80 -19.50 7.49 5.04
C GLU A 80 -17.98 7.50 4.81
N TYR A 81 -17.31 8.49 5.39
CA TYR A 81 -15.89 8.70 5.16
C TYR A 81 -15.07 8.35 6.37
N ARG A 82 -13.79 8.00 6.17
CA ARG A 82 -12.86 7.75 7.26
C ARG A 82 -12.14 9.05 7.61
N HIS A 83 -12.29 9.51 8.84
CA HIS A 83 -11.53 10.67 9.30
C HIS A 83 -10.24 10.19 9.96
N ASN A 84 -9.29 9.85 9.09
CA ASN A 84 -8.05 9.19 9.48
C ASN A 84 -7.24 10.09 10.38
N THR A 85 -7.20 9.76 11.65
CA THR A 85 -6.45 10.52 12.61
C THR A 85 -5.02 9.94 12.66
N LEU A 86 -4.06 10.83 12.73
CA LEU A 86 -2.66 10.41 12.66
C LEU A 86 -1.98 10.56 14.03
N PRO A 87 -1.04 9.63 14.34
CA PRO A 87 -0.34 9.63 15.62
C PRO A 87 0.51 10.90 15.80
N VAL A 88 1.22 11.30 14.75
CA VAL A 88 2.12 12.48 14.77
C VAL A 88 2.93 12.52 16.08
N ARG A 89 3.16 11.34 16.68
CA ARG A 89 3.79 11.25 17.97
C ARG A 89 5.29 11.11 17.83
N ASN A 90 6.04 11.44 18.86
CA ASN A 90 7.49 11.30 18.84
C ASN A 90 7.93 10.29 19.89
N VAL A 91 7.79 9.01 19.55
CA VAL A 91 8.15 7.90 20.43
C VAL A 91 9.27 7.06 19.83
ZN ZN B . 5.07 -4.35 -8.54
ZN ZN C . -14.95 14.73 6.90
N GLY A 1 -5.64 -7.91 12.38
CA GLY A 1 -4.79 -8.12 13.56
C GLY A 1 -3.33 -7.77 13.28
N SER A 2 -2.57 -8.76 12.79
CA SER A 2 -1.16 -8.56 12.52
C SER A 2 -0.64 -9.52 11.44
N LYS A 3 0.29 -9.01 10.61
CA LYS A 3 1.04 -9.83 9.67
C LYS A 3 2.28 -9.07 9.19
N ALA A 4 3.46 -9.53 9.62
CA ALA A 4 4.72 -8.86 9.28
C ALA A 4 5.76 -9.88 8.81
N THR A 5 6.85 -9.37 8.26
CA THR A 5 7.91 -10.23 7.73
C THR A 5 9.00 -10.46 8.77
N ASP A 6 9.50 -11.70 8.86
CA ASP A 6 10.60 -12.00 9.75
C ASP A 6 11.94 -11.64 9.10
N SER A 7 12.01 -11.85 7.79
CA SER A 7 13.21 -11.56 7.03
C SER A 7 13.36 -10.06 6.81
N VAL A 8 14.15 -9.41 7.69
CA VAL A 8 14.39 -7.98 7.60
C VAL A 8 15.50 -7.70 6.55
N LEU A 9 15.11 -7.72 5.29
CA LEU A 9 16.04 -7.56 4.20
C LEU A 9 16.29 -6.05 3.93
N GLN A 10 15.45 -5.22 4.50
CA GLN A 10 15.57 -3.76 4.35
C GLN A 10 16.92 -3.28 4.92
N GLY A 11 17.90 -3.08 4.03
CA GLY A 11 19.22 -2.67 4.46
C GLY A 11 20.24 -2.82 3.33
N SER A 12 19.84 -2.40 2.13
CA SER A 12 20.68 -2.52 0.94
C SER A 12 20.44 -1.32 0.00
N GLU A 13 19.89 -0.26 0.54
CA GLU A 13 19.55 0.92 -0.24
C GLU A 13 20.80 1.54 -0.87
N GLY A 14 20.71 1.89 -2.14
CA GLY A 14 21.80 2.54 -2.84
C GLY A 14 21.28 3.44 -3.94
N ASN A 15 20.05 3.92 -3.76
CA ASN A 15 19.41 4.81 -4.75
C ASN A 15 19.39 6.21 -4.20
N LYS A 16 19.45 7.20 -5.09
CA LYS A 16 19.40 8.60 -4.68
C LYS A 16 17.97 8.95 -4.32
N VAL A 17 17.05 8.24 -4.95
CA VAL A 17 15.61 8.40 -4.69
C VAL A 17 15.06 7.12 -4.06
N LYS A 18 13.95 7.24 -3.37
CA LYS A 18 13.25 6.08 -2.79
C LYS A 18 11.90 5.88 -3.44
N ARG A 19 11.38 4.67 -3.40
CA ARG A 19 10.10 4.34 -4.02
C ARG A 19 9.03 4.11 -2.96
N THR A 20 7.80 3.95 -3.42
CA THR A 20 6.68 3.66 -2.56
C THR A 20 6.24 2.22 -2.76
N SER A 21 5.46 1.69 -1.81
CA SER A 21 5.06 0.28 -1.83
C SER A 21 4.24 -0.06 -3.08
N CYS A 22 4.77 -1.00 -3.88
CA CYS A 22 4.08 -1.55 -5.05
C CYS A 22 2.72 -2.05 -4.64
N MET A 23 1.66 -1.48 -5.24
CA MET A 23 0.27 -1.76 -4.83
C MET A 23 -0.05 -3.27 -4.89
N TYR A 24 0.70 -4.00 -5.71
CA TYR A 24 0.55 -5.46 -5.79
C TYR A 24 1.71 -6.17 -5.08
N GLY A 25 2.80 -5.43 -4.82
CA GLY A 25 3.94 -5.99 -4.15
C GLY A 25 4.61 -7.06 -4.99
N ALA A 26 4.70 -8.26 -4.46
CA ALA A 26 5.29 -9.39 -5.19
C ALA A 26 4.26 -10.05 -6.11
N ASN A 27 3.07 -9.45 -6.20
CA ASN A 27 1.98 -10.00 -7.01
C ASN A 27 1.90 -9.36 -8.38
N CYS A 28 2.57 -8.22 -8.59
CA CYS A 28 2.55 -7.56 -9.88
C CYS A 28 3.41 -8.32 -10.89
N TYR A 29 2.80 -8.64 -12.03
CA TYR A 29 3.45 -9.40 -13.09
C TYR A 29 4.33 -8.48 -13.95
N ARG A 30 4.27 -7.18 -13.65
CA ARG A 30 5.03 -6.18 -14.39
C ARG A 30 6.52 -6.49 -14.24
N LYS A 31 7.20 -6.54 -15.39
CA LYS A 31 8.61 -6.94 -15.43
C LYS A 31 9.49 -5.76 -15.83
N ASN A 32 8.85 -4.73 -16.36
CA ASN A 32 9.50 -3.50 -16.76
C ASN A 32 10.15 -2.83 -15.57
N PRO A 33 11.41 -2.37 -15.74
CA PRO A 33 12.15 -1.72 -14.65
C PRO A 33 11.47 -0.46 -14.18
N VAL A 34 10.64 0.12 -15.06
CA VAL A 34 9.89 1.32 -14.74
C VAL A 34 8.93 1.04 -13.60
N HIS A 35 8.36 -0.15 -13.57
CA HIS A 35 7.46 -0.53 -12.49
C HIS A 35 8.18 -0.49 -11.14
N PHE A 36 9.48 -0.76 -11.16
CA PHE A 36 10.29 -0.79 -9.95
C PHE A 36 10.91 0.58 -9.64
N GLN A 37 11.07 1.40 -10.67
CA GLN A 37 11.72 2.71 -10.52
C GLN A 37 10.83 3.69 -9.73
N HIS A 38 9.52 3.41 -9.67
CA HIS A 38 8.59 4.26 -8.92
C HIS A 38 7.88 3.48 -7.81
N PHE A 39 7.99 2.16 -7.82
CA PHE A 39 7.40 1.33 -6.76
C PHE A 39 8.37 0.21 -6.36
N SER A 40 8.65 0.12 -5.07
CA SER A 40 9.51 -0.94 -4.55
C SER A 40 8.71 -2.18 -4.23
N HIS A 41 9.41 -3.30 -4.14
CA HIS A 41 8.79 -4.62 -3.98
C HIS A 41 9.40 -5.34 -2.79
N PRO A 42 8.77 -6.42 -2.31
CA PRO A 42 9.24 -7.20 -1.14
C PRO A 42 10.71 -7.70 -1.26
N GLY A 43 11.33 -7.43 -2.41
CA GLY A 43 12.71 -7.84 -2.63
C GLY A 43 13.61 -6.64 -2.89
N ASP A 44 13.09 -5.45 -2.60
CA ASP A 44 13.80 -4.19 -2.80
C ASP A 44 13.91 -3.45 -1.46
N SER A 45 15.11 -2.99 -1.12
CA SER A 45 15.39 -2.45 0.20
C SER A 45 14.56 -1.22 0.52
N ASP A 46 14.04 -0.54 -0.52
CA ASP A 46 13.27 0.68 -0.34
C ASP A 46 11.82 0.38 0.01
N TYR A 47 11.47 -0.90 -0.05
CA TYR A 47 10.14 -1.34 0.34
C TYR A 47 10.00 -1.24 1.85
N GLY A 48 8.90 -0.65 2.30
CA GLY A 48 8.68 -0.47 3.73
C GLY A 48 7.26 -0.80 4.15
N GLY A 49 6.46 -1.30 3.20
CA GLY A 49 5.06 -1.61 3.47
C GLY A 49 4.32 -0.44 4.08
N VAL A 50 4.39 0.71 3.39
CA VAL A 50 3.79 1.96 3.89
C VAL A 50 2.34 2.06 3.47
N GLN A 51 2.00 1.32 2.42
CA GLN A 51 0.63 1.28 1.89
C GLN A 51 0.08 -0.14 2.02
N ILE A 52 -1.09 -0.29 2.68
CA ILE A 52 -1.70 -1.62 2.83
C ILE A 52 -1.74 -2.36 1.51
N VAL A 53 -2.13 -1.64 0.45
CA VAL A 53 -2.18 -2.20 -0.88
C VAL A 53 -0.75 -2.48 -1.33
N GLY A 54 -0.37 -3.75 -1.28
CA GLY A 54 0.97 -4.16 -1.60
C GLY A 54 1.34 -5.42 -0.86
N GLN A 55 1.03 -5.47 0.44
CA GLN A 55 1.37 -6.62 1.27
C GLN A 55 0.13 -7.16 2.00
N ASP A 56 -0.83 -6.29 2.32
CA ASP A 56 -2.09 -6.73 2.92
C ASP A 56 -3.21 -5.73 2.65
N GLU A 57 -4.00 -6.02 1.64
CA GLU A 57 -5.11 -5.14 1.24
C GLU A 57 -6.35 -5.47 2.03
N THR A 58 -6.42 -6.73 2.48
CA THR A 58 -7.60 -7.24 3.16
C THR A 58 -7.85 -6.50 4.48
N ASP A 59 -9.04 -6.76 5.04
CA ASP A 59 -9.47 -6.13 6.29
C ASP A 59 -8.50 -6.42 7.43
N ASP A 60 -7.75 -7.52 7.28
CA ASP A 60 -6.70 -7.91 8.22
C ASP A 60 -7.28 -8.56 9.48
N ARG A 61 -7.64 -9.83 9.36
CA ARG A 61 -8.09 -10.68 10.46
C ARG A 61 -8.38 -12.07 9.91
N PRO A 62 -8.35 -13.11 10.79
CA PRO A 62 -8.56 -14.50 10.36
C PRO A 62 -9.97 -14.70 9.79
N GLU A 63 -10.09 -15.59 8.81
CA GLU A 63 -11.39 -15.93 8.26
C GLU A 63 -12.16 -16.81 9.24
N CYS A 64 -13.47 -16.84 9.09
CA CYS A 64 -14.33 -17.61 9.98
C CYS A 64 -14.00 -19.10 9.83
N PRO A 65 -13.83 -19.83 10.96
CA PRO A 65 -13.46 -21.26 10.92
C PRO A 65 -14.56 -22.11 10.26
N TYR A 66 -15.74 -21.53 10.06
CA TYR A 66 -16.86 -22.20 9.40
C TYR A 66 -17.07 -21.66 7.98
N GLY A 67 -16.07 -20.89 7.53
CA GLY A 67 -16.17 -20.21 6.24
C GLY A 67 -17.39 -19.31 6.14
N PRO A 68 -17.91 -19.07 4.92
CA PRO A 68 -19.13 -18.28 4.73
C PRO A 68 -20.38 -19.09 5.10
N SER A 69 -20.18 -20.40 5.32
CA SER A 69 -21.25 -21.27 5.81
C SER A 69 -21.55 -20.94 7.28
N CYS A 70 -20.63 -20.19 7.90
CA CYS A 70 -20.78 -19.74 9.27
C CYS A 70 -22.11 -19.03 9.49
N TYR A 71 -22.94 -19.59 10.35
CA TYR A 71 -24.22 -18.98 10.70
C TYR A 71 -24.21 -18.62 12.17
N ARG A 72 -23.02 -18.52 12.75
CA ARG A 72 -22.83 -18.19 14.14
C ARG A 72 -23.35 -16.80 14.44
N LYS A 73 -24.51 -16.74 15.06
CA LYS A 73 -25.17 -15.49 15.37
C LYS A 73 -24.52 -14.86 16.60
N ASN A 74 -23.73 -13.81 16.37
CA ASN A 74 -23.07 -13.07 17.44
C ASN A 74 -22.30 -11.92 16.86
N PRO A 75 -22.49 -10.69 17.36
CA PRO A 75 -21.80 -9.50 16.87
C PRO A 75 -20.29 -9.64 16.98
N GLN A 76 -19.84 -10.13 18.14
CA GLN A 76 -18.41 -10.27 18.42
C GLN A 76 -17.75 -11.18 17.39
N HIS A 77 -18.49 -12.17 16.92
CA HIS A 77 -17.98 -13.16 15.98
C HIS A 77 -17.61 -12.48 14.65
N LYS A 78 -18.60 -11.90 13.98
CA LYS A 78 -18.40 -11.19 12.73
C LYS A 78 -17.43 -10.01 12.87
N ILE A 79 -17.18 -9.62 14.11
CA ILE A 79 -16.19 -8.58 14.39
C ILE A 79 -14.77 -9.13 14.27
N GLU A 80 -14.52 -10.29 14.87
CA GLU A 80 -13.19 -10.88 14.90
C GLU A 80 -12.83 -11.55 13.58
N TYR A 81 -13.75 -12.35 13.03
CA TYR A 81 -13.48 -13.19 11.88
C TYR A 81 -14.13 -12.66 10.61
N ARG A 82 -13.55 -13.04 9.47
CA ARG A 82 -14.08 -12.66 8.16
C ARG A 82 -14.99 -13.76 7.62
N HIS A 83 -15.94 -13.36 6.76
CA HIS A 83 -16.81 -14.34 6.10
C HIS A 83 -16.80 -14.06 4.59
N ASN A 84 -15.75 -14.55 3.93
CA ASN A 84 -15.57 -14.34 2.50
C ASN A 84 -16.37 -15.38 1.71
N THR A 85 -17.00 -14.95 0.62
CA THR A 85 -17.85 -15.82 -0.17
C THR A 85 -17.15 -16.29 -1.44
N LEU A 86 -17.18 -17.59 -1.67
CA LEU A 86 -16.54 -18.19 -2.84
C LEU A 86 -17.62 -18.66 -3.81
N PRO A 87 -17.29 -18.67 -5.12
CA PRO A 87 -18.27 -19.03 -6.18
C PRO A 87 -18.75 -20.48 -6.05
N VAL A 88 -17.92 -21.36 -5.53
CA VAL A 88 -18.20 -22.80 -5.40
C VAL A 88 -18.86 -23.39 -6.68
N ARG A 89 -18.48 -22.80 -7.80
CA ARG A 89 -19.08 -23.15 -9.10
C ARG A 89 -18.33 -24.31 -9.74
N ASN A 90 -18.95 -24.90 -10.76
CA ASN A 90 -18.39 -26.03 -11.52
C ASN A 90 -16.93 -25.80 -11.84
N VAL A 91 -16.62 -24.69 -12.54
CA VAL A 91 -15.25 -24.39 -12.97
C VAL A 91 -14.88 -22.96 -12.61
ZN ZN B . 5.13 -4.30 -8.50
ZN ZN C . -18.48 -16.90 11.25
N GLY A 1 10.01 10.35 14.55
CA GLY A 1 9.06 11.48 14.79
C GLY A 1 9.02 12.42 13.59
N SER A 2 8.30 13.53 13.75
CA SER A 2 8.14 14.52 12.68
C SER A 2 9.47 15.24 12.43
N LYS A 3 10.17 15.56 13.51
CA LYS A 3 11.46 16.23 13.43
C LYS A 3 12.57 15.23 13.14
N ALA A 4 12.84 14.36 14.11
CA ALA A 4 13.89 13.35 13.99
C ALA A 4 13.34 12.12 13.27
N THR A 5 13.88 11.82 12.10
CA THR A 5 13.46 10.69 11.30
C THR A 5 13.69 9.37 12.05
N ASP A 6 12.79 8.42 11.88
CA ASP A 6 12.86 7.13 12.57
C ASP A 6 13.91 6.23 11.92
N SER A 7 13.85 6.12 10.59
CA SER A 7 14.80 5.28 9.84
C SER A 7 16.11 6.02 9.62
N VAL A 8 17.04 5.40 8.92
CA VAL A 8 18.34 5.98 8.63
C VAL A 8 18.38 6.60 7.26
N LEU A 9 18.84 7.86 7.20
CA LEU A 9 19.05 8.56 5.94
C LEU A 9 20.55 8.80 5.73
N GLN A 10 21.32 8.61 6.80
CA GLN A 10 22.77 8.78 6.75
C GLN A 10 23.42 7.66 5.92
N GLY A 11 22.62 6.63 5.63
CA GLY A 11 23.09 5.52 4.82
C GLY A 11 22.42 5.51 3.47
N SER A 12 22.49 6.63 2.76
CA SER A 12 21.88 6.73 1.44
C SER A 12 22.72 7.67 0.55
N GLU A 13 23.60 7.07 -0.26
CA GLU A 13 24.44 7.83 -1.16
C GLU A 13 24.18 7.40 -2.61
N GLY A 14 24.21 8.36 -3.52
CA GLY A 14 24.02 8.07 -4.94
C GLY A 14 22.57 8.23 -5.36
N ASN A 15 21.68 7.60 -4.61
CA ASN A 15 20.25 7.65 -4.89
C ASN A 15 19.67 9.04 -4.54
N LYS A 16 18.96 9.65 -5.47
CA LYS A 16 18.35 10.95 -5.25
C LYS A 16 16.84 10.83 -5.10
N VAL A 17 16.31 9.68 -5.51
CA VAL A 17 14.87 9.40 -5.38
C VAL A 17 14.66 8.12 -4.62
N LYS A 18 13.40 7.84 -4.28
CA LYS A 18 13.04 6.58 -3.64
C LYS A 18 11.68 6.12 -4.14
N ARG A 19 11.36 4.86 -3.91
CA ARG A 19 10.11 4.29 -4.41
C ARG A 19 9.05 4.24 -3.33
N THR A 20 7.81 3.99 -3.76
CA THR A 20 6.69 3.78 -2.84
C THR A 20 6.20 2.34 -3.01
N SER A 21 5.64 1.78 -1.95
CA SER A 21 5.28 0.35 -1.94
C SER A 21 4.35 -0.02 -3.13
N CYS A 22 4.78 -1.00 -3.93
CA CYS A 22 3.93 -1.59 -4.97
C CYS A 22 2.70 -2.20 -4.30
N MET A 23 1.51 -1.69 -4.64
CA MET A 23 0.28 -2.12 -4.00
C MET A 23 0.10 -3.64 -4.06
N TYR A 24 0.59 -4.21 -5.15
CA TYR A 24 0.50 -5.65 -5.35
C TYR A 24 1.79 -6.36 -4.93
N GLY A 25 2.86 -5.58 -4.67
CA GLY A 25 4.13 -6.15 -4.34
C GLY A 25 4.68 -6.99 -5.49
N ALA A 26 5.08 -8.22 -5.21
CA ALA A 26 5.61 -9.10 -6.24
C ALA A 26 4.49 -9.74 -7.06
N ASN A 27 3.25 -9.47 -6.67
CA ASN A 27 2.09 -10.10 -7.30
C ASN A 27 1.67 -9.34 -8.57
N CYS A 28 2.15 -8.11 -8.72
CA CYS A 28 1.83 -7.33 -9.92
C CYS A 28 2.53 -7.93 -11.14
N TYR A 29 1.83 -7.94 -12.28
CA TYR A 29 2.31 -8.60 -13.49
C TYR A 29 3.34 -7.73 -14.22
N ARG A 30 3.78 -6.66 -13.56
CA ARG A 30 4.78 -5.77 -14.11
C ARG A 30 6.17 -6.20 -13.61
N LYS A 31 6.97 -6.71 -14.53
CA LYS A 31 8.32 -7.17 -14.23
C LYS A 31 9.32 -6.16 -14.76
N ASN A 32 8.85 -5.37 -15.72
CA ASN A 32 9.61 -4.29 -16.32
C ASN A 32 10.30 -3.45 -15.23
N PRO A 33 11.59 -3.17 -15.39
CA PRO A 33 12.42 -2.47 -14.37
C PRO A 33 11.83 -1.10 -14.02
N VAL A 34 11.07 -0.53 -14.96
CA VAL A 34 10.44 0.77 -14.73
C VAL A 34 9.39 0.68 -13.63
N HIS A 35 8.68 -0.43 -13.53
CA HIS A 35 7.71 -0.65 -12.45
C HIS A 35 8.41 -0.56 -11.10
N PHE A 36 9.70 -0.87 -11.08
CA PHE A 36 10.49 -0.92 -9.86
C PHE A 36 11.19 0.41 -9.59
N GLN A 37 11.08 1.34 -10.54
CA GLN A 37 11.76 2.65 -10.41
C GLN A 37 10.87 3.64 -9.67
N HIS A 38 9.55 3.43 -9.69
CA HIS A 38 8.62 4.27 -8.95
C HIS A 38 7.90 3.48 -7.85
N PHE A 39 7.90 2.16 -7.97
CA PHE A 39 7.33 1.31 -6.91
C PHE A 39 8.35 0.28 -6.44
N SER A 40 8.55 0.23 -5.13
CA SER A 40 9.43 -0.74 -4.53
C SER A 40 8.71 -2.08 -4.40
N HIS A 41 9.49 -3.15 -4.29
CA HIS A 41 8.94 -4.51 -4.26
C HIS A 41 9.67 -5.34 -3.23
N PRO A 42 9.05 -6.45 -2.74
CA PRO A 42 9.66 -7.30 -1.69
C PRO A 42 11.08 -7.68 -2.08
N GLY A 43 12.04 -7.08 -1.40
CA GLY A 43 13.44 -7.25 -1.72
C GLY A 43 14.12 -5.95 -2.10
N ASP A 44 13.35 -4.87 -2.07
CA ASP A 44 13.84 -3.52 -2.41
C ASP A 44 14.20 -2.76 -1.13
N SER A 45 15.28 -1.99 -1.19
CA SER A 45 15.80 -1.26 -0.02
C SER A 45 14.75 -0.30 0.55
N ASP A 46 13.82 0.15 -0.31
CA ASP A 46 12.83 1.15 0.07
C ASP A 46 11.44 0.54 0.13
N TYR A 47 11.35 -0.79 0.24
CA TYR A 47 10.05 -1.45 0.34
C TYR A 47 9.71 -1.75 1.79
N GLY A 48 8.49 -1.43 2.18
CA GLY A 48 8.02 -1.74 3.53
C GLY A 48 6.62 -2.28 3.54
N GLY A 49 5.78 -1.78 2.61
CA GLY A 49 4.38 -2.18 2.60
C GLY A 49 3.58 -1.45 3.65
N VAL A 50 4.16 -0.39 4.20
CA VAL A 50 3.52 0.39 5.25
C VAL A 50 2.67 1.50 4.63
N GLN A 51 2.79 1.68 3.34
CA GLN A 51 1.98 2.67 2.65
C GLN A 51 0.53 2.23 2.63
N ILE A 52 -0.41 3.18 2.70
CA ILE A 52 -1.83 2.85 2.63
C ILE A 52 -2.09 2.02 1.37
N VAL A 53 -1.53 2.47 0.25
CA VAL A 53 -1.57 1.72 -0.99
C VAL A 53 -0.64 0.53 -0.86
N GLY A 54 -1.21 -0.62 -0.53
CA GLY A 54 -0.43 -1.82 -0.33
C GLY A 54 -0.99 -2.65 0.81
N GLN A 55 -1.57 -1.99 1.83
CA GLN A 55 -2.10 -2.70 2.98
C GLN A 55 -3.58 -2.32 3.23
N ASP A 56 -3.89 -1.02 3.12
CA ASP A 56 -5.25 -0.53 3.25
C ASP A 56 -5.35 0.91 2.78
N GLU A 57 -6.09 1.09 1.70
CA GLU A 57 -6.23 2.40 1.06
C GLU A 57 -7.55 3.03 1.47
N THR A 58 -8.29 2.36 2.33
CA THR A 58 -9.68 2.72 2.57
C THR A 58 -9.86 3.51 3.86
N ASP A 59 -9.74 2.81 4.97
CA ASP A 59 -10.11 3.32 6.29
C ASP A 59 -9.84 2.24 7.30
N ASP A 60 -10.45 1.09 7.06
CA ASP A 60 -10.32 -0.11 7.89
C ASP A 60 -11.08 -1.25 7.23
N ARG A 61 -12.16 -0.89 6.56
CA ARG A 61 -13.06 -1.81 5.93
C ARG A 61 -13.30 -1.40 4.47
N PRO A 62 -13.70 -2.33 3.61
CA PRO A 62 -13.99 -2.02 2.22
C PRO A 62 -15.36 -1.31 2.09
N GLU A 63 -15.55 -0.60 0.97
CA GLU A 63 -16.82 0.08 0.73
C GLU A 63 -17.89 -0.93 0.33
N CYS A 64 -19.14 -0.55 0.50
CA CYS A 64 -20.26 -1.37 0.10
C CYS A 64 -20.22 -1.57 -1.43
N PRO A 65 -20.40 -2.81 -1.91
CA PRO A 65 -20.37 -3.12 -3.34
C PRO A 65 -21.53 -2.46 -4.12
N TYR A 66 -22.44 -1.84 -3.39
CA TYR A 66 -23.58 -1.12 -3.99
C TYR A 66 -23.46 0.38 -3.67
N GLY A 67 -22.30 0.79 -3.17
CA GLY A 67 -22.06 2.18 -2.80
C GLY A 67 -22.99 2.67 -1.71
N PRO A 68 -23.21 3.99 -1.60
CA PRO A 68 -24.09 4.60 -0.60
C PRO A 68 -25.58 4.37 -0.93
N SER A 69 -25.83 3.89 -2.16
CA SER A 69 -27.19 3.60 -2.60
C SER A 69 -27.60 2.22 -2.08
N CYS A 70 -26.61 1.48 -1.56
CA CYS A 70 -26.82 0.15 -1.01
C CYS A 70 -27.96 0.15 0.02
N TYR A 71 -29.02 -0.60 -0.29
CA TYR A 71 -30.19 -0.69 0.60
C TYR A 71 -30.29 -2.08 1.18
N ARG A 72 -29.15 -2.78 1.25
CA ARG A 72 -29.08 -4.10 1.84
C ARG A 72 -29.47 -4.04 3.32
N LYS A 73 -30.71 -4.42 3.62
CA LYS A 73 -31.24 -4.41 4.98
C LYS A 73 -30.51 -5.42 5.87
N ASN A 74 -29.48 -4.96 6.58
CA ASN A 74 -28.70 -5.80 7.49
C ASN A 74 -27.70 -4.95 8.27
N PRO A 75 -27.89 -4.84 9.59
CA PRO A 75 -27.08 -3.96 10.43
C PRO A 75 -25.58 -4.28 10.35
N GLN A 76 -25.27 -5.58 10.45
CA GLN A 76 -23.88 -6.02 10.36
C GLN A 76 -23.25 -5.60 9.03
N HIS A 77 -24.08 -5.49 7.98
CA HIS A 77 -23.60 -5.12 6.67
C HIS A 77 -22.94 -3.75 6.67
N LYS A 78 -23.68 -2.74 7.10
CA LYS A 78 -23.17 -1.37 7.17
C LYS A 78 -21.96 -1.27 8.10
N ILE A 79 -21.89 -2.20 9.05
CA ILE A 79 -20.79 -2.27 9.98
C ILE A 79 -19.51 -2.70 9.30
N GLU A 80 -19.60 -3.75 8.48
CA GLU A 80 -18.41 -4.34 7.85
C GLU A 80 -18.04 -3.60 6.55
N TYR A 81 -19.01 -2.92 5.97
CA TYR A 81 -18.82 -2.21 4.71
C TYR A 81 -19.12 -0.74 4.88
N ARG A 82 -18.15 0.11 4.51
CA ARG A 82 -18.32 1.56 4.63
C ARG A 82 -19.13 2.11 3.46
N HIS A 83 -20.23 2.75 3.78
CA HIS A 83 -21.10 3.38 2.78
C HIS A 83 -20.79 4.88 2.69
N ASN A 84 -19.77 5.21 1.89
CA ASN A 84 -19.28 6.58 1.78
C ASN A 84 -20.29 7.44 1.05
N THR A 85 -20.75 8.49 1.72
CA THR A 85 -21.73 9.38 1.18
C THR A 85 -21.08 10.75 0.93
N LEU A 86 -21.52 11.43 -0.11
CA LEU A 86 -20.86 12.69 -0.52
C LEU A 86 -21.83 13.56 -1.33
N PRO A 87 -21.58 14.90 -1.37
CA PRO A 87 -22.48 15.86 -2.04
C PRO A 87 -22.58 15.59 -3.55
N VAL A 88 -21.54 14.99 -4.12
CA VAL A 88 -21.44 14.67 -5.56
C VAL A 88 -21.99 15.79 -6.43
N ARG A 89 -21.43 16.99 -6.24
CA ARG A 89 -21.84 18.17 -6.99
C ARG A 89 -21.04 18.37 -8.25
N ASN A 90 -21.72 18.78 -9.29
CA ASN A 90 -21.13 18.97 -10.63
C ASN A 90 -20.40 17.70 -11.09
N VAL A 91 -21.14 16.79 -11.70
CA VAL A 91 -20.60 15.50 -12.16
C VAL A 91 -19.95 15.65 -13.52
ZN ZN B . 4.80 -4.23 -8.53
ZN ZN C . -24.40 -1.61 1.68
N GLY A 1 55.93 8.57 5.85
CA GLY A 1 55.03 9.32 6.77
C GLY A 1 53.94 8.42 7.34
N SER A 2 52.99 9.01 8.05
CA SER A 2 51.87 8.26 8.59
C SER A 2 50.82 8.03 7.49
N LYS A 3 50.89 6.85 6.86
CA LYS A 3 49.95 6.51 5.78
C LYS A 3 48.58 6.15 6.35
N ALA A 4 47.74 7.16 6.55
CA ALA A 4 46.39 6.98 7.08
C ALA A 4 45.49 6.39 6.01
N THR A 5 45.15 5.12 6.15
CA THR A 5 44.24 4.45 5.24
C THR A 5 42.79 4.65 5.70
N ASP A 6 42.01 5.38 4.91
CA ASP A 6 40.65 5.78 5.31
C ASP A 6 39.66 4.65 5.02
N SER A 7 38.45 4.81 5.56
CA SER A 7 37.32 3.94 5.23
C SER A 7 36.41 4.68 4.25
N VAL A 8 36.06 4.03 3.16
CA VAL A 8 35.18 4.66 2.17
C VAL A 8 33.76 4.83 2.74
N LEU A 9 33.59 5.87 3.54
CA LEU A 9 32.32 6.13 4.21
C LEU A 9 31.45 7.01 3.32
N GLN A 10 32.08 7.77 2.44
CA GLN A 10 31.38 8.64 1.52
C GLN A 10 30.88 7.85 0.31
N GLY A 11 29.67 7.31 0.46
CA GLY A 11 29.07 6.49 -0.58
C GLY A 11 27.56 6.53 -0.50
N SER A 12 27.04 7.72 -0.23
CA SER A 12 25.61 7.94 -0.07
C SER A 12 25.00 8.53 -1.34
N GLU A 13 25.83 9.12 -2.18
CA GLU A 13 25.37 9.73 -3.43
C GLU A 13 25.06 8.64 -4.46
N GLY A 14 23.90 8.03 -4.31
CA GLY A 14 23.38 7.07 -5.26
C GLY A 14 21.87 7.14 -5.32
N ASN A 15 21.19 6.18 -4.69
CA ASN A 15 19.74 6.27 -4.51
C ASN A 15 19.42 7.21 -3.33
N LYS A 16 19.08 8.45 -3.66
CA LYS A 16 18.81 9.46 -2.63
C LYS A 16 17.32 9.52 -2.34
N VAL A 17 16.53 8.95 -3.24
CA VAL A 17 15.08 8.89 -3.07
C VAL A 17 14.63 7.44 -2.94
N LYS A 18 13.50 7.24 -2.24
CA LYS A 18 12.93 5.92 -2.09
C LYS A 18 11.67 5.79 -2.94
N ARG A 19 11.36 4.59 -3.37
CA ARG A 19 10.15 4.32 -4.12
C ARG A 19 8.99 4.14 -3.15
N THR A 20 7.80 3.96 -3.69
CA THR A 20 6.62 3.74 -2.89
C THR A 20 6.20 2.27 -2.96
N SER A 21 5.52 1.78 -1.93
CA SER A 21 5.12 0.38 -1.84
C SER A 21 4.34 -0.06 -3.08
N CYS A 22 4.85 -1.07 -3.80
CA CYS A 22 4.12 -1.67 -4.91
C CYS A 22 2.76 -2.10 -4.42
N MET A 23 1.71 -1.44 -4.89
CA MET A 23 0.36 -1.70 -4.42
C MET A 23 -0.05 -3.16 -4.67
N TYR A 24 0.74 -3.87 -5.47
CA TYR A 24 0.49 -5.30 -5.71
C TYR A 24 1.59 -6.13 -5.04
N GLY A 25 2.69 -5.46 -4.68
CA GLY A 25 3.85 -6.18 -4.14
C GLY A 25 4.55 -6.93 -5.25
N ALA A 26 4.89 -8.19 -5.01
CA ALA A 26 5.54 -9.03 -6.02
C ALA A 26 4.51 -9.73 -6.90
N ASN A 27 3.23 -9.50 -6.59
CA ASN A 27 2.13 -10.12 -7.30
C ASN A 27 1.94 -9.49 -8.67
N CYS A 28 2.35 -8.22 -8.83
CA CYS A 28 2.20 -7.52 -10.07
C CYS A 28 2.97 -8.21 -11.20
N TYR A 29 2.30 -8.44 -12.32
CA TYR A 29 2.89 -9.10 -13.49
C TYR A 29 3.88 -8.16 -14.17
N ARG A 30 3.90 -6.92 -13.72
CA ARG A 30 4.83 -5.92 -14.26
C ARG A 30 6.25 -6.25 -13.82
N LYS A 31 7.10 -6.61 -14.79
CA LYS A 31 8.49 -6.96 -14.52
C LYS A 31 9.39 -5.90 -15.14
N ASN A 32 8.77 -4.95 -15.81
CA ASN A 32 9.49 -3.81 -16.40
C ASN A 32 10.18 -3.00 -15.30
N PRO A 33 11.42 -2.56 -15.54
CA PRO A 33 12.20 -1.82 -14.55
C PRO A 33 11.48 -0.53 -14.14
N VAL A 34 10.57 -0.08 -15.01
CA VAL A 34 9.78 1.11 -14.74
C VAL A 34 8.85 0.88 -13.54
N HIS A 35 8.23 -0.30 -13.51
CA HIS A 35 7.36 -0.65 -12.39
C HIS A 35 8.12 -0.56 -11.07
N PHE A 36 9.42 -0.91 -11.15
CA PHE A 36 10.29 -0.94 -9.97
C PHE A 36 10.95 0.42 -9.73
N GLN A 37 10.96 1.26 -10.76
CA GLN A 37 11.58 2.57 -10.65
C GLN A 37 10.70 3.54 -9.83
N HIS A 38 9.39 3.28 -9.86
CA HIS A 38 8.45 4.08 -9.08
C HIS A 38 7.78 3.27 -7.97
N PHE A 39 7.99 1.96 -7.95
CA PHE A 39 7.47 1.11 -6.84
C PHE A 39 8.52 0.12 -6.35
N SER A 40 8.68 0.08 -5.04
CA SER A 40 9.56 -0.91 -4.40
C SER A 40 8.80 -2.21 -4.18
N HIS A 41 9.54 -3.32 -4.11
CA HIS A 41 8.94 -4.66 -4.01
C HIS A 41 9.56 -5.42 -2.85
N PRO A 42 8.86 -6.45 -2.33
CA PRO A 42 9.34 -7.28 -1.24
C PRO A 42 10.73 -7.85 -1.53
N GLY A 43 11.74 -7.21 -0.94
CA GLY A 43 13.12 -7.57 -1.21
C GLY A 43 13.90 -6.42 -1.82
N ASP A 44 13.30 -5.22 -1.79
CA ASP A 44 13.96 -4.01 -2.26
C ASP A 44 14.37 -3.14 -1.08
N SER A 45 15.51 -2.47 -1.22
CA SER A 45 16.10 -1.65 -0.16
C SER A 45 15.09 -0.63 0.39
N ASP A 46 14.21 -0.14 -0.49
CA ASP A 46 13.29 0.92 -0.13
C ASP A 46 11.85 0.44 0.01
N TYR A 47 11.67 -0.88 0.15
CA TYR A 47 10.32 -1.43 0.33
C TYR A 47 9.87 -1.30 1.77
N GLY A 48 8.61 -0.88 1.97
CA GLY A 48 8.03 -0.75 3.29
C GLY A 48 6.81 -1.63 3.47
N GLY A 49 5.82 -1.46 2.60
CA GLY A 49 4.58 -2.24 2.67
C GLY A 49 3.73 -1.81 3.85
N VAL A 50 3.94 -0.58 4.29
CA VAL A 50 3.19 -0.02 5.43
C VAL A 50 2.39 1.21 5.00
N GLN A 51 2.44 1.51 3.70
CA GLN A 51 1.70 2.60 3.10
C GLN A 51 0.28 2.17 2.77
N ILE A 52 -0.65 3.10 2.74
CA ILE A 52 -2.02 2.80 2.35
C ILE A 52 -2.05 2.14 0.96
N VAL A 53 -1.28 2.71 0.03
CA VAL A 53 -1.18 2.14 -1.32
C VAL A 53 -0.49 0.78 -1.21
N GLY A 54 -1.30 -0.25 -1.03
CA GLY A 54 -0.81 -1.60 -0.89
C GLY A 54 -1.64 -2.38 0.12
N GLN A 55 -1.98 -1.74 1.24
CA GLN A 55 -2.81 -2.38 2.26
C GLN A 55 -4.29 -2.03 2.09
N ASP A 56 -4.56 -0.75 1.81
CA ASP A 56 -5.92 -0.31 1.56
C ASP A 56 -5.93 1.14 1.04
N GLU A 57 -6.83 1.38 0.09
CA GLU A 57 -6.94 2.70 -0.55
C GLU A 57 -8.42 3.11 -0.65
N THR A 58 -9.29 2.38 0.02
CA THR A 58 -10.73 2.62 -0.06
C THR A 58 -11.10 3.94 0.61
N ASP A 59 -10.68 4.04 1.85
CA ASP A 59 -11.11 5.12 2.73
C ASP A 59 -10.46 4.92 4.08
N ASP A 60 -10.23 3.64 4.43
CA ASP A 60 -9.42 3.22 5.57
C ASP A 60 -9.97 3.67 6.91
N ARG A 61 -10.97 2.93 7.38
CA ARG A 61 -11.55 3.11 8.73
C ARG A 61 -12.63 2.08 8.97
N PRO A 62 -12.89 1.74 10.23
CA PRO A 62 -13.95 0.80 10.62
C PRO A 62 -15.28 1.21 10.01
N GLU A 63 -16.04 0.24 9.47
CA GLU A 63 -17.36 0.50 8.94
C GLU A 63 -18.35 0.68 10.09
N CYS A 64 -19.36 1.52 9.86
CA CYS A 64 -20.37 1.83 10.87
C CYS A 64 -20.95 0.55 11.44
N PRO A 65 -21.10 0.48 12.79
CA PRO A 65 -21.60 -0.73 13.48
C PRO A 65 -23.00 -1.13 12.97
N TYR A 66 -23.74 -0.13 12.52
CA TYR A 66 -25.11 -0.36 12.05
C TYR A 66 -25.16 -0.47 10.52
N GLY A 67 -23.99 -0.46 9.90
CA GLY A 67 -23.90 -0.50 8.45
C GLY A 67 -24.44 0.78 7.82
N PRO A 68 -24.87 0.72 6.55
CA PRO A 68 -25.45 1.89 5.86
C PRO A 68 -26.83 2.24 6.42
N SER A 69 -27.42 1.29 7.15
CA SER A 69 -28.70 1.49 7.83
C SER A 69 -28.50 2.27 9.13
N CYS A 70 -27.25 2.69 9.38
CA CYS A 70 -26.91 3.47 10.54
C CYS A 70 -27.78 4.73 10.63
N TYR A 71 -28.55 4.81 11.69
CA TYR A 71 -29.43 5.95 11.96
C TYR A 71 -28.81 6.83 13.04
N ARG A 72 -27.53 6.60 13.32
CA ARG A 72 -26.79 7.40 14.27
C ARG A 72 -26.52 8.77 13.68
N LYS A 73 -27.24 9.76 14.14
CA LYS A 73 -27.17 11.11 13.61
C LYS A 73 -26.09 11.92 14.30
N ASN A 74 -24.92 11.98 13.66
CA ASN A 74 -23.79 12.77 14.14
C ASN A 74 -22.68 12.76 13.10
N PRO A 75 -22.19 13.94 12.68
CA PRO A 75 -21.17 14.05 11.63
C PRO A 75 -19.87 13.38 12.04
N GLN A 76 -19.50 13.52 13.31
CA GLN A 76 -18.25 12.96 13.81
C GLN A 76 -18.27 11.44 13.73
N HIS A 77 -19.44 10.86 14.00
CA HIS A 77 -19.62 9.41 13.90
C HIS A 77 -19.29 8.94 12.48
N LYS A 78 -19.86 9.66 11.52
CA LYS A 78 -19.70 9.36 10.10
C LYS A 78 -18.25 9.64 9.63
N ILE A 79 -17.52 10.38 10.45
CA ILE A 79 -16.13 10.71 10.16
C ILE A 79 -15.20 9.59 10.66
N GLU A 80 -15.57 8.99 11.78
CA GLU A 80 -14.76 7.93 12.40
C GLU A 80 -15.10 6.56 11.79
N TYR A 81 -16.32 6.46 11.27
CA TYR A 81 -16.79 5.20 10.69
C TYR A 81 -17.30 5.43 9.27
N ARG A 82 -16.93 4.53 8.37
CA ARG A 82 -17.40 4.61 6.98
C ARG A 82 -18.69 3.79 6.82
N HIS A 83 -19.66 4.39 6.13
CA HIS A 83 -20.95 3.74 5.92
C HIS A 83 -21.01 3.14 4.52
N ASN A 84 -20.48 1.95 4.37
CA ASN A 84 -20.46 1.23 3.09
C ASN A 84 -21.66 0.30 2.99
N THR A 85 -22.04 -0.05 1.77
CA THR A 85 -23.19 -0.90 1.54
C THR A 85 -22.73 -2.32 1.25
N LEU A 86 -23.69 -3.25 1.18
CA LEU A 86 -23.37 -4.65 0.96
C LEU A 86 -24.35 -5.26 -0.05
N PRO A 87 -23.92 -6.29 -0.80
CA PRO A 87 -24.73 -6.89 -1.89
C PRO A 87 -26.05 -7.44 -1.36
N VAL A 88 -26.08 -7.77 -0.07
CA VAL A 88 -27.28 -8.16 0.68
C VAL A 88 -28.03 -9.34 0.07
N ARG A 89 -27.44 -9.98 -0.96
CA ARG A 89 -28.11 -11.09 -1.66
C ARG A 89 -27.23 -12.33 -1.71
N ASN A 90 -27.82 -13.41 -2.13
CA ASN A 90 -27.10 -14.66 -2.39
C ASN A 90 -27.52 -15.25 -3.73
N VAL A 91 -28.79 -15.09 -4.05
CA VAL A 91 -29.37 -15.54 -5.34
C VAL A 91 -29.23 -14.43 -6.37
ZN ZN B . 5.11 -4.59 -8.32
ZN ZN C . -23.47 5.68 11.17
N GLY A 1 27.80 -11.42 35.15
CA GLY A 1 26.86 -10.38 35.58
C GLY A 1 25.75 -10.15 34.58
N SER A 2 25.00 -9.08 34.76
CA SER A 2 23.88 -8.75 33.89
C SER A 2 24.37 -7.96 32.67
N LYS A 3 24.41 -8.65 31.51
CA LYS A 3 24.90 -8.04 30.29
C LYS A 3 23.73 -7.74 29.34
N ALA A 4 23.40 -6.46 29.24
CA ALA A 4 22.35 -6.00 28.34
C ALA A 4 22.80 -4.72 27.62
N THR A 5 23.02 -4.80 26.33
CA THR A 5 23.50 -3.67 25.56
C THR A 5 22.75 -3.56 24.23
N ASP A 6 22.73 -2.34 23.67
CA ASP A 6 22.13 -2.09 22.35
C ASP A 6 22.93 -1.02 21.65
N SER A 7 23.42 -1.36 20.44
CA SER A 7 24.15 -0.44 19.60
C SER A 7 23.54 -0.42 18.21
N VAL A 8 23.70 0.68 17.51
CA VAL A 8 23.11 0.83 16.19
C VAL A 8 23.82 -0.07 15.16
N LEU A 9 23.02 -0.78 14.37
CA LEU A 9 23.56 -1.62 13.29
C LEU A 9 22.78 -1.39 12.00
N GLN A 10 21.75 -0.55 12.08
CA GLN A 10 20.94 -0.21 10.93
C GLN A 10 21.71 0.72 9.97
N GLY A 11 21.55 0.45 8.67
CA GLY A 11 22.17 1.27 7.66
C GLY A 11 21.86 0.79 6.24
N SER A 12 20.60 0.41 6.00
CA SER A 12 20.19 -0.08 4.68
C SER A 12 18.93 0.63 4.21
N GLU A 13 19.12 1.71 3.46
CA GLU A 13 18.02 2.47 2.88
C GLU A 13 17.85 2.15 1.41
N GLY A 14 18.93 1.77 0.74
CA GLY A 14 18.89 1.45 -0.66
C GLY A 14 19.25 2.66 -1.50
N ASN A 15 18.24 3.30 -2.08
CA ASN A 15 18.46 4.48 -2.92
C ASN A 15 18.44 5.76 -2.10
N LYS A 16 18.91 6.85 -2.70
CA LYS A 16 18.91 8.16 -2.03
C LYS A 16 17.54 8.82 -2.21
N VAL A 17 16.65 8.12 -2.91
CA VAL A 17 15.23 8.43 -2.95
C VAL A 17 14.41 7.15 -2.82
N LYS A 18 13.39 7.19 -2.01
CA LYS A 18 12.58 6.01 -1.71
C LYS A 18 11.43 5.86 -2.70
N ARG A 19 11.16 4.63 -3.11
CA ARG A 19 9.98 4.34 -3.91
C ARG A 19 8.77 4.21 -3.01
N THR A 20 7.66 3.86 -3.62
CA THR A 20 6.42 3.61 -2.89
C THR A 20 6.09 2.11 -3.02
N SER A 21 5.27 1.60 -2.12
CA SER A 21 4.96 0.17 -2.08
C SER A 21 4.23 -0.27 -3.34
N CYS A 22 4.78 -1.27 -4.02
CA CYS A 22 4.12 -1.87 -5.19
C CYS A 22 2.75 -2.35 -4.73
N MET A 23 1.68 -1.85 -5.39
CA MET A 23 0.32 -2.11 -4.98
C MET A 23 0.03 -3.61 -4.87
N TYR A 24 0.78 -4.40 -5.65
CA TYR A 24 0.63 -5.86 -5.62
C TYR A 24 1.84 -6.51 -4.98
N GLY A 25 2.87 -5.72 -4.72
CA GLY A 25 4.08 -6.27 -4.18
C GLY A 25 4.78 -7.13 -5.21
N ALA A 26 5.22 -8.32 -4.83
CA ALA A 26 5.88 -9.23 -5.74
C ALA A 26 4.87 -9.96 -6.62
N ASN A 27 3.60 -9.64 -6.42
CA ASN A 27 2.51 -10.28 -7.18
C ASN A 27 2.11 -9.44 -8.39
N CYS A 28 2.74 -8.28 -8.55
CA CYS A 28 2.47 -7.42 -9.69
C CYS A 28 2.98 -8.08 -10.97
N TYR A 29 2.16 -8.05 -12.01
CA TYR A 29 2.47 -8.69 -13.28
C TYR A 29 3.42 -7.85 -14.11
N ARG A 30 3.60 -6.59 -13.73
CA ARG A 30 4.51 -5.72 -14.43
C ARG A 30 5.97 -6.10 -14.13
N LYS A 31 6.74 -6.27 -15.20
CA LYS A 31 8.13 -6.72 -15.09
C LYS A 31 9.06 -5.68 -15.70
N ASN A 32 8.46 -4.65 -16.32
CA ASN A 32 9.20 -3.56 -16.91
C ASN A 32 9.94 -2.77 -15.83
N PRO A 33 11.20 -2.37 -16.08
CA PRO A 33 12.06 -1.71 -15.08
C PRO A 33 11.42 -0.49 -14.44
N VAL A 34 10.62 0.24 -15.24
CA VAL A 34 9.96 1.43 -14.74
C VAL A 34 9.04 1.09 -13.57
N HIS A 35 8.43 -0.07 -13.60
CA HIS A 35 7.56 -0.49 -12.54
C HIS A 35 8.28 -0.45 -11.19
N PHE A 36 9.54 -0.82 -11.22
CA PHE A 36 10.35 -0.93 -10.00
C PHE A 36 11.05 0.39 -9.66
N GLN A 37 11.20 1.28 -10.66
CA GLN A 37 11.91 2.55 -10.46
C GLN A 37 11.05 3.49 -9.61
N HIS A 38 9.73 3.28 -9.61
CA HIS A 38 8.83 4.10 -8.80
C HIS A 38 8.05 3.29 -7.79
N PHE A 39 8.16 1.97 -7.86
CA PHE A 39 7.53 1.08 -6.86
C PHE A 39 8.51 0.02 -6.38
N SER A 40 8.70 -0.09 -5.07
CA SER A 40 9.57 -1.09 -4.49
C SER A 40 8.76 -2.37 -4.20
N HIS A 41 9.48 -3.48 -4.08
CA HIS A 41 8.85 -4.80 -3.93
C HIS A 41 9.46 -5.53 -2.74
N PRO A 42 8.74 -6.52 -2.16
CA PRO A 42 9.23 -7.31 -1.02
C PRO A 42 10.61 -7.92 -1.35
N GLY A 43 11.60 -7.52 -0.58
CA GLY A 43 12.97 -7.93 -0.83
C GLY A 43 13.84 -6.76 -1.27
N ASP A 44 13.20 -5.59 -1.41
CA ASP A 44 13.89 -4.37 -1.86
C ASP A 44 14.16 -3.48 -0.65
N SER A 45 15.30 -2.82 -0.64
CA SER A 45 15.71 -2.03 0.52
C SER A 45 14.87 -0.77 0.67
N ASP A 46 14.25 -0.34 -0.41
CA ASP A 46 13.45 0.90 -0.42
C ASP A 46 11.98 0.58 -0.19
N TYR A 47 11.69 -0.71 -0.06
CA TYR A 47 10.32 -1.17 0.17
C TYR A 47 9.87 -0.79 1.58
N GLY A 48 8.85 0.07 1.66
CA GLY A 48 8.32 0.46 2.95
C GLY A 48 7.25 -0.50 3.43
N GLY A 49 6.29 -0.79 2.54
CA GLY A 49 5.18 -1.65 2.91
C GLY A 49 4.31 -1.03 3.99
N VAL A 50 4.12 0.30 3.87
CA VAL A 50 3.36 1.06 4.87
C VAL A 50 2.28 1.90 4.19
N GLN A 51 1.88 1.49 2.99
CA GLN A 51 0.87 2.20 2.22
C GLN A 51 -0.38 1.32 2.10
N ILE A 52 -1.57 1.94 2.10
CA ILE A 52 -2.80 1.20 1.85
C ILE A 52 -2.74 0.52 0.51
N VAL A 53 -2.33 1.27 -0.51
CA VAL A 53 -2.12 0.72 -1.84
C VAL A 53 -0.94 -0.24 -1.79
N GLY A 54 -1.24 -1.49 -1.45
CA GLY A 54 -0.23 -2.51 -1.28
C GLY A 54 -0.70 -3.62 -0.39
N GLN A 55 -1.39 -3.24 0.68
CA GLN A 55 -1.96 -4.23 1.62
C GLN A 55 -3.48 -4.28 1.47
N ASP A 56 -4.08 -3.10 1.27
CA ASP A 56 -5.52 -2.99 1.03
C ASP A 56 -5.85 -1.57 0.66
N GLU A 57 -6.44 -1.38 -0.49
CA GLU A 57 -6.73 -0.05 -1.03
C GLU A 57 -8.08 0.44 -0.53
N THR A 58 -8.99 -0.50 -0.25
CA THR A 58 -10.37 -0.14 0.10
C THR A 58 -10.46 0.61 1.44
N ASP A 59 -10.53 -0.13 2.54
CA ASP A 59 -10.68 0.42 3.87
C ASP A 59 -11.00 -0.70 4.85
N ASP A 60 -12.20 -1.26 4.69
CA ASP A 60 -12.65 -2.39 5.49
C ASP A 60 -13.34 -3.45 4.62
N ARG A 61 -13.77 -3.04 3.43
CA ARG A 61 -14.64 -3.87 2.59
C ARG A 61 -14.70 -3.27 1.18
N PRO A 62 -15.09 -4.08 0.17
CA PRO A 62 -15.24 -3.58 -1.21
C PRO A 62 -16.28 -2.45 -1.28
N GLU A 63 -16.11 -1.54 -2.24
CA GLU A 63 -17.06 -0.43 -2.39
C GLU A 63 -18.25 -0.90 -3.18
N CYS A 64 -19.35 -0.20 -3.01
CA CYS A 64 -20.59 -0.53 -3.68
C CYS A 64 -20.40 -0.48 -5.21
N PRO A 65 -20.91 -1.47 -5.94
CA PRO A 65 -20.75 -1.54 -7.41
C PRO A 65 -21.42 -0.37 -8.13
N TYR A 66 -22.26 0.37 -7.42
CA TYR A 66 -22.90 1.58 -7.97
C TYR A 66 -22.34 2.83 -7.29
N GLY A 67 -21.29 2.64 -6.48
CA GLY A 67 -20.70 3.74 -5.73
C GLY A 67 -21.67 4.30 -4.72
N PRO A 68 -21.54 5.60 -4.36
CA PRO A 68 -22.45 6.26 -3.44
C PRO A 68 -23.78 6.61 -4.11
N SER A 69 -23.86 6.33 -5.41
CA SER A 69 -25.08 6.50 -6.19
C SER A 69 -25.97 5.28 -6.03
N CYS A 70 -25.46 4.29 -5.28
CA CYS A 70 -26.14 3.04 -5.03
C CYS A 70 -27.53 3.28 -4.44
N TYR A 71 -28.55 2.88 -5.18
CA TYR A 71 -29.95 2.99 -4.74
C TYR A 71 -30.52 1.62 -4.48
N ARG A 72 -29.65 0.65 -4.28
CA ARG A 72 -30.02 -0.73 -4.01
C ARG A 72 -30.64 -0.85 -2.63
N LYS A 73 -31.95 -0.93 -2.59
CA LYS A 73 -32.72 -1.02 -1.35
C LYS A 73 -32.58 -2.43 -0.75
N ASN A 74 -31.50 -2.65 -0.04
CA ASN A 74 -31.25 -3.94 0.63
C ASN A 74 -30.16 -3.76 1.68
N PRO A 75 -30.54 -3.90 2.97
CA PRO A 75 -29.66 -3.57 4.12
C PRO A 75 -28.38 -4.39 4.12
N GLN A 76 -28.48 -5.68 3.80
CA GLN A 76 -27.34 -6.57 3.78
C GLN A 76 -26.28 -6.05 2.81
N HIS A 77 -26.74 -5.51 1.69
CA HIS A 77 -25.84 -4.94 0.69
C HIS A 77 -25.05 -3.80 1.31
N LYS A 78 -25.76 -2.88 1.93
CA LYS A 78 -25.15 -1.72 2.59
C LYS A 78 -24.21 -2.13 3.70
N ILE A 79 -24.38 -3.36 4.17
CA ILE A 79 -23.56 -3.90 5.26
C ILE A 79 -22.26 -4.48 4.70
N GLU A 80 -22.34 -5.06 3.51
CA GLU A 80 -21.18 -5.74 2.90
C GLU A 80 -20.30 -4.75 2.13
N TYR A 81 -20.92 -3.97 1.27
CA TYR A 81 -20.21 -3.01 0.44
C TYR A 81 -20.29 -1.62 1.04
N ARG A 82 -19.18 -0.89 1.02
CA ARG A 82 -19.12 0.45 1.58
C ARG A 82 -19.56 1.48 0.56
N HIS A 83 -20.21 2.54 1.03
CA HIS A 83 -20.71 3.60 0.15
C HIS A 83 -20.03 4.92 0.51
N ASN A 84 -18.85 5.14 -0.09
CA ASN A 84 -18.05 6.32 0.20
C ASN A 84 -18.62 7.53 -0.52
N THR A 85 -19.05 8.52 0.25
CA THR A 85 -19.74 9.67 -0.30
C THR A 85 -19.04 10.97 0.11
N LEU A 86 -19.22 12.03 -0.67
CA LEU A 86 -18.66 13.34 -0.36
C LEU A 86 -19.78 14.30 0.09
N PRO A 87 -19.43 15.33 0.90
CA PRO A 87 -20.43 16.23 1.49
C PRO A 87 -21.17 17.07 0.45
N VAL A 88 -20.67 17.07 -0.79
CA VAL A 88 -21.31 17.72 -1.95
C VAL A 88 -21.67 19.20 -1.65
N ARG A 89 -20.91 19.80 -0.76
CA ARG A 89 -21.15 21.20 -0.38
C ARG A 89 -20.45 22.13 -1.36
N ASN A 90 -21.10 23.27 -1.61
CA ASN A 90 -20.58 24.28 -2.52
C ASN A 90 -19.60 25.19 -1.78
N VAL A 91 -18.36 24.76 -1.71
CA VAL A 91 -17.27 25.53 -1.08
C VAL A 91 -16.41 26.18 -2.14
ZN ZN B . 5.32 -4.53 -8.57
ZN ZN C . -24.73 0.05 -2.57
N GLY A 1 15.83 -22.82 -6.94
CA GLY A 1 15.57 -21.75 -7.92
C GLY A 1 16.71 -20.75 -7.97
N SER A 2 16.43 -19.58 -8.56
CA SER A 2 17.41 -18.50 -8.64
C SER A 2 17.51 -17.78 -7.31
N LYS A 3 18.73 -17.65 -6.79
CA LYS A 3 18.99 -16.91 -5.57
C LYS A 3 19.63 -15.56 -5.88
N ALA A 4 20.03 -15.37 -7.13
CA ALA A 4 20.69 -14.15 -7.58
C ALA A 4 19.72 -12.99 -7.58
N THR A 5 19.49 -12.43 -6.40
CA THR A 5 18.60 -11.29 -6.24
C THR A 5 19.33 -10.00 -6.58
N ASP A 6 18.57 -8.99 -6.99
CA ASP A 6 19.13 -7.69 -7.38
C ASP A 6 18.45 -6.59 -6.57
N SER A 7 18.82 -5.37 -6.87
CA SER A 7 18.20 -4.20 -6.24
C SER A 7 18.01 -3.11 -7.30
N VAL A 8 17.16 -2.12 -6.99
CA VAL A 8 16.99 -0.98 -7.87
C VAL A 8 18.29 -0.16 -7.89
N LEU A 9 18.53 0.52 -9.00
CA LEU A 9 19.76 1.31 -9.18
C LEU A 9 19.98 2.32 -8.04
N GLN A 10 18.87 2.70 -7.38
CA GLN A 10 18.86 3.61 -6.22
C GLN A 10 19.51 4.98 -6.49
N GLY A 11 20.09 5.15 -7.68
CA GLY A 11 20.64 6.43 -8.08
C GLY A 11 19.54 7.40 -8.47
N SER A 12 18.83 7.89 -7.46
CA SER A 12 17.73 8.81 -7.68
C SER A 12 17.79 9.96 -6.67
N GLU A 13 18.25 11.10 -7.16
CA GLU A 13 18.36 12.30 -6.35
C GLU A 13 17.21 13.25 -6.66
N GLY A 14 16.79 13.98 -5.64
CA GLY A 14 15.72 14.96 -5.81
C GLY A 14 14.47 14.53 -5.09
N ASN A 15 14.65 13.80 -3.98
CA ASN A 15 13.53 13.20 -3.27
C ASN A 15 13.99 12.53 -1.98
N LYS A 16 13.04 12.24 -1.10
CA LYS A 16 13.32 11.56 0.15
C LYS A 16 13.20 10.06 -0.08
N VAL A 17 12.00 9.62 -0.48
CA VAL A 17 11.75 8.25 -0.85
C VAL A 17 11.98 8.09 -2.37
N LYS A 18 12.60 6.99 -2.77
CA LYS A 18 12.90 6.77 -4.16
C LYS A 18 11.79 6.00 -4.83
N ARG A 19 11.27 5.03 -4.10
CA ARG A 19 10.09 4.27 -4.54
C ARG A 19 9.07 4.21 -3.42
N THR A 20 7.87 3.78 -3.75
CA THR A 20 6.83 3.53 -2.78
C THR A 20 6.41 2.07 -2.89
N SER A 21 6.06 1.43 -1.78
CA SER A 21 5.73 0.01 -1.77
C SER A 21 4.74 -0.34 -2.90
N CYS A 22 5.14 -1.28 -3.78
CA CYS A 22 4.31 -1.74 -4.88
C CYS A 22 2.91 -2.05 -4.37
N MET A 23 1.92 -1.36 -4.91
CA MET A 23 0.53 -1.48 -4.46
C MET A 23 0.03 -2.90 -4.66
N TYR A 24 0.80 -3.70 -5.39
CA TYR A 24 0.49 -5.11 -5.58
C TYR A 24 1.58 -5.99 -4.95
N GLY A 25 2.72 -5.38 -4.60
CA GLY A 25 3.82 -6.16 -4.06
C GLY A 25 4.36 -7.13 -5.09
N ALA A 26 4.31 -8.41 -4.76
CA ALA A 26 4.78 -9.46 -5.66
C ALA A 26 3.61 -9.99 -6.51
N ASN A 27 2.46 -9.34 -6.38
CA ASN A 27 1.26 -9.73 -7.13
C ASN A 27 1.19 -9.01 -8.48
N CYS A 28 1.99 -7.95 -8.65
CA CYS A 28 2.05 -7.24 -9.92
C CYS A 28 2.93 -8.00 -10.92
N TYR A 29 2.34 -8.32 -12.08
CA TYR A 29 3.00 -9.16 -13.10
C TYR A 29 3.92 -8.34 -13.99
N ARG A 30 4.25 -7.13 -13.55
CA ARG A 30 5.13 -6.24 -14.32
C ARG A 30 6.59 -6.57 -14.05
N LYS A 31 7.36 -6.72 -15.11
CA LYS A 31 8.77 -7.07 -15.02
C LYS A 31 9.60 -5.84 -15.30
N ASN A 32 9.08 -4.99 -16.18
CA ASN A 32 9.74 -3.78 -16.63
C ASN A 32 10.36 -3.00 -15.46
N PRO A 33 11.60 -2.52 -15.62
CA PRO A 33 12.30 -1.79 -14.57
C PRO A 33 11.57 -0.49 -14.20
N VAL A 34 10.68 -0.05 -15.06
CA VAL A 34 9.90 1.14 -14.79
C VAL A 34 8.94 0.89 -13.64
N HIS A 35 8.37 -0.32 -13.56
CA HIS A 35 7.47 -0.67 -12.48
C HIS A 35 8.20 -0.60 -11.16
N PHE A 36 9.52 -0.84 -11.21
CA PHE A 36 10.36 -0.86 -10.04
C PHE A 36 11.00 0.51 -9.77
N GLN A 37 10.94 1.42 -10.74
CA GLN A 37 11.56 2.74 -10.62
C GLN A 37 10.72 3.68 -9.75
N HIS A 38 9.41 3.41 -9.66
CA HIS A 38 8.54 4.23 -8.81
C HIS A 38 7.89 3.39 -7.70
N PHE A 39 7.85 2.07 -7.87
CA PHE A 39 7.34 1.16 -6.83
C PHE A 39 8.39 0.12 -6.45
N SER A 40 8.66 0.02 -5.16
CA SER A 40 9.57 -0.97 -4.62
C SER A 40 8.90 -2.33 -4.52
N HIS A 41 9.70 -3.38 -4.38
CA HIS A 41 9.19 -4.75 -4.36
C HIS A 41 9.88 -5.57 -3.29
N PRO A 42 9.29 -6.70 -2.87
CA PRO A 42 9.82 -7.53 -1.78
C PRO A 42 11.29 -7.87 -1.98
N GLY A 43 12.15 -7.21 -1.22
CA GLY A 43 13.59 -7.41 -1.33
C GLY A 43 14.35 -6.12 -1.60
N ASP A 44 13.61 -5.04 -1.88
CA ASP A 44 14.24 -3.76 -2.19
C ASP A 44 14.30 -2.87 -0.94
N SER A 45 15.23 -1.92 -0.97
CA SER A 45 15.49 -1.07 0.19
C SER A 45 14.32 -0.09 0.46
N ASP A 46 13.54 0.24 -0.56
CA ASP A 46 12.44 1.20 -0.42
C ASP A 46 11.12 0.46 -0.15
N TYR A 47 11.21 -0.84 0.08
CA TYR A 47 10.01 -1.66 0.31
C TYR A 47 9.85 -1.97 1.78
N GLY A 48 8.60 -1.90 2.25
CA GLY A 48 8.31 -2.26 3.61
C GLY A 48 6.81 -2.30 3.90
N GLY A 49 6.01 -2.36 2.84
CA GLY A 49 4.57 -2.28 2.98
C GLY A 49 4.18 -1.06 3.80
N VAL A 50 4.70 0.10 3.39
CA VAL A 50 4.51 1.32 4.14
C VAL A 50 3.04 1.77 4.14
N GLN A 51 2.34 1.42 3.09
CA GLN A 51 0.95 1.74 2.93
C GLN A 51 0.12 0.46 2.95
N ILE A 52 -1.18 0.61 3.15
CA ILE A 52 -2.09 -0.55 3.22
C ILE A 52 -2.08 -1.35 1.93
N VAL A 53 -2.24 -0.64 0.81
CA VAL A 53 -2.30 -1.27 -0.51
C VAL A 53 -0.90 -1.85 -0.88
N GLY A 54 -0.82 -3.16 -0.99
CA GLY A 54 0.46 -3.81 -1.19
C GLY A 54 0.62 -4.98 -0.26
N GLN A 55 0.05 -4.84 0.92
CA GLN A 55 0.01 -5.94 1.90
C GLN A 55 -1.43 -6.41 2.11
N ASP A 56 -2.34 -5.44 2.33
CA ASP A 56 -3.76 -5.72 2.54
C ASP A 56 -4.52 -4.41 2.77
N GLU A 57 -5.66 -4.28 2.13
CA GLU A 57 -6.46 -3.07 2.23
C GLU A 57 -7.73 -3.30 3.08
N THR A 58 -7.97 -4.53 3.44
CA THR A 58 -9.25 -4.90 4.03
C THR A 58 -9.25 -4.71 5.55
N ASP A 59 -8.70 -5.69 6.27
CA ASP A 59 -8.82 -5.77 7.72
C ASP A 59 -8.29 -7.13 8.17
N ASP A 60 -8.85 -8.17 7.56
CA ASP A 60 -8.45 -9.57 7.81
C ASP A 60 -9.09 -10.49 6.76
N ARG A 61 -10.28 -10.11 6.31
CA ARG A 61 -11.08 -10.95 5.43
C ARG A 61 -11.61 -10.12 4.26
N PRO A 62 -12.08 -10.76 3.17
CA PRO A 62 -12.70 -10.05 2.05
C PRO A 62 -14.09 -9.56 2.40
N GLU A 63 -14.51 -8.47 1.77
CA GLU A 63 -15.87 -7.93 1.97
C GLU A 63 -16.92 -8.87 1.41
N CYS A 64 -18.13 -8.73 1.88
CA CYS A 64 -19.26 -9.51 1.38
C CYS A 64 -19.61 -9.07 -0.04
N PRO A 65 -19.76 -10.02 -0.99
CA PRO A 65 -20.11 -9.72 -2.38
C PRO A 65 -21.43 -8.94 -2.52
N TYR A 66 -22.22 -8.95 -1.43
CA TYR A 66 -23.53 -8.29 -1.44
C TYR A 66 -23.52 -7.07 -0.50
N GLY A 67 -22.31 -6.67 -0.07
CA GLY A 67 -22.18 -5.53 0.84
C GLY A 67 -22.92 -5.74 2.15
N PRO A 68 -23.38 -4.64 2.80
CA PRO A 68 -24.14 -4.73 4.05
C PRO A 68 -25.59 -5.14 3.83
N SER A 69 -26.07 -4.92 2.60
CA SER A 69 -27.43 -5.32 2.22
C SER A 69 -27.49 -6.83 1.98
N CYS A 70 -26.37 -7.48 2.24
CA CYS A 70 -26.24 -8.93 2.14
C CYS A 70 -27.37 -9.63 2.89
N TYR A 71 -28.18 -10.37 2.13
CA TYR A 71 -29.32 -11.10 2.69
C TYR A 71 -29.03 -12.61 2.70
N ARG A 72 -27.75 -12.93 2.54
CA ARG A 72 -27.28 -14.31 2.55
C ARG A 72 -27.24 -14.82 3.98
N LYS A 73 -28.35 -15.35 4.46
CA LYS A 73 -28.46 -15.82 5.83
C LYS A 73 -27.68 -17.11 6.03
N ASN A 74 -26.43 -16.95 6.44
CA ASN A 74 -25.58 -18.08 6.79
C ASN A 74 -24.54 -17.60 7.78
N PRO A 75 -24.43 -18.27 8.95
CA PRO A 75 -23.49 -17.86 9.99
C PRO A 75 -22.05 -17.84 9.49
N GLN A 76 -21.71 -18.83 8.67
CA GLN A 76 -20.34 -18.96 8.14
C GLN A 76 -20.04 -17.85 7.15
N HIS A 77 -21.09 -17.33 6.51
CA HIS A 77 -20.94 -16.26 5.52
C HIS A 77 -20.39 -14.99 6.18
N LYS A 78 -21.16 -14.44 7.12
CA LYS A 78 -20.78 -13.21 7.82
C LYS A 78 -19.47 -13.38 8.58
N ILE A 79 -19.09 -14.62 8.83
CA ILE A 79 -17.81 -14.91 9.48
C ILE A 79 -16.63 -14.65 8.54
N GLU A 80 -16.64 -15.30 7.40
CA GLU A 80 -15.54 -15.18 6.45
C GLU A 80 -15.56 -13.87 5.68
N TYR A 81 -16.76 -13.30 5.50
CA TYR A 81 -16.93 -12.08 4.71
C TYR A 81 -17.35 -10.91 5.59
N ARG A 82 -16.56 -9.84 5.54
CA ARG A 82 -16.84 -8.63 6.32
C ARG A 82 -17.94 -7.82 5.65
N HIS A 83 -18.96 -7.50 6.43
CA HIS A 83 -20.08 -6.68 5.96
C HIS A 83 -19.93 -5.27 6.50
N ASN A 84 -19.18 -4.45 5.79
CA ASN A 84 -18.88 -3.10 6.23
C ASN A 84 -20.15 -2.25 6.17
N THR A 85 -20.58 -1.78 7.34
CA THR A 85 -21.81 -1.02 7.46
C THR A 85 -21.54 0.23 8.31
N LEU A 86 -22.35 1.25 8.08
CA LEU A 86 -22.29 2.49 8.87
C LEU A 86 -23.51 2.59 9.79
N PRO A 87 -23.33 3.22 10.97
CA PRO A 87 -24.42 3.28 11.98
C PRO A 87 -25.62 4.10 11.50
N VAL A 88 -25.36 5.28 10.96
CA VAL A 88 -26.41 6.19 10.45
C VAL A 88 -27.58 6.29 11.43
N ARG A 89 -27.28 6.12 12.71
CA ARG A 89 -28.29 6.04 13.75
C ARG A 89 -28.70 7.44 14.22
N ASN A 90 -29.75 7.98 13.60
CA ASN A 90 -30.24 9.33 13.80
C ASN A 90 -29.14 10.39 13.75
N VAL A 91 -28.34 10.49 14.82
CA VAL A 91 -27.25 11.46 14.89
C VAL A 91 -25.91 10.75 15.03
ZN ZN B . 5.01 -4.36 -8.41
ZN ZN C . -22.83 -11.04 3.18
N GLY A 1 4.43 13.39 -9.40
CA GLY A 1 5.03 12.03 -9.27
C GLY A 1 6.55 12.08 -9.29
N SER A 2 7.13 12.29 -10.47
CA SER A 2 8.58 12.29 -10.64
C SER A 2 9.22 13.49 -9.94
N LYS A 3 8.39 14.42 -9.47
CA LYS A 3 8.84 15.62 -8.77
C LYS A 3 9.28 15.26 -7.33
N ALA A 4 8.96 14.06 -6.90
CA ALA A 4 9.34 13.56 -5.57
C ALA A 4 10.83 13.68 -5.37
N THR A 5 11.24 14.76 -4.71
CA THR A 5 12.64 15.01 -4.42
C THR A 5 12.78 15.59 -3.00
N ASP A 6 13.57 14.94 -2.17
CA ASP A 6 13.75 15.35 -0.78
C ASP A 6 14.44 16.71 -0.68
N SER A 7 14.38 17.34 0.47
CA SER A 7 15.00 18.64 0.72
C SER A 7 16.51 18.55 0.53
N VAL A 8 17.03 17.34 0.68
CA VAL A 8 18.44 17.05 0.48
C VAL A 8 18.60 15.85 -0.44
N LEU A 9 19.75 15.73 -1.11
CA LEU A 9 20.05 14.58 -1.97
C LEU A 9 19.87 13.27 -1.19
N GLN A 10 20.06 13.35 0.12
CA GLN A 10 19.88 12.22 1.04
C GLN A 10 20.96 11.15 0.82
N GLY A 11 20.91 10.48 -0.30
CA GLY A 11 21.89 9.45 -0.64
C GLY A 11 21.73 8.96 -2.07
N SER A 12 22.58 9.45 -2.98
CA SER A 12 22.50 9.08 -4.38
C SER A 12 23.18 7.73 -4.63
N GLU A 13 22.54 6.66 -4.15
CA GLU A 13 23.05 5.31 -4.31
C GLU A 13 22.47 4.68 -5.59
N GLY A 14 22.42 5.49 -6.64
CA GLY A 14 21.69 5.15 -7.84
C GLY A 14 20.37 5.89 -7.87
N ASN A 15 19.60 5.67 -6.80
CA ASN A 15 18.38 6.43 -6.55
C ASN A 15 18.59 7.27 -5.30
N LYS A 16 18.37 8.58 -5.40
CA LYS A 16 18.53 9.47 -4.24
C LYS A 16 17.22 9.56 -3.46
N VAL A 17 16.14 9.06 -4.08
CA VAL A 17 14.84 9.02 -3.42
C VAL A 17 14.37 7.58 -3.25
N LYS A 18 13.48 7.35 -2.30
CA LYS A 18 12.94 6.04 -2.05
C LYS A 18 11.67 5.81 -2.88
N ARG A 19 11.38 4.55 -3.20
CA ARG A 19 10.17 4.23 -3.94
C ARG A 19 9.00 3.99 -2.99
N THR A 20 7.81 4.07 -3.55
CA THR A 20 6.57 3.87 -2.79
C THR A 20 6.08 2.45 -3.01
N SER A 21 5.50 1.87 -1.97
CA SER A 21 5.22 0.44 -1.95
C SER A 21 4.23 0.02 -3.05
N CYS A 22 4.67 -0.92 -3.87
CA CYS A 22 3.85 -1.57 -4.87
C CYS A 22 2.67 -2.25 -4.17
N MET A 23 1.46 -1.73 -4.37
CA MET A 23 0.28 -2.22 -3.66
C MET A 23 0.03 -3.70 -3.94
N TYR A 24 0.50 -4.17 -5.10
CA TYR A 24 0.40 -5.56 -5.46
C TYR A 24 1.68 -6.30 -5.09
N GLY A 25 2.74 -5.55 -4.80
CA GLY A 25 4.01 -6.16 -4.40
C GLY A 25 4.54 -7.12 -5.44
N ALA A 26 4.65 -8.40 -5.04
CA ALA A 26 5.19 -9.42 -5.93
C ALA A 26 4.09 -10.02 -6.79
N ASN A 27 2.84 -9.60 -6.56
CA ASN A 27 1.70 -10.14 -7.29
C ASN A 27 1.53 -9.44 -8.64
N CYS A 28 2.01 -8.20 -8.73
CA CYS A 28 2.01 -7.48 -10.00
C CYS A 28 3.03 -8.11 -10.95
N TYR A 29 2.54 -8.57 -12.10
CA TYR A 29 3.37 -9.37 -13.02
C TYR A 29 4.31 -8.49 -13.87
N ARG A 30 4.26 -7.20 -13.62
CA ARG A 30 5.09 -6.25 -14.37
C ARG A 30 6.59 -6.53 -14.09
N LYS A 31 7.35 -6.66 -15.18
CA LYS A 31 8.76 -7.02 -15.12
C LYS A 31 9.65 -5.86 -15.55
N ASN A 32 9.01 -4.83 -16.12
CA ASN A 32 9.71 -3.67 -16.64
C ASN A 32 10.34 -2.88 -15.50
N PRO A 33 11.58 -2.38 -15.70
CA PRO A 33 12.33 -1.70 -14.64
C PRO A 33 11.59 -0.43 -14.16
N VAL A 34 10.74 0.11 -15.02
CA VAL A 34 9.92 1.26 -14.69
C VAL A 34 9.01 0.93 -13.51
N HIS A 35 8.44 -0.26 -13.52
CA HIS A 35 7.57 -0.71 -12.43
C HIS A 35 8.28 -0.59 -11.09
N PHE A 36 9.59 -0.80 -11.11
CA PHE A 36 10.40 -0.83 -9.89
C PHE A 36 11.06 0.54 -9.62
N GLN A 37 11.15 1.37 -10.66
CA GLN A 37 11.81 2.69 -10.54
C GLN A 37 10.97 3.64 -9.70
N HIS A 38 9.66 3.42 -9.65
CA HIS A 38 8.76 4.29 -8.88
C HIS A 38 7.99 3.51 -7.81
N PHE A 39 8.08 2.19 -7.82
CA PHE A 39 7.44 1.38 -6.77
C PHE A 39 8.41 0.32 -6.25
N SER A 40 8.48 0.20 -4.92
CA SER A 40 9.33 -0.77 -4.26
C SER A 40 8.56 -2.10 -4.07
N HIS A 41 9.30 -3.18 -4.08
CA HIS A 41 8.73 -4.53 -4.02
C HIS A 41 9.32 -5.34 -2.87
N PRO A 42 8.64 -6.42 -2.44
CA PRO A 42 9.17 -7.31 -1.41
C PRO A 42 10.52 -7.88 -1.84
N GLY A 43 11.58 -7.21 -1.45
CA GLY A 43 12.93 -7.58 -1.86
C GLY A 43 13.74 -6.35 -2.23
N ASP A 44 13.04 -5.29 -2.61
CA ASP A 44 13.65 -3.99 -2.90
C ASP A 44 14.01 -3.30 -1.60
N SER A 45 15.22 -2.76 -1.52
CA SER A 45 15.75 -2.20 -0.27
C SER A 45 14.94 -1.00 0.24
N ASP A 46 14.09 -0.45 -0.62
CA ASP A 46 13.28 0.74 -0.29
C ASP A 46 11.82 0.36 -0.04
N TYR A 47 11.55 -0.93 0.09
CA TYR A 47 10.19 -1.39 0.32
C TYR A 47 9.74 -1.07 1.75
N GLY A 48 8.80 -0.15 1.89
CA GLY A 48 8.34 0.28 3.19
C GLY A 48 7.25 -0.63 3.74
N GLY A 49 6.18 -0.77 2.98
CA GLY A 49 5.02 -1.56 3.41
C GLY A 49 4.31 -0.88 4.59
N VAL A 50 4.60 0.41 4.79
CA VAL A 50 4.00 1.16 5.91
C VAL A 50 2.86 2.03 5.41
N GLN A 51 2.72 2.12 4.09
CA GLN A 51 1.63 2.84 3.46
C GLN A 51 0.38 1.96 3.38
N ILE A 52 -0.78 2.55 3.62
CA ILE A 52 -2.03 1.83 3.47
C ILE A 52 -2.08 1.10 2.10
N VAL A 53 -1.68 1.82 1.06
CA VAL A 53 -1.55 1.24 -0.27
C VAL A 53 -0.30 0.38 -0.28
N GLY A 54 -0.44 -0.84 0.20
CA GLY A 54 0.66 -1.77 0.28
C GLY A 54 0.50 -2.75 1.42
N GLN A 55 0.26 -2.23 2.62
CA GLN A 55 0.04 -3.07 3.82
C GLN A 55 -1.37 -3.62 3.81
N ASP A 56 -2.34 -2.73 3.62
CA ASP A 56 -3.76 -3.08 3.55
C ASP A 56 -4.56 -1.78 3.36
N GLU A 57 -5.61 -1.86 2.56
CA GLU A 57 -6.33 -0.63 2.14
C GLU A 57 -7.42 -0.24 3.14
N THR A 58 -7.74 -1.13 4.10
CA THR A 58 -8.78 -0.84 5.08
C THR A 58 -8.16 -0.40 6.42
N ASP A 59 -8.44 0.84 6.81
CA ASP A 59 -7.99 1.35 8.10
C ASP A 59 -8.80 0.71 9.21
N ASP A 60 -10.12 0.81 9.08
CA ASP A 60 -11.05 0.12 10.00
C ASP A 60 -12.18 -0.54 9.22
N ARG A 61 -12.55 0.07 8.13
CA ARG A 61 -13.64 -0.42 7.25
C ARG A 61 -13.31 -0.09 5.79
N PRO A 62 -14.10 -0.59 4.82
CA PRO A 62 -13.90 -0.23 3.41
C PRO A 62 -14.10 1.27 3.17
N GLU A 63 -13.28 1.88 2.34
CA GLU A 63 -13.39 3.29 2.01
C GLU A 63 -14.58 3.54 1.10
N CYS A 64 -15.04 4.75 1.06
CA CYS A 64 -16.20 5.11 0.25
C CYS A 64 -15.86 4.88 -1.23
N PRO A 65 -16.78 4.27 -1.99
CA PRO A 65 -16.54 3.94 -3.41
C PRO A 65 -16.38 5.18 -4.29
N TYR A 66 -16.53 6.36 -3.70
CA TYR A 66 -16.35 7.61 -4.41
C TYR A 66 -15.33 8.49 -3.68
N GLY A 67 -14.59 7.88 -2.76
CA GLY A 67 -13.59 8.59 -1.99
C GLY A 67 -14.18 9.66 -1.08
N PRO A 68 -13.37 10.65 -0.66
CA PRO A 68 -13.86 11.77 0.18
C PRO A 68 -14.78 12.70 -0.61
N SER A 69 -14.76 12.56 -1.95
CA SER A 69 -15.65 13.31 -2.81
C SER A 69 -17.09 12.80 -2.63
N CYS A 70 -17.23 11.60 -2.07
CA CYS A 70 -18.53 11.03 -1.79
C CYS A 70 -19.33 11.97 -0.87
N TYR A 71 -20.42 12.49 -1.38
CA TYR A 71 -21.34 13.30 -0.60
C TYR A 71 -22.67 12.59 -0.49
N ARG A 72 -22.63 11.26 -0.62
CA ARG A 72 -23.80 10.43 -0.42
C ARG A 72 -24.33 10.63 1.00
N LYS A 73 -25.36 11.45 1.14
CA LYS A 73 -25.90 11.77 2.45
C LYS A 73 -26.83 10.65 2.92
N ASN A 74 -26.25 9.77 3.74
CA ASN A 74 -26.96 8.66 4.35
C ASN A 74 -26.16 8.18 5.56
N PRO A 75 -26.79 8.12 6.73
CA PRO A 75 -26.11 7.72 7.97
C PRO A 75 -25.52 6.32 7.86
N GLN A 76 -26.28 5.40 7.29
CA GLN A 76 -25.83 4.00 7.18
C GLN A 76 -24.60 3.92 6.29
N HIS A 77 -24.58 4.73 5.24
CA HIS A 77 -23.46 4.76 4.31
C HIS A 77 -22.18 5.13 5.06
N LYS A 78 -22.24 6.25 5.77
CA LYS A 78 -21.14 6.76 6.57
C LYS A 78 -20.79 5.79 7.72
N ILE A 79 -21.68 4.86 8.01
CA ILE A 79 -21.42 3.85 9.04
C ILE A 79 -20.59 2.71 8.48
N GLU A 80 -20.87 2.36 7.24
CA GLU A 80 -20.22 1.21 6.59
C GLU A 80 -18.85 1.59 6.04
N TYR A 81 -18.80 2.74 5.38
CA TYR A 81 -17.61 3.16 4.63
C TYR A 81 -16.93 4.34 5.28
N ARG A 82 -15.60 4.39 5.16
CA ARG A 82 -14.81 5.52 5.62
C ARG A 82 -14.59 6.51 4.48
N HIS A 83 -14.63 7.78 4.79
CA HIS A 83 -14.35 8.82 3.81
C HIS A 83 -13.01 9.46 4.12
N ASN A 84 -11.93 8.94 3.52
CA ASN A 84 -10.59 9.38 3.83
C ASN A 84 -10.39 10.81 3.35
N THR A 85 -10.52 11.74 4.28
CA THR A 85 -10.42 13.17 3.97
C THR A 85 -9.12 13.71 4.51
N LEU A 86 -8.61 14.75 3.87
CA LEU A 86 -7.36 15.36 4.27
C LEU A 86 -7.59 16.83 4.62
N PRO A 87 -6.84 17.36 5.62
CA PRO A 87 -6.95 18.75 6.04
C PRO A 87 -6.42 19.73 4.98
N VAL A 88 -5.58 19.19 4.06
CA VAL A 88 -5.03 19.94 2.94
C VAL A 88 -4.43 21.29 3.38
N ARG A 89 -3.94 21.31 4.60
CA ARG A 89 -3.32 22.52 5.17
C ARG A 89 -1.83 22.56 4.82
N ASN A 90 -1.34 23.77 4.61
CA ASN A 90 0.08 24.03 4.31
C ASN A 90 0.51 23.40 2.97
N VAL A 91 -0.43 22.75 2.27
CA VAL A 91 -0.13 22.08 1.00
C VAL A 91 -1.18 22.46 -0.05
ZN ZN B . 5.36 -5.25 -8.81
ZN ZN C . -19.50 8.09 1.01
N GLY A 1 25.60 19.77 -16.03
CA GLY A 1 25.35 18.33 -16.24
C GLY A 1 26.63 17.58 -16.58
N SER A 2 27.55 17.57 -15.61
CA SER A 2 28.83 16.89 -15.78
C SER A 2 28.95 15.75 -14.75
N LYS A 3 29.73 14.72 -15.07
CA LYS A 3 29.95 13.62 -14.15
C LYS A 3 30.98 14.02 -13.10
N ALA A 4 30.49 14.50 -11.96
CA ALA A 4 31.33 14.89 -10.84
C ALA A 4 31.81 13.67 -10.08
N THR A 5 33.00 13.20 -10.43
CA THR A 5 33.60 12.04 -9.78
C THR A 5 33.93 12.34 -8.32
N ASP A 6 33.32 11.59 -7.41
CA ASP A 6 33.51 11.81 -5.98
C ASP A 6 33.88 10.50 -5.30
N SER A 7 34.38 10.59 -4.07
CA SER A 7 34.80 9.41 -3.30
C SER A 7 33.67 8.37 -3.27
N VAL A 8 34.07 7.10 -3.29
CA VAL A 8 33.13 5.99 -3.39
C VAL A 8 32.19 5.93 -2.19
N LEU A 9 31.12 6.72 -2.25
CA LEU A 9 30.05 6.64 -1.26
C LEU A 9 29.12 5.49 -1.63
N GLN A 10 29.09 5.14 -2.91
CA GLN A 10 28.39 3.97 -3.41
C GLN A 10 26.88 4.07 -3.25
N GLY A 11 26.41 3.91 -2.00
CA GLY A 11 24.99 3.82 -1.71
C GLY A 11 24.15 4.96 -2.27
N SER A 12 24.76 6.13 -2.47
CA SER A 12 24.02 7.30 -2.94
C SER A 12 24.47 7.74 -4.34
N GLU A 13 25.05 6.82 -5.10
CA GLU A 13 25.39 7.08 -6.49
C GLU A 13 24.77 6.01 -7.39
N GLY A 14 24.40 6.41 -8.60
CA GLY A 14 23.78 5.48 -9.53
C GLY A 14 22.29 5.43 -9.36
N ASN A 15 21.85 4.86 -8.24
CA ASN A 15 20.42 4.75 -7.95
C ASN A 15 20.06 5.62 -6.77
N LYS A 16 19.56 6.80 -7.05
CA LYS A 16 19.21 7.80 -6.03
C LYS A 16 17.69 7.98 -5.95
N VAL A 17 16.96 7.39 -6.88
CA VAL A 17 15.50 7.47 -6.88
C VAL A 17 14.95 6.65 -5.73
N LYS A 18 13.90 7.17 -5.11
CA LYS A 18 13.20 6.45 -4.04
C LYS A 18 11.91 5.87 -4.58
N ARG A 19 11.41 4.82 -3.97
CA ARG A 19 10.20 4.17 -4.46
C ARG A 19 9.14 4.07 -3.36
N THR A 20 7.91 3.85 -3.78
CA THR A 20 6.81 3.67 -2.85
C THR A 20 6.24 2.28 -3.00
N SER A 21 5.61 1.76 -1.96
CA SER A 21 5.19 0.36 -1.91
C SER A 21 4.27 -0.04 -3.06
N CYS A 22 4.71 -1.04 -3.84
CA CYS A 22 3.91 -1.65 -4.89
C CYS A 22 2.64 -2.26 -4.27
N MET A 23 1.48 -1.75 -4.65
CA MET A 23 0.19 -2.17 -4.08
C MET A 23 0.05 -3.69 -4.11
N TYR A 24 0.47 -4.29 -5.21
CA TYR A 24 0.39 -5.73 -5.37
C TYR A 24 1.67 -6.39 -4.89
N GLY A 25 2.73 -5.60 -4.69
CA GLY A 25 4.00 -6.15 -4.24
C GLY A 25 4.54 -7.16 -5.25
N ALA A 26 4.72 -8.40 -4.82
CA ALA A 26 5.26 -9.43 -5.69
C ALA A 26 4.18 -10.01 -6.61
N ASN A 27 2.94 -9.58 -6.39
CA ASN A 27 1.80 -10.13 -7.12
C ASN A 27 1.56 -9.40 -8.45
N CYS A 28 2.18 -8.22 -8.62
CA CYS A 28 2.08 -7.49 -9.88
C CYS A 28 2.94 -8.16 -10.94
N TYR A 29 2.35 -8.37 -12.11
CA TYR A 29 3.00 -9.07 -13.21
C TYR A 29 3.82 -8.11 -14.08
N ARG A 30 4.12 -6.96 -13.51
CA ARG A 30 4.99 -5.99 -14.16
C ARG A 30 6.45 -6.28 -13.81
N LYS A 31 7.28 -6.51 -14.82
CA LYS A 31 8.70 -6.79 -14.62
C LYS A 31 9.53 -5.76 -15.36
N ASN A 32 8.82 -4.80 -15.99
CA ASN A 32 9.46 -3.69 -16.64
C ASN A 32 10.21 -2.85 -15.60
N PRO A 33 11.45 -2.43 -15.90
CA PRO A 33 12.34 -1.75 -14.94
C PRO A 33 11.68 -0.53 -14.34
N VAL A 34 10.78 0.09 -15.10
CA VAL A 34 10.09 1.28 -14.68
C VAL A 34 9.17 0.98 -13.48
N HIS A 35 8.60 -0.22 -13.45
CA HIS A 35 7.71 -0.57 -12.35
C HIS A 35 8.48 -0.59 -11.04
N PHE A 36 9.79 -0.79 -11.12
CA PHE A 36 10.66 -0.85 -9.94
C PHE A 36 11.32 0.51 -9.68
N GLN A 37 11.28 1.39 -10.66
CA GLN A 37 11.94 2.71 -10.51
C GLN A 37 11.04 3.66 -9.71
N HIS A 38 9.73 3.42 -9.74
CA HIS A 38 8.80 4.24 -8.96
C HIS A 38 8.10 3.44 -7.85
N PHE A 39 8.07 2.10 -7.96
CA PHE A 39 7.46 1.27 -6.92
C PHE A 39 8.41 0.19 -6.44
N SER A 40 8.57 0.14 -5.11
CA SER A 40 9.39 -0.86 -4.43
C SER A 40 8.61 -2.16 -4.28
N HIS A 41 9.32 -3.26 -4.11
CA HIS A 41 8.74 -4.59 -4.04
C HIS A 41 9.40 -5.39 -2.92
N PRO A 42 8.75 -6.46 -2.42
CA PRO A 42 9.31 -7.29 -1.35
C PRO A 42 10.69 -7.85 -1.78
N GLY A 43 11.72 -7.23 -1.25
CA GLY A 43 13.09 -7.55 -1.62
C GLY A 43 13.84 -6.33 -2.10
N ASP A 44 13.14 -5.18 -2.11
CA ASP A 44 13.71 -3.92 -2.52
C ASP A 44 14.10 -3.11 -1.28
N SER A 45 15.20 -2.37 -1.36
CA SER A 45 15.72 -1.62 -0.21
C SER A 45 14.71 -0.55 0.26
N ASP A 46 13.92 -0.03 -0.67
CA ASP A 46 13.00 1.09 -0.37
C ASP A 46 11.60 0.57 -0.09
N TYR A 47 11.45 -0.76 0.02
CA TYR A 47 10.14 -1.34 0.29
C TYR A 47 9.81 -1.27 1.78
N GLY A 48 8.53 -1.21 2.11
CA GLY A 48 8.09 -1.15 3.49
C GLY A 48 6.64 -1.55 3.67
N GLY A 49 5.79 -1.02 2.78
CA GLY A 49 4.36 -1.23 2.91
C GLY A 49 3.74 -0.16 3.76
N VAL A 50 4.23 1.08 3.58
CA VAL A 50 3.77 2.22 4.38
C VAL A 50 2.80 3.10 3.59
N GLN A 51 2.57 2.72 2.34
CA GLN A 51 1.61 3.42 1.49
C GLN A 51 0.23 2.80 1.64
N ILE A 52 -0.79 3.64 1.81
CA ILE A 52 -2.17 3.19 2.01
C ILE A 52 -2.53 2.17 0.91
N VAL A 53 -2.23 2.49 -0.34
CA VAL A 53 -2.52 1.59 -1.44
C VAL A 53 -1.46 0.49 -1.47
N GLY A 54 -1.66 -0.52 -0.63
CA GLY A 54 -0.68 -1.56 -0.48
C GLY A 54 -0.74 -2.24 0.87
N GLN A 55 -1.17 -1.49 1.89
CA GLN A 55 -1.33 -2.05 3.23
C GLN A 55 -2.80 -2.03 3.63
N ASP A 56 -3.44 -0.90 3.38
CA ASP A 56 -4.86 -0.69 3.65
C ASP A 56 -5.20 0.74 3.24
N GLU A 57 -6.21 0.88 2.40
CA GLU A 57 -6.48 2.17 1.75
C GLU A 57 -7.26 3.07 2.66
N THR A 58 -8.31 2.53 3.25
CA THR A 58 -9.19 3.33 4.10
C THR A 58 -9.62 2.53 5.34
N ASP A 59 -10.79 1.91 5.26
CA ASP A 59 -11.44 1.25 6.39
C ASP A 59 -12.84 0.87 5.95
N ASP A 60 -13.73 1.87 5.89
CA ASP A 60 -15.08 1.72 5.39
C ASP A 60 -15.46 2.95 4.56
N ARG A 61 -14.51 3.89 4.45
CA ARG A 61 -14.75 5.20 3.83
C ARG A 61 -13.43 5.93 3.66
N PRO A 62 -13.33 6.81 2.64
CA PRO A 62 -12.11 7.60 2.40
C PRO A 62 -11.94 8.75 3.39
N GLU A 63 -10.71 9.20 3.57
CA GLU A 63 -10.44 10.32 4.45
C GLU A 63 -10.90 11.64 3.83
N CYS A 64 -11.32 12.54 4.71
CA CYS A 64 -11.77 13.85 4.30
C CYS A 64 -10.63 14.56 3.54
N PRO A 65 -10.93 15.15 2.36
CA PRO A 65 -9.92 15.79 1.49
C PRO A 65 -9.18 16.93 2.21
N TYR A 66 -9.81 17.48 3.26
CA TYR A 66 -9.22 18.59 4.02
C TYR A 66 -8.53 18.05 5.28
N GLY A 67 -8.67 16.75 5.52
CA GLY A 67 -8.16 16.15 6.74
C GLY A 67 -9.04 16.48 7.95
N PRO A 68 -8.47 16.46 9.17
CA PRO A 68 -9.24 16.81 10.37
C PRO A 68 -9.59 18.29 10.42
N SER A 69 -8.90 19.10 9.60
CA SER A 69 -9.18 20.53 9.51
C SER A 69 -10.39 20.81 8.63
N CYS A 70 -11.03 19.73 8.19
CA CYS A 70 -12.24 19.82 7.37
C CYS A 70 -13.31 20.64 8.06
N TYR A 71 -13.67 21.77 7.46
CA TYR A 71 -14.70 22.64 7.99
C TYR A 71 -15.97 22.55 7.14
N ARG A 72 -16.11 21.43 6.42
CA ARG A 72 -17.30 21.15 5.63
C ARG A 72 -18.46 20.88 6.56
N LYS A 73 -19.36 21.85 6.70
CA LYS A 73 -20.47 21.79 7.63
C LYS A 73 -21.61 20.93 7.07
N ASN A 74 -21.67 19.66 7.47
CA ASN A 74 -22.73 18.75 7.10
C ASN A 74 -22.54 17.42 7.81
N PRO A 75 -23.60 16.90 8.49
CA PRO A 75 -23.51 15.63 9.21
C PRO A 75 -23.16 14.47 8.27
N GLN A 76 -23.80 14.44 7.10
CA GLN A 76 -23.60 13.36 6.13
C GLN A 76 -22.15 13.35 5.69
N HIS A 77 -21.54 14.52 5.58
CA HIS A 77 -20.16 14.62 5.17
C HIS A 77 -19.24 13.82 6.06
N LYS A 78 -19.24 14.13 7.36
CA LYS A 78 -18.41 13.40 8.33
C LYS A 78 -18.79 11.91 8.41
N ILE A 79 -19.91 11.56 7.81
CA ILE A 79 -20.32 10.17 7.72
C ILE A 79 -19.64 9.46 6.56
N GLU A 80 -19.55 10.15 5.44
CA GLU A 80 -19.00 9.59 4.20
C GLU A 80 -17.48 9.56 4.21
N TYR A 81 -16.89 10.58 4.85
CA TYR A 81 -15.44 10.73 4.91
C TYR A 81 -14.96 10.58 6.35
N ARG A 82 -13.92 9.77 6.52
CA ARG A 82 -13.32 9.58 7.84
C ARG A 82 -12.30 10.70 8.11
N HIS A 83 -12.50 11.40 9.21
CA HIS A 83 -11.61 12.50 9.59
C HIS A 83 -10.62 12.02 10.64
N ASN A 84 -9.51 11.45 10.15
CA ASN A 84 -8.51 10.86 11.02
C ASN A 84 -7.64 11.93 11.66
N THR A 85 -7.39 11.77 12.95
CA THR A 85 -6.50 12.62 13.69
C THR A 85 -5.26 11.85 14.11
N LEU A 86 -4.10 12.43 13.91
CA LEU A 86 -2.82 11.78 14.20
C LEU A 86 -1.78 12.83 14.54
N PRO A 87 -0.70 12.43 15.26
CA PRO A 87 0.35 13.34 15.68
C PRO A 87 1.03 14.04 14.49
N VAL A 88 0.98 13.40 13.32
CA VAL A 88 1.54 13.95 12.07
C VAL A 88 2.98 14.44 12.26
N ARG A 89 3.64 13.91 13.29
CA ARG A 89 5.00 14.31 13.65
C ARG A 89 5.57 13.30 14.65
N ASN A 90 6.87 13.01 14.47
CA ASN A 90 7.59 12.07 15.36
C ASN A 90 7.02 10.66 15.25
N VAL A 91 5.95 10.41 16.02
CA VAL A 91 5.36 9.07 16.15
C VAL A 91 4.23 8.88 15.13
ZN ZN B . 4.89 -4.29 -8.50
ZN ZN C . -14.64 16.63 6.35
N GLY A 1 25.09 20.20 -16.60
CA GLY A 1 25.52 20.61 -15.24
C GLY A 1 25.07 19.61 -14.18
N SER A 2 24.55 20.14 -13.07
CA SER A 2 24.08 19.31 -11.97
C SER A 2 22.74 19.84 -11.44
N LYS A 3 21.92 18.95 -10.93
CA LYS A 3 20.62 19.31 -10.39
C LYS A 3 20.77 19.68 -8.93
N ALA A 4 19.70 20.24 -8.37
CA ALA A 4 19.67 20.58 -6.96
C ALA A 4 18.30 20.23 -6.37
N THR A 5 18.11 18.94 -6.10
CA THR A 5 16.89 18.46 -5.50
C THR A 5 17.12 18.22 -4.01
N ASP A 6 16.07 17.87 -3.30
CA ASP A 6 16.16 17.63 -1.85
C ASP A 6 17.04 16.42 -1.58
N SER A 7 18.27 16.68 -1.18
CA SER A 7 19.27 15.64 -0.96
C SER A 7 18.84 14.70 0.16
N VAL A 8 18.68 13.43 -0.17
CA VAL A 8 18.36 12.42 0.82
C VAL A 8 19.66 11.91 1.46
N LEU A 9 20.27 12.77 2.27
CA LEU A 9 21.57 12.49 2.90
C LEU A 9 21.46 11.30 3.83
N GLN A 10 20.27 11.07 4.34
CA GLN A 10 19.98 9.91 5.15
C GLN A 10 19.01 9.04 4.37
N GLY A 11 19.54 8.17 3.52
CA GLY A 11 18.72 7.32 2.69
C GLY A 11 19.42 6.89 1.43
N SER A 12 20.46 7.61 1.04
CA SER A 12 21.24 7.25 -0.12
C SER A 12 22.05 5.97 0.15
N GLU A 13 21.35 4.83 0.11
CA GLU A 13 21.97 3.53 0.35
C GLU A 13 22.56 3.00 -0.95
N GLY A 14 21.70 2.75 -1.91
CA GLY A 14 22.11 2.28 -3.23
C GLY A 14 21.08 2.68 -4.26
N ASN A 15 20.55 3.89 -4.09
CA ASN A 15 19.50 4.42 -4.95
C ASN A 15 19.53 5.94 -4.92
N LYS A 16 18.97 6.56 -5.96
CA LYS A 16 18.94 8.00 -6.12
C LYS A 16 17.66 8.58 -5.53
N VAL A 17 16.54 7.92 -5.87
CA VAL A 17 15.21 8.34 -5.43
C VAL A 17 14.54 7.23 -4.62
N LYS A 18 13.58 7.61 -3.79
CA LYS A 18 12.88 6.65 -2.96
C LYS A 18 11.55 6.26 -3.60
N ARG A 19 11.29 4.95 -3.63
CA ARG A 19 10.06 4.42 -4.25
C ARG A 19 8.93 4.23 -3.22
N THR A 20 7.71 4.11 -3.71
CA THR A 20 6.57 3.82 -2.86
C THR A 20 6.18 2.36 -3.04
N SER A 21 5.68 1.74 -1.97
CA SER A 21 5.40 0.31 -1.97
C SER A 21 4.45 -0.08 -3.13
N CYS A 22 4.91 -1.07 -3.92
CA CYS A 22 4.10 -1.66 -4.99
C CYS A 22 2.79 -2.20 -4.42
N MET A 23 1.67 -1.75 -4.94
CA MET A 23 0.34 -2.16 -4.45
C MET A 23 0.23 -3.67 -4.35
N TYR A 24 0.65 -4.34 -5.42
CA TYR A 24 0.59 -5.80 -5.49
C TYR A 24 1.86 -6.42 -4.91
N GLY A 25 2.87 -5.59 -4.62
CA GLY A 25 4.16 -6.14 -4.22
C GLY A 25 4.81 -6.86 -5.37
N ALA A 26 5.28 -8.08 -5.10
CA ALA A 26 5.89 -8.90 -6.13
C ALA A 26 4.82 -9.58 -7.00
N ASN A 27 3.56 -9.46 -6.58
CA ASN A 27 2.43 -10.12 -7.22
C ASN A 27 1.99 -9.33 -8.46
N CYS A 28 2.53 -8.13 -8.63
CA CYS A 28 2.24 -7.31 -9.79
C CYS A 28 2.70 -7.99 -11.08
N TYR A 29 1.86 -7.96 -12.11
CA TYR A 29 2.15 -8.64 -13.36
C TYR A 29 3.15 -7.84 -14.22
N ARG A 30 3.64 -6.74 -13.66
CA ARG A 30 4.64 -5.92 -14.33
C ARG A 30 6.04 -6.49 -14.07
N LYS A 31 6.85 -6.54 -15.11
CA LYS A 31 8.23 -7.04 -15.01
C LYS A 31 9.21 -5.99 -15.50
N ASN A 32 8.67 -4.91 -16.07
CA ASN A 32 9.45 -3.81 -16.60
C ASN A 32 10.17 -3.09 -15.45
N PRO A 33 11.45 -2.71 -15.66
CA PRO A 33 12.27 -2.05 -14.62
C PRO A 33 11.64 -0.73 -14.17
N VAL A 34 10.80 -0.17 -15.04
CA VAL A 34 10.10 1.07 -14.74
C VAL A 34 9.17 0.87 -13.55
N HIS A 35 8.51 -0.28 -13.50
CA HIS A 35 7.61 -0.61 -12.40
C HIS A 35 8.38 -0.60 -11.08
N PHE A 36 9.66 -0.96 -11.15
CA PHE A 36 10.51 -1.04 -9.97
C PHE A 36 11.21 0.29 -9.73
N GLN A 37 11.15 1.19 -10.72
CA GLN A 37 11.81 2.50 -10.63
C GLN A 37 10.94 3.48 -9.86
N HIS A 38 9.61 3.28 -9.87
CA HIS A 38 8.71 4.14 -9.11
C HIS A 38 8.07 3.40 -7.93
N PHE A 39 8.12 2.06 -7.93
CA PHE A 39 7.55 1.25 -6.84
C PHE A 39 8.58 0.29 -6.26
N SER A 40 8.63 0.22 -4.95
CA SER A 40 9.49 -0.74 -4.24
C SER A 40 8.79 -2.10 -4.14
N HIS A 41 9.57 -3.16 -3.98
CA HIS A 41 9.05 -4.52 -3.98
C HIS A 41 9.66 -5.33 -2.84
N PRO A 42 9.01 -6.46 -2.44
CA PRO A 42 9.54 -7.32 -1.36
C PRO A 42 10.96 -7.79 -1.70
N GLY A 43 11.92 -7.36 -0.89
CA GLY A 43 13.32 -7.65 -1.16
C GLY A 43 14.04 -6.43 -1.75
N ASP A 44 13.32 -5.33 -1.86
CA ASP A 44 13.90 -4.08 -2.36
C ASP A 44 14.21 -3.15 -1.20
N SER A 45 15.14 -2.24 -1.43
CA SER A 45 15.67 -1.37 -0.40
C SER A 45 14.58 -0.52 0.25
N ASP A 46 13.62 -0.07 -0.57
CA ASP A 46 12.70 0.98 -0.13
C ASP A 46 11.29 0.42 0.15
N TYR A 47 11.20 -0.88 0.27
CA TYR A 47 9.90 -1.51 0.51
C TYR A 47 9.58 -1.48 2.02
N GLY A 48 8.28 -1.43 2.33
CA GLY A 48 7.88 -1.42 3.74
C GLY A 48 6.38 -1.35 3.93
N GLY A 49 5.64 -0.99 2.88
CA GLY A 49 4.18 -0.86 2.99
C GLY A 49 3.79 0.47 3.62
N VAL A 50 4.55 1.50 3.30
CA VAL A 50 4.32 2.85 3.86
C VAL A 50 3.15 3.53 3.16
N GLN A 51 2.63 2.89 2.13
CA GLN A 51 1.54 3.41 1.33
C GLN A 51 0.25 2.64 1.63
N ILE A 52 -0.86 3.35 1.82
CA ILE A 52 -2.13 2.71 2.15
C ILE A 52 -2.53 1.64 1.13
N VAL A 53 -2.47 1.99 -0.16
CA VAL A 53 -2.84 1.03 -1.19
C VAL A 53 -1.83 -0.10 -1.26
N GLY A 54 -2.31 -1.31 -0.93
CA GLY A 54 -1.44 -2.45 -0.80
C GLY A 54 -1.59 -3.12 0.56
N GLN A 55 -2.23 -2.40 1.50
CA GLN A 55 -2.43 -2.94 2.83
C GLN A 55 -3.83 -2.57 3.40
N ASP A 56 -4.30 -1.35 3.09
CA ASP A 56 -5.60 -0.89 3.55
C ASP A 56 -6.04 0.34 2.77
N GLU A 57 -7.30 0.34 2.34
CA GLU A 57 -7.86 1.44 1.51
C GLU A 57 -9.24 1.83 2.00
N THR A 58 -9.46 1.71 3.30
CA THR A 58 -10.76 2.02 3.89
C THR A 58 -11.02 3.52 3.91
N ASP A 59 -10.14 4.24 4.60
CA ASP A 59 -10.21 5.70 4.70
C ASP A 59 -8.92 6.24 5.31
N ASP A 60 -8.33 5.44 6.20
CA ASP A 60 -7.04 5.72 6.80
C ASP A 60 -7.16 6.71 7.97
N ARG A 61 -7.61 6.17 9.10
CA ARG A 61 -7.67 6.87 10.39
C ARG A 61 -8.26 5.94 11.42
N PRO A 62 -8.01 6.21 12.72
CA PRO A 62 -8.56 5.38 13.80
C PRO A 62 -10.09 5.43 13.83
N GLU A 63 -10.70 4.35 14.31
CA GLU A 63 -12.16 4.29 14.43
C GLU A 63 -12.61 4.92 15.75
N CYS A 64 -13.84 5.40 15.75
CA CYS A 64 -14.41 6.08 16.91
C CYS A 64 -14.42 5.16 18.12
N PRO A 65 -13.99 5.67 19.29
CA PRO A 65 -13.98 4.90 20.54
C PRO A 65 -15.36 4.34 20.92
N TYR A 66 -16.39 5.05 20.49
CA TYR A 66 -17.78 4.66 20.79
C TYR A 66 -18.40 3.91 19.59
N GLY A 67 -17.57 3.62 18.59
CA GLY A 67 -18.03 2.94 17.39
C GLY A 67 -19.05 3.78 16.64
N PRO A 68 -19.96 3.12 15.90
CA PRO A 68 -21.02 3.82 15.16
C PRO A 68 -22.09 4.41 16.08
N SER A 69 -22.11 3.95 17.32
CA SER A 69 -23.05 4.45 18.34
C SER A 69 -22.63 5.85 18.80
N CYS A 70 -21.44 6.25 18.38
CA CYS A 70 -20.87 7.55 18.73
C CYS A 70 -21.72 8.68 18.21
N TYR A 71 -22.23 9.49 19.12
CA TYR A 71 -22.99 10.69 18.78
C TYR A 71 -22.37 11.91 19.48
N ARG A 72 -21.08 11.76 19.81
CA ARG A 72 -20.34 12.81 20.50
C ARG A 72 -20.37 14.10 19.70
N LYS A 73 -20.96 15.13 20.27
CA LYS A 73 -21.09 16.43 19.60
C LYS A 73 -19.73 17.10 19.42
N ASN A 74 -19.15 16.96 18.24
CA ASN A 74 -17.92 17.64 17.86
C ASN A 74 -17.56 17.30 16.42
N PRO A 75 -17.46 18.31 15.53
CA PRO A 75 -17.15 18.08 14.13
C PRO A 75 -15.72 17.58 13.94
N GLN A 76 -14.83 17.97 14.85
CA GLN A 76 -13.44 17.60 14.75
C GLN A 76 -13.28 16.12 15.08
N HIS A 77 -14.12 15.64 15.99
CA HIS A 77 -14.12 14.22 16.37
C HIS A 77 -14.36 13.35 15.15
N LYS A 78 -15.47 13.61 14.48
CA LYS A 78 -15.90 12.86 13.31
C LYS A 78 -14.91 13.00 12.17
N ILE A 79 -14.09 14.02 12.21
CA ILE A 79 -13.06 14.25 11.20
C ILE A 79 -11.86 13.34 11.45
N GLU A 80 -11.49 13.20 12.73
CA GLU A 80 -10.30 12.42 13.09
C GLU A 80 -10.61 10.93 13.07
N TYR A 81 -11.74 10.57 13.67
CA TYR A 81 -12.13 9.16 13.81
C TYR A 81 -13.18 8.81 12.77
N ARG A 82 -13.02 7.61 12.20
CA ARG A 82 -13.99 7.07 11.25
C ARG A 82 -15.02 6.21 11.97
N HIS A 83 -16.26 6.23 11.49
CA HIS A 83 -17.35 5.49 12.12
C HIS A 83 -17.92 4.47 11.14
N ASN A 84 -17.49 3.23 11.26
CA ASN A 84 -17.97 2.15 10.39
C ASN A 84 -18.86 1.19 11.18
N THR A 85 -19.55 0.30 10.48
CA THR A 85 -20.40 -0.70 11.12
C THR A 85 -19.91 -2.11 10.84
N LEU A 86 -19.80 -2.91 11.90
CA LEU A 86 -19.45 -4.31 11.79
C LEU A 86 -20.56 -5.20 12.35
N PRO A 87 -20.72 -6.43 11.83
CA PRO A 87 -21.86 -7.30 12.17
C PRO A 87 -22.00 -7.55 13.69
N VAL A 88 -20.87 -7.79 14.33
CA VAL A 88 -20.78 -8.07 15.80
C VAL A 88 -21.76 -9.18 16.21
N ARG A 89 -22.31 -9.89 15.24
CA ARG A 89 -23.42 -10.83 15.48
C ARG A 89 -22.87 -12.17 15.94
N ASN A 90 -21.82 -12.64 15.29
CA ASN A 90 -21.27 -13.97 15.57
C ASN A 90 -19.93 -13.86 16.31
N VAL A 91 -19.73 -12.74 17.01
CA VAL A 91 -18.47 -12.52 17.76
C VAL A 91 -18.48 -13.33 19.07
ZN ZN B . 5.17 -4.45 -8.28
ZN ZN C . -17.76 9.32 17.08
N GLY A 1 38.64 -27.43 -11.14
CA GLY A 1 38.21 -26.33 -10.23
C GLY A 1 36.71 -26.13 -10.25
N SER A 2 36.24 -25.11 -9.54
CA SER A 2 34.82 -24.82 -9.44
C SER A 2 34.38 -23.83 -10.52
N LYS A 3 35.36 -23.08 -11.04
CA LYS A 3 35.12 -22.09 -12.13
C LYS A 3 34.18 -20.98 -11.67
N ALA A 4 33.93 -20.94 -10.37
CA ALA A 4 32.94 -20.03 -9.78
C ALA A 4 33.56 -18.74 -9.30
N THR A 5 33.15 -17.61 -9.89
CA THR A 5 33.56 -16.30 -9.42
C THR A 5 32.36 -15.50 -8.99
N ASP A 6 32.49 -14.76 -7.88
CA ASP A 6 31.37 -14.01 -7.32
C ASP A 6 31.07 -12.79 -8.14
N SER A 7 30.07 -12.90 -9.03
CA SER A 7 29.62 -11.78 -9.84
C SER A 7 28.98 -10.72 -8.95
N VAL A 8 29.69 -9.60 -8.78
CA VAL A 8 29.20 -8.51 -7.93
C VAL A 8 27.86 -7.96 -8.45
N LEU A 9 26.78 -8.27 -7.74
CA LEU A 9 25.43 -7.86 -8.15
C LEU A 9 25.21 -6.39 -7.82
N GLN A 10 26.07 -5.84 -6.97
CA GLN A 10 26.02 -4.45 -6.58
C GLN A 10 26.70 -3.58 -7.65
N GLY A 11 26.35 -2.30 -7.69
CA GLY A 11 26.89 -1.42 -8.72
C GLY A 11 25.98 -1.37 -9.93
N SER A 12 24.71 -1.71 -9.72
CA SER A 12 23.72 -1.79 -10.80
C SER A 12 22.46 -1.05 -10.35
N GLU A 13 22.62 -0.11 -9.44
CA GLU A 13 21.51 0.66 -8.90
C GLU A 13 20.81 1.41 -10.03
N GLY A 14 21.56 2.29 -10.69
CA GLY A 14 21.03 3.04 -11.81
C GLY A 14 19.89 3.95 -11.42
N ASN A 15 19.95 4.46 -10.19
CA ASN A 15 18.90 5.34 -9.67
C ASN A 15 19.47 6.29 -8.62
N LYS A 16 18.78 7.42 -8.41
CA LYS A 16 19.12 8.37 -7.35
C LYS A 16 17.84 8.79 -6.65
N VAL A 17 16.78 8.05 -6.91
CA VAL A 17 15.46 8.33 -6.35
C VAL A 17 14.97 7.14 -5.52
N LYS A 18 14.05 7.39 -4.59
CA LYS A 18 13.46 6.33 -3.78
C LYS A 18 12.15 5.87 -4.42
N ARG A 19 11.66 4.72 -4.00
CA ARG A 19 10.40 4.20 -4.49
C ARG A 19 9.37 4.14 -3.38
N THR A 20 8.15 3.80 -3.75
CA THR A 20 7.06 3.63 -2.80
C THR A 20 6.41 2.25 -3.00
N SER A 21 5.75 1.77 -1.95
CA SER A 21 5.24 0.38 -1.92
C SER A 21 4.44 0.01 -3.18
N CYS A 22 4.87 -1.03 -3.88
CA CYS A 22 4.08 -1.64 -4.95
C CYS A 22 2.84 -2.25 -4.34
N MET A 23 1.67 -1.71 -4.71
CA MET A 23 0.39 -2.14 -4.11
C MET A 23 0.22 -3.66 -4.19
N TYR A 24 0.58 -4.22 -5.33
CA TYR A 24 0.48 -5.67 -5.54
C TYR A 24 1.75 -6.38 -5.07
N GLY A 25 2.79 -5.61 -4.74
CA GLY A 25 4.03 -6.21 -4.30
C GLY A 25 4.66 -7.05 -5.36
N ALA A 26 5.06 -8.27 -4.99
CA ALA A 26 5.69 -9.17 -5.96
C ALA A 26 4.67 -9.78 -6.92
N ASN A 27 3.38 -9.57 -6.60
CA ASN A 27 2.30 -10.18 -7.38
C ASN A 27 1.94 -9.31 -8.57
N CYS A 28 2.55 -8.13 -8.67
CA CYS A 28 2.28 -7.22 -9.79
C CYS A 28 2.76 -7.82 -11.10
N TYR A 29 1.90 -7.78 -12.11
CA TYR A 29 2.18 -8.38 -13.41
C TYR A 29 3.23 -7.58 -14.14
N ARG A 30 3.54 -6.38 -13.63
CA ARG A 30 4.54 -5.51 -14.19
C ARG A 30 5.94 -5.96 -13.77
N LYS A 31 6.68 -6.50 -14.72
CA LYS A 31 8.02 -7.02 -14.50
C LYS A 31 9.06 -6.08 -15.09
N ASN A 32 8.59 -5.03 -15.76
CA ASN A 32 9.45 -4.01 -16.33
C ASN A 32 10.21 -3.30 -15.22
N PRO A 33 11.50 -2.99 -15.44
CA PRO A 33 12.32 -2.32 -14.42
C PRO A 33 11.71 -0.97 -14.02
N VAL A 34 10.89 -0.45 -14.91
CA VAL A 34 10.22 0.83 -14.66
C VAL A 34 9.23 0.68 -13.52
N HIS A 35 8.57 -0.49 -13.43
CA HIS A 35 7.66 -0.74 -12.33
C HIS A 35 8.40 -0.68 -11.00
N PHE A 36 9.68 -1.04 -11.05
CA PHE A 36 10.51 -1.09 -9.85
C PHE A 36 11.23 0.23 -9.60
N GLN A 37 11.27 1.09 -10.62
CA GLN A 37 11.96 2.37 -10.51
C GLN A 37 11.08 3.41 -9.81
N HIS A 38 9.76 3.14 -9.79
CA HIS A 38 8.82 4.01 -9.04
C HIS A 38 8.08 3.28 -7.94
N PHE A 39 8.18 1.94 -7.89
CA PHE A 39 7.56 1.17 -6.81
C PHE A 39 8.52 0.10 -6.28
N SER A 40 8.72 0.13 -4.97
CA SER A 40 9.51 -0.84 -4.27
C SER A 40 8.79 -2.18 -4.20
N HIS A 41 9.56 -3.26 -4.08
CA HIS A 41 9.04 -4.61 -4.04
C HIS A 41 9.73 -5.38 -2.91
N PRO A 42 9.19 -6.56 -2.53
CA PRO A 42 9.74 -7.39 -1.45
C PRO A 42 11.28 -7.49 -1.39
N GLY A 43 11.97 -7.07 -2.44
CA GLY A 43 13.42 -7.16 -2.45
C GLY A 43 14.05 -5.84 -2.85
N ASP A 44 13.41 -4.73 -2.45
CA ASP A 44 13.91 -3.38 -2.73
C ASP A 44 14.16 -2.64 -1.42
N SER A 45 15.12 -1.72 -1.46
CA SER A 45 15.60 -1.02 -0.26
C SER A 45 14.52 -0.15 0.40
N ASP A 46 13.46 0.19 -0.32
CA ASP A 46 12.42 1.08 0.21
C ASP A 46 11.09 0.36 0.44
N TYR A 47 11.05 -0.96 0.30
CA TYR A 47 9.78 -1.68 0.46
C TYR A 47 9.36 -1.73 1.94
N GLY A 48 8.06 -1.68 2.16
CA GLY A 48 7.50 -1.75 3.50
C GLY A 48 6.00 -1.93 3.48
N GLY A 49 5.34 -1.16 2.63
CA GLY A 49 3.88 -1.23 2.53
C GLY A 49 3.20 -0.22 3.43
N VAL A 50 3.85 0.93 3.62
CA VAL A 50 3.35 1.97 4.54
C VAL A 50 2.34 2.88 3.82
N GLN A 51 2.36 2.85 2.49
CA GLN A 51 1.51 3.73 1.68
C GLN A 51 0.12 3.13 1.57
N ILE A 52 -0.89 4.01 1.53
CA ILE A 52 -2.27 3.58 1.39
C ILE A 52 -2.43 2.65 0.20
N VAL A 53 -1.93 3.10 -1.00
CA VAL A 53 -1.89 2.21 -2.14
C VAL A 53 -0.70 1.27 -1.98
N GLY A 54 -0.91 0.28 -1.12
CA GLY A 54 0.12 -0.68 -0.79
C GLY A 54 -0.38 -1.64 0.27
N GLN A 55 -0.95 -1.07 1.34
CA GLN A 55 -1.63 -1.87 2.37
C GLN A 55 -3.11 -1.98 2.00
N ASP A 56 -3.75 -0.82 1.79
CA ASP A 56 -5.16 -0.73 1.46
C ASP A 56 -5.58 0.72 1.53
N GLU A 57 -6.46 1.15 0.64
CA GLU A 57 -6.77 2.56 0.50
C GLU A 57 -7.95 2.99 1.40
N THR A 58 -8.43 2.07 2.25
CA THR A 58 -9.52 2.40 3.17
C THR A 58 -8.98 2.83 4.53
N ASP A 59 -9.40 3.99 5.00
CA ASP A 59 -9.00 4.51 6.32
C ASP A 59 -9.65 3.67 7.43
N ASP A 60 -10.98 3.66 7.40
CA ASP A 60 -11.79 2.88 8.35
C ASP A 60 -12.85 2.08 7.60
N ARG A 61 -13.15 2.50 6.38
CA ARG A 61 -14.21 1.92 5.56
C ARG A 61 -14.06 2.41 4.15
N PRO A 62 -14.72 1.80 3.14
CA PRO A 62 -14.63 2.22 1.75
C PRO A 62 -15.26 3.62 1.55
N GLU A 63 -14.73 4.39 0.61
CA GLU A 63 -15.31 5.68 0.29
C GLU A 63 -16.59 5.51 -0.52
N CYS A 64 -17.49 6.48 -0.38
CA CYS A 64 -18.76 6.47 -1.10
C CYS A 64 -18.50 6.57 -2.61
N PRO A 65 -19.19 5.73 -3.42
CA PRO A 65 -19.01 5.73 -4.88
C PRO A 65 -19.42 7.05 -5.56
N TYR A 66 -19.99 7.96 -4.77
CA TYR A 66 -20.43 9.26 -5.29
C TYR A 66 -19.72 10.41 -4.55
N GLY A 67 -18.74 10.05 -3.72
CA GLY A 67 -17.99 11.03 -2.94
C GLY A 67 -18.86 11.75 -1.92
N PRO A 68 -18.50 12.98 -1.52
CA PRO A 68 -19.29 13.78 -0.56
C PRO A 68 -20.59 14.29 -1.18
N SER A 69 -20.61 14.29 -2.51
CA SER A 69 -21.77 14.71 -3.29
C SER A 69 -22.86 13.64 -3.25
N CYS A 70 -22.50 12.49 -2.68
CA CYS A 70 -23.39 11.33 -2.58
C CYS A 70 -24.74 11.74 -2.00
N TYR A 71 -25.80 11.56 -2.79
CA TYR A 71 -27.14 11.91 -2.36
C TYR A 71 -27.99 10.64 -2.21
N ARG A 72 -27.31 9.51 -2.04
CA ARG A 72 -27.98 8.25 -1.77
C ARG A 72 -28.65 8.28 -0.41
N LYS A 73 -29.97 8.38 -0.39
CA LYS A 73 -30.71 8.57 0.85
C LYS A 73 -30.85 7.27 1.63
N ASN A 74 -29.87 7.02 2.51
CA ASN A 74 -29.89 5.87 3.39
C ASN A 74 -28.86 6.03 4.51
N PRO A 75 -29.31 5.89 5.77
CA PRO A 75 -28.41 6.02 6.93
C PRO A 75 -27.31 4.96 6.93
N GLN A 76 -27.67 3.73 6.57
CA GLN A 76 -26.72 2.63 6.60
C GLN A 76 -25.59 2.89 5.62
N HIS A 77 -25.93 3.49 4.48
CA HIS A 77 -24.96 3.83 3.45
C HIS A 77 -23.91 4.76 4.00
N LYS A 78 -24.38 5.90 4.52
CA LYS A 78 -23.53 6.93 5.13
C LYS A 78 -22.71 6.37 6.28
N ILE A 79 -23.17 5.27 6.84
CA ILE A 79 -22.49 4.61 7.97
C ILE A 79 -21.30 3.74 7.46
N GLU A 80 -21.56 2.95 6.42
CA GLU A 80 -20.56 1.99 5.93
C GLU A 80 -19.55 2.63 4.98
N TYR A 81 -19.98 3.68 4.28
CA TYR A 81 -19.10 4.38 3.32
C TYR A 81 -18.66 5.73 3.85
N ARG A 82 -17.36 6.01 3.82
CA ARG A 82 -16.84 7.26 4.33
C ARG A 82 -16.93 8.35 3.27
N HIS A 83 -17.81 9.34 3.54
CA HIS A 83 -17.97 10.49 2.67
C HIS A 83 -16.99 11.57 3.07
N ASN A 84 -16.02 11.85 2.20
CA ASN A 84 -14.91 12.74 2.53
C ASN A 84 -14.92 14.00 1.70
N THR A 85 -14.90 15.15 2.35
CA THR A 85 -14.70 16.42 1.69
C THR A 85 -13.21 16.71 1.62
N LEU A 86 -12.72 16.93 0.41
CA LEU A 86 -11.29 17.08 0.20
C LEU A 86 -10.91 18.50 -0.18
N PRO A 87 -9.73 18.95 0.23
CA PRO A 87 -9.29 20.35 0.01
C PRO A 87 -9.16 20.69 -1.48
N VAL A 88 -8.82 19.68 -2.29
CA VAL A 88 -8.70 19.83 -3.75
C VAL A 88 -7.96 21.10 -4.13
N ARG A 89 -7.06 21.55 -3.27
CA ARG A 89 -6.34 22.80 -3.46
C ARG A 89 -5.39 22.73 -4.63
N ASN A 90 -5.36 23.80 -5.43
CA ASN A 90 -4.48 23.87 -6.58
C ASN A 90 -3.03 24.10 -6.11
N VAL A 91 -2.35 22.99 -5.80
CA VAL A 91 -0.98 23.06 -5.33
C VAL A 91 0.00 22.71 -6.47
ZN ZN B . 5.03 -4.40 -8.26
ZN ZN C . -22.81 8.17 -0.16
N GLY A 1 -4.38 -22.92 7.53
CA GLY A 1 -3.01 -23.50 7.49
C GLY A 1 -2.13 -22.93 8.59
N SER A 2 -0.85 -23.32 8.58
CA SER A 2 0.14 -22.81 9.53
C SER A 2 0.51 -21.36 9.17
N LYS A 3 0.80 -20.56 10.20
CA LYS A 3 1.22 -19.19 10.00
C LYS A 3 2.75 -19.09 10.05
N ALA A 4 3.34 -18.74 8.89
CA ALA A 4 4.79 -18.60 8.79
C ALA A 4 5.16 -17.37 7.97
N THR A 5 5.13 -16.20 8.61
CA THR A 5 5.44 -14.95 7.94
C THR A 5 6.95 -14.76 7.82
N ASP A 6 7.38 -14.20 6.70
CA ASP A 6 8.81 -13.99 6.46
C ASP A 6 9.32 -12.78 7.25
N SER A 7 10.35 -12.99 8.04
CA SER A 7 10.97 -11.91 8.80
C SER A 7 11.73 -10.98 7.86
N VAL A 8 11.07 -9.89 7.48
CA VAL A 8 11.67 -8.89 6.58
C VAL A 8 12.79 -8.10 7.28
N LEU A 9 14.01 -8.44 6.96
CA LEU A 9 15.19 -7.81 7.55
C LEU A 9 15.65 -6.63 6.70
N GLN A 10 15.15 -6.58 5.46
CA GLN A 10 15.48 -5.50 4.56
C GLN A 10 14.81 -4.18 4.99
N GLY A 11 15.50 -3.45 5.85
CA GLY A 11 15.03 -2.14 6.25
C GLY A 11 16.13 -1.09 6.07
N SER A 12 17.13 -1.46 5.27
CA SER A 12 18.29 -0.62 5.04
C SER A 12 18.00 0.37 3.91
N GLU A 13 17.70 1.62 4.28
CA GLU A 13 17.46 2.67 3.30
C GLU A 13 18.78 3.29 2.85
N GLY A 14 19.31 4.22 3.65
CA GLY A 14 20.55 4.89 3.31
C GLY A 14 20.51 5.52 1.93
N ASN A 15 19.42 6.23 1.65
CA ASN A 15 19.17 6.81 0.34
C ASN A 15 18.83 8.28 0.43
N LYS A 16 18.45 8.88 -0.70
CA LYS A 16 17.99 10.27 -0.74
C LYS A 16 16.55 10.33 -1.20
N VAL A 17 16.18 9.39 -2.06
CA VAL A 17 14.78 9.21 -2.46
C VAL A 17 14.36 7.78 -2.10
N LYS A 18 13.14 7.43 -2.44
CA LYS A 18 12.67 6.08 -2.21
C LYS A 18 11.51 5.77 -3.16
N ARG A 19 11.19 4.50 -3.27
CA ARG A 19 10.04 4.05 -4.03
C ARG A 19 8.88 3.79 -3.08
N THR A 20 7.68 3.91 -3.61
CA THR A 20 6.48 3.67 -2.84
C THR A 20 6.07 2.20 -3.00
N SER A 21 5.43 1.65 -1.96
CA SER A 21 5.08 0.24 -1.92
C SER A 21 4.26 -0.18 -3.15
N CYS A 22 4.82 -1.10 -3.95
CA CYS A 22 4.08 -1.73 -5.02
C CYS A 22 2.77 -2.28 -4.46
N MET A 23 1.65 -1.73 -4.92
CA MET A 23 0.35 -2.05 -4.33
C MET A 23 0.07 -3.54 -4.37
N TYR A 24 0.67 -4.24 -5.34
CA TYR A 24 0.51 -5.68 -5.46
C TYR A 24 1.77 -6.41 -4.93
N GLY A 25 2.87 -5.67 -4.81
CA GLY A 25 4.09 -6.27 -4.31
C GLY A 25 4.65 -7.30 -5.27
N ALA A 26 4.68 -8.57 -4.87
CA ALA A 26 5.15 -9.65 -5.74
C ALA A 26 4.04 -10.12 -6.68
N ASN A 27 2.83 -9.61 -6.48
CA ASN A 27 1.66 -10.02 -7.26
C ASN A 27 1.57 -9.25 -8.58
N CYS A 28 2.17 -8.06 -8.65
CA CYS A 28 2.14 -7.28 -9.87
C CYS A 28 2.96 -7.97 -10.97
N TYR A 29 2.29 -8.29 -12.07
CA TYR A 29 2.88 -9.04 -13.16
C TYR A 29 3.77 -8.15 -14.02
N ARG A 30 3.92 -6.90 -13.61
CA ARG A 30 4.80 -5.96 -14.28
C ARG A 30 6.24 -6.20 -13.84
N LYS A 31 7.11 -6.52 -14.78
CA LYS A 31 8.50 -6.83 -14.48
C LYS A 31 9.41 -5.82 -15.16
N ASN A 32 8.80 -4.89 -15.90
CA ASN A 32 9.53 -3.82 -16.56
C ASN A 32 10.25 -2.96 -15.51
N PRO A 33 11.48 -2.49 -15.85
CA PRO A 33 12.33 -1.77 -14.88
C PRO A 33 11.62 -0.50 -14.39
N VAL A 34 10.74 0.04 -15.21
CA VAL A 34 10.01 1.24 -14.86
C VAL A 34 9.10 1.00 -13.67
N HIS A 35 8.44 -0.14 -13.62
CA HIS A 35 7.53 -0.47 -12.54
C HIS A 35 8.26 -0.39 -11.19
N PHE A 36 9.54 -0.74 -11.18
CA PHE A 36 10.35 -0.78 -9.97
C PHE A 36 10.99 0.59 -9.70
N GLN A 37 11.18 1.37 -10.77
CA GLN A 37 11.86 2.65 -10.68
C GLN A 37 11.06 3.67 -9.85
N HIS A 38 9.75 3.42 -9.69
CA HIS A 38 8.91 4.32 -8.87
C HIS A 38 8.16 3.55 -7.77
N PHE A 39 8.04 2.23 -7.91
CA PHE A 39 7.44 1.39 -6.84
C PHE A 39 8.39 0.27 -6.43
N SER A 40 8.60 0.16 -5.12
CA SER A 40 9.50 -0.86 -4.54
C SER A 40 8.75 -2.18 -4.36
N HIS A 41 9.50 -3.27 -4.22
CA HIS A 41 8.91 -4.61 -4.14
C HIS A 41 9.53 -5.42 -3.00
N PRO A 42 8.84 -6.46 -2.52
CA PRO A 42 9.32 -7.27 -1.38
C PRO A 42 10.75 -7.74 -1.57
N GLY A 43 11.64 -7.23 -0.73
CA GLY A 43 13.06 -7.54 -0.80
C GLY A 43 13.89 -6.37 -1.26
N ASP A 44 13.23 -5.28 -1.70
CA ASP A 44 13.94 -4.11 -2.20
C ASP A 44 14.30 -3.15 -1.05
N SER A 45 15.41 -2.47 -1.24
CA SER A 45 15.98 -1.58 -0.24
C SER A 45 14.98 -0.48 0.19
N ASP A 46 14.10 -0.11 -0.73
CA ASP A 46 13.16 1.01 -0.49
C ASP A 46 11.73 0.50 -0.28
N TYR A 47 11.57 -0.77 0.01
CA TYR A 47 10.25 -1.37 0.20
C TYR A 47 9.81 -1.33 1.67
N GLY A 48 8.69 -0.65 1.92
CA GLY A 48 8.13 -0.61 3.25
C GLY A 48 6.93 -1.54 3.37
N GLY A 49 5.94 -1.30 2.53
CA GLY A 49 4.74 -2.14 2.50
C GLY A 49 3.92 -2.02 3.77
N VAL A 50 3.64 -0.78 4.18
CA VAL A 50 2.89 -0.52 5.39
C VAL A 50 1.50 0.08 5.11
N GLN A 51 1.22 0.29 3.82
CA GLN A 51 -0.10 0.78 3.41
C GLN A 51 -1.12 -0.36 3.44
N ILE A 52 -2.40 -0.06 3.17
CA ILE A 52 -3.43 -1.07 3.14
C ILE A 52 -3.19 -2.05 2.01
N VAL A 53 -3.20 -1.53 0.77
CA VAL A 53 -3.07 -2.38 -0.39
C VAL A 53 -1.69 -3.04 -0.42
N GLY A 54 -1.69 -4.37 -0.38
CA GLY A 54 -0.46 -5.12 -0.17
C GLY A 54 -0.62 -6.09 0.98
N GLN A 55 -0.82 -5.58 2.18
CA GLN A 55 -0.99 -6.44 3.36
C GLN A 55 -2.44 -6.89 3.51
N ASP A 56 -3.37 -5.96 3.27
CA ASP A 56 -4.80 -6.24 3.30
C ASP A 56 -5.58 -5.07 2.71
N GLU A 57 -6.47 -5.38 1.79
CA GLU A 57 -7.18 -4.34 1.02
C GLU A 57 -8.59 -4.11 1.56
N THR A 58 -8.93 -4.78 2.65
CA THR A 58 -10.29 -4.71 3.18
C THR A 58 -10.37 -3.80 4.40
N ASP A 59 -9.89 -4.28 5.53
CA ASP A 59 -9.97 -3.55 6.80
C ASP A 59 -8.95 -4.11 7.77
N ASP A 60 -9.13 -5.37 8.12
CA ASP A 60 -8.25 -6.05 9.07
C ASP A 60 -7.91 -7.47 8.62
N ARG A 61 -8.65 -7.98 7.65
CA ARG A 61 -8.52 -9.39 7.20
C ARG A 61 -9.35 -9.62 5.95
N PRO A 62 -8.96 -10.63 5.14
CA PRO A 62 -9.70 -11.01 3.94
C PRO A 62 -11.17 -11.25 4.22
N GLU A 63 -12.02 -10.95 3.24
CA GLU A 63 -13.44 -11.21 3.37
C GLU A 63 -13.74 -12.67 3.04
N CYS A 64 -14.82 -13.19 3.62
CA CYS A 64 -15.23 -14.57 3.40
C CYS A 64 -15.49 -14.81 1.91
N PRO A 65 -14.91 -15.87 1.33
CA PRO A 65 -15.14 -16.21 -0.08
C PRO A 65 -16.57 -16.71 -0.32
N TYR A 66 -17.31 -16.87 0.77
CA TYR A 66 -18.72 -17.27 0.71
C TYR A 66 -19.62 -16.08 1.10
N GLY A 67 -18.99 -14.91 1.22
CA GLY A 67 -19.71 -13.69 1.53
C GLY A 67 -20.40 -13.73 2.88
N PRO A 68 -21.41 -12.87 3.10
CA PRO A 68 -22.18 -12.84 4.34
C PRO A 68 -23.11 -14.05 4.46
N SER A 69 -23.40 -14.67 3.31
CA SER A 69 -24.26 -15.85 3.25
C SER A 69 -23.50 -17.08 3.74
N CYS A 70 -22.23 -16.89 4.04
CA CYS A 70 -21.36 -17.94 4.55
C CYS A 70 -21.91 -18.56 5.83
N TYR A 71 -22.09 -19.88 5.81
CA TYR A 71 -22.56 -20.61 6.98
C TYR A 71 -21.60 -21.77 7.28
N ARG A 72 -20.34 -21.57 6.92
CA ARG A 72 -19.31 -22.58 7.13
C ARG A 72 -19.04 -22.73 8.63
N LYS A 73 -19.60 -23.77 9.22
CA LYS A 73 -19.50 -23.99 10.66
C LYS A 73 -18.07 -24.32 11.08
N ASN A 74 -17.31 -23.28 11.43
CA ASN A 74 -15.96 -23.43 11.95
C ASN A 74 -15.52 -22.13 12.63
N PRO A 75 -15.05 -22.21 13.88
CA PRO A 75 -14.64 -21.02 14.64
C PRO A 75 -13.50 -20.26 13.97
N GLN A 76 -12.51 -21.01 13.48
CA GLN A 76 -11.34 -20.42 12.86
C GLN A 76 -11.71 -19.63 11.61
N HIS A 77 -12.75 -20.11 10.92
CA HIS A 77 -13.22 -19.48 9.68
C HIS A 77 -13.60 -18.02 9.93
N LYS A 78 -14.56 -17.80 10.82
CA LYS A 78 -15.05 -16.43 11.11
C LYS A 78 -13.99 -15.60 11.82
N ILE A 79 -12.94 -16.25 12.29
CA ILE A 79 -11.81 -15.55 12.89
C ILE A 79 -10.93 -14.91 11.81
N GLU A 80 -10.55 -15.72 10.83
CA GLU A 80 -9.66 -15.26 9.76
C GLU A 80 -10.39 -14.33 8.80
N TYR A 81 -11.55 -14.77 8.34
CA TYR A 81 -12.30 -14.03 7.31
C TYR A 81 -13.39 -13.18 7.91
N ARG A 82 -13.54 -11.97 7.41
CA ARG A 82 -14.58 -11.07 7.87
C ARG A 82 -15.79 -11.18 6.96
N HIS A 83 -16.99 -11.05 7.55
CA HIS A 83 -18.24 -11.22 6.79
C HIS A 83 -19.04 -9.93 6.86
N ASN A 84 -19.12 -9.21 5.74
CA ASN A 84 -19.82 -7.93 5.69
C ASN A 84 -21.25 -8.14 5.17
N THR A 85 -22.20 -7.54 5.90
CA THR A 85 -23.62 -7.71 5.62
C THR A 85 -24.21 -6.39 5.17
N LEU A 86 -25.20 -6.48 4.29
CA LEU A 86 -25.92 -5.30 3.79
C LEU A 86 -27.35 -5.66 3.44
N PRO A 87 -28.28 -4.70 3.61
CA PRO A 87 -29.71 -4.90 3.28
C PRO A 87 -29.98 -4.88 1.76
N VAL A 88 -29.13 -4.19 1.02
CA VAL A 88 -29.24 -4.06 -0.45
C VAL A 88 -30.67 -3.71 -0.89
N ARG A 89 -31.40 -3.04 0.00
CA ARG A 89 -32.81 -2.73 -0.19
C ARG A 89 -33.00 -1.43 -0.94
N ASN A 90 -32.04 -0.54 -0.79
CA ASN A 90 -32.10 0.80 -1.38
C ASN A 90 -32.11 0.70 -2.93
N VAL A 91 -31.45 -0.29 -3.48
CA VAL A 91 -31.43 -0.49 -4.93
C VAL A 91 -32.60 -1.35 -5.38
ZN ZN B . 5.15 -4.33 -8.63
ZN ZN C . -18.03 -17.50 6.69
N GLY A 1 23.21 19.43 31.47
CA GLY A 1 24.25 18.55 30.91
C GLY A 1 24.75 19.04 29.57
N SER A 2 25.58 18.24 28.89
CA SER A 2 26.11 18.58 27.58
C SER A 2 24.97 18.62 26.56
N LYS A 3 24.96 19.66 25.72
CA LYS A 3 23.93 19.85 24.72
C LYS A 3 24.54 19.87 23.32
N ALA A 4 23.78 19.41 22.32
CA ALA A 4 24.23 19.39 20.95
C ALA A 4 23.03 19.25 20.00
N THR A 5 22.97 20.14 19.02
CA THR A 5 21.95 20.09 17.99
C THR A 5 22.55 19.54 16.68
N ASP A 6 21.85 18.58 16.07
CA ASP A 6 22.33 17.97 14.84
C ASP A 6 22.23 18.95 13.68
N SER A 7 23.38 19.41 13.19
CA SER A 7 23.41 20.31 12.06
C SER A 7 22.97 19.58 10.79
N VAL A 8 21.78 19.89 10.32
CA VAL A 8 21.25 19.26 9.11
C VAL A 8 21.94 19.87 7.88
N LEU A 9 23.15 19.37 7.61
CA LEU A 9 23.93 19.83 6.45
C LEU A 9 23.16 19.54 5.16
N GLN A 10 22.40 18.44 5.18
CA GLN A 10 21.58 18.06 4.05
C GLN A 10 20.39 17.25 4.54
N GLY A 11 19.33 17.24 3.75
CA GLY A 11 18.14 16.48 4.10
C GLY A 11 17.13 16.53 2.98
N SER A 12 16.69 15.36 2.52
CA SER A 12 15.74 15.27 1.42
C SER A 12 14.41 15.93 1.80
N GLU A 13 13.88 15.52 2.94
CA GLU A 13 12.57 15.98 3.44
C GLU A 13 11.55 15.98 2.31
N GLY A 14 10.93 14.85 2.10
CA GLY A 14 10.00 14.67 1.01
C GLY A 14 10.00 13.23 0.55
N ASN A 15 11.14 12.80 0.01
CA ASN A 15 11.34 11.40 -0.31
C ASN A 15 12.20 10.75 0.78
N LYS A 16 11.54 10.00 1.65
CA LYS A 16 12.22 9.19 2.66
C LYS A 16 12.78 7.95 1.97
N VAL A 17 12.10 7.58 0.90
CA VAL A 17 12.51 6.49 0.04
C VAL A 17 12.25 6.92 -1.41
N LYS A 18 12.89 6.26 -2.36
CA LYS A 18 12.83 6.68 -3.75
C LYS A 18 11.67 6.00 -4.44
N ARG A 19 11.35 4.79 -3.97
CA ARG A 19 10.16 4.08 -4.41
C ARG A 19 9.18 3.90 -3.26
N THR A 20 7.91 3.75 -3.63
CA THR A 20 6.84 3.48 -2.66
C THR A 20 6.37 2.04 -2.83
N SER A 21 5.85 1.45 -1.75
CA SER A 21 5.47 0.04 -1.75
C SER A 21 4.55 -0.30 -2.94
N CYS A 22 5.00 -1.27 -3.76
CA CYS A 22 4.25 -1.74 -4.91
C CYS A 22 2.82 -2.09 -4.53
N MET A 23 1.86 -1.46 -5.19
CA MET A 23 0.43 -1.60 -4.87
C MET A 23 0.01 -3.06 -4.90
N TYR A 24 0.74 -3.89 -5.67
CA TYR A 24 0.47 -5.31 -5.74
C TYR A 24 1.64 -6.13 -5.21
N GLY A 25 2.76 -5.44 -4.92
CA GLY A 25 3.96 -6.12 -4.46
C GLY A 25 4.50 -7.09 -5.49
N ALA A 26 4.65 -8.34 -5.09
CA ALA A 26 5.18 -9.38 -5.97
C ALA A 26 4.08 -9.93 -6.88
N ASN A 27 2.84 -9.55 -6.61
CA ASN A 27 1.69 -10.10 -7.35
C ASN A 27 1.56 -9.47 -8.72
N CYS A 28 1.99 -8.22 -8.82
CA CYS A 28 2.00 -7.52 -10.10
C CYS A 28 2.98 -8.18 -11.06
N TYR A 29 2.46 -8.74 -12.14
CA TYR A 29 3.27 -9.48 -13.10
C TYR A 29 4.08 -8.55 -13.98
N ARG A 30 3.96 -7.24 -13.70
CA ARG A 30 4.80 -6.24 -14.35
C ARG A 30 6.25 -6.43 -13.93
N LYS A 31 7.12 -6.59 -14.90
CA LYS A 31 8.55 -6.86 -14.65
C LYS A 31 9.41 -5.84 -15.38
N ASN A 32 8.75 -4.90 -16.03
CA ASN A 32 9.42 -3.76 -16.65
C ASN A 32 10.12 -2.95 -15.56
N PRO A 33 11.33 -2.45 -15.83
CA PRO A 33 12.15 -1.72 -14.84
C PRO A 33 11.44 -0.47 -14.33
N VAL A 34 10.56 0.06 -15.15
CA VAL A 34 9.79 1.25 -14.79
C VAL A 34 8.89 0.95 -13.61
N HIS A 35 8.33 -0.26 -13.55
CA HIS A 35 7.47 -0.65 -12.43
C HIS A 35 8.26 -0.56 -11.10
N PHE A 36 9.57 -0.73 -11.20
CA PHE A 36 10.44 -0.73 -10.02
C PHE A 36 11.10 0.63 -9.80
N GLN A 37 10.94 1.55 -10.74
CA GLN A 37 11.60 2.86 -10.64
C GLN A 37 10.77 3.82 -9.78
N HIS A 38 9.50 3.48 -9.58
CA HIS A 38 8.62 4.29 -8.71
C HIS A 38 7.95 3.43 -7.63
N PHE A 39 7.94 2.10 -7.79
CA PHE A 39 7.43 1.20 -6.75
C PHE A 39 8.45 0.15 -6.33
N SER A 40 8.69 0.05 -5.02
CA SER A 40 9.58 -0.95 -4.44
C SER A 40 8.84 -2.28 -4.33
N HIS A 41 9.58 -3.36 -4.10
CA HIS A 41 8.98 -4.70 -4.07
C HIS A 41 9.54 -5.50 -2.91
N PRO A 42 8.83 -6.55 -2.46
CA PRO A 42 9.26 -7.37 -1.32
C PRO A 42 10.67 -7.91 -1.54
N GLY A 43 11.64 -7.23 -0.96
CA GLY A 43 13.05 -7.56 -1.17
C GLY A 43 13.82 -6.38 -1.75
N ASP A 44 13.25 -5.17 -1.63
CA ASP A 44 13.90 -3.96 -2.11
C ASP A 44 14.18 -3.01 -0.95
N SER A 45 15.23 -2.22 -1.11
CA SER A 45 15.68 -1.30 -0.06
C SER A 45 14.58 -0.34 0.34
N ASP A 46 13.79 0.09 -0.64
CA ASP A 46 12.79 1.14 -0.42
C ASP A 46 11.44 0.55 -0.06
N TYR A 47 11.43 -0.75 0.19
CA TYR A 47 10.19 -1.43 0.56
C TYR A 47 10.12 -1.57 2.07
N GLY A 48 8.90 -1.51 2.62
CA GLY A 48 8.73 -1.66 4.06
C GLY A 48 7.41 -1.12 4.55
N GLY A 49 6.35 -1.39 3.80
CA GLY A 49 5.02 -0.88 4.15
C GLY A 49 5.02 0.62 4.23
N VAL A 50 5.69 1.26 3.28
CA VAL A 50 5.85 2.70 3.28
C VAL A 50 4.60 3.35 2.71
N GLN A 51 3.77 2.53 2.09
CA GLN A 51 2.46 2.95 1.59
C GLN A 51 1.47 1.81 1.89
N ILE A 52 0.34 2.15 2.51
CA ILE A 52 -0.71 1.19 2.81
C ILE A 52 -1.03 0.33 1.57
N VAL A 53 -1.17 1.00 0.42
CA VAL A 53 -1.44 0.33 -0.85
C VAL A 53 -0.21 -0.47 -1.25
N GLY A 54 -0.31 -1.78 -1.11
CA GLY A 54 0.82 -2.66 -1.38
C GLY A 54 0.66 -3.97 -0.66
N GLN A 55 0.35 -3.91 0.63
CA GLN A 55 0.12 -5.10 1.45
C GLN A 55 -1.31 -5.11 1.98
N ASP A 56 -1.79 -3.97 2.43
CA ASP A 56 -3.19 -3.80 2.84
C ASP A 56 -3.50 -2.33 3.07
N GLU A 57 -4.66 -1.91 2.58
CA GLU A 57 -5.14 -0.53 2.68
C GLU A 57 -6.61 -0.50 3.04
N THR A 58 -7.11 -1.60 3.63
CA THR A 58 -8.51 -1.73 3.96
C THR A 58 -8.68 -2.12 5.44
N ASP A 59 -8.34 -3.37 5.73
CA ASP A 59 -8.58 -3.97 7.04
C ASP A 59 -8.29 -5.46 6.94
N ASP A 60 -8.91 -6.08 5.93
CA ASP A 60 -8.79 -7.50 5.64
C ASP A 60 -9.61 -7.87 4.40
N ARG A 61 -10.66 -7.07 4.17
CA ARG A 61 -11.65 -7.43 3.17
C ARG A 61 -12.14 -6.17 2.45
N PRO A 62 -12.73 -6.34 1.24
CA PRO A 62 -13.26 -5.19 0.49
C PRO A 62 -14.55 -4.65 1.10
N GLU A 63 -14.89 -3.41 0.79
CA GLU A 63 -16.12 -2.82 1.27
C GLU A 63 -17.32 -3.38 0.54
N CYS A 64 -18.48 -3.34 1.19
CA CYS A 64 -19.71 -3.77 0.60
C CYS A 64 -20.04 -2.91 -0.64
N PRO A 65 -20.43 -3.55 -1.76
CA PRO A 65 -20.73 -2.82 -3.01
C PRO A 65 -21.96 -1.92 -2.90
N TYR A 66 -22.68 -2.04 -1.79
CA TYR A 66 -23.85 -1.22 -1.50
C TYR A 66 -23.60 -0.38 -0.25
N GLY A 67 -22.35 -0.33 0.19
CA GLY A 67 -21.96 0.45 1.36
C GLY A 67 -22.72 0.03 2.61
N PRO A 68 -22.89 0.94 3.59
CA PRO A 68 -23.72 0.70 4.78
C PRO A 68 -25.23 0.72 4.46
N SER A 69 -25.56 1.25 3.28
CA SER A 69 -26.94 1.24 2.77
C SER A 69 -27.34 -0.20 2.40
N CYS A 70 -26.32 -1.07 2.34
CA CYS A 70 -26.49 -2.47 2.01
C CYS A 70 -27.57 -3.13 2.84
N TYR A 71 -28.39 -3.96 2.18
CA TYR A 71 -29.48 -4.67 2.83
C TYR A 71 -29.54 -6.10 2.30
N ARG A 72 -28.43 -6.57 1.73
CA ARG A 72 -28.34 -7.92 1.19
C ARG A 72 -28.50 -8.95 2.31
N LYS A 73 -29.69 -9.55 2.36
CA LYS A 73 -30.02 -10.55 3.39
C LYS A 73 -29.10 -11.77 3.28
N ASN A 74 -28.04 -11.80 4.07
CA ASN A 74 -27.13 -12.94 4.11
C ASN A 74 -26.02 -12.71 5.15
N PRO A 75 -25.88 -13.61 6.14
CA PRO A 75 -24.87 -13.50 7.18
C PRO A 75 -23.45 -13.56 6.61
N GLN A 76 -23.24 -14.42 5.60
CA GLN A 76 -21.93 -14.58 4.98
C GLN A 76 -21.50 -13.29 4.28
N HIS A 77 -22.49 -12.57 3.75
CA HIS A 77 -22.21 -11.30 3.06
C HIS A 77 -21.46 -10.34 3.98
N LYS A 78 -22.09 -10.00 5.11
CA LYS A 78 -21.48 -9.07 6.09
C LYS A 78 -20.15 -9.60 6.62
N ILE A 79 -19.91 -10.88 6.46
CA ILE A 79 -18.63 -11.50 6.86
C ILE A 79 -17.53 -11.15 5.87
N GLU A 80 -17.85 -11.23 4.58
CA GLU A 80 -16.87 -11.05 3.53
C GLU A 80 -16.63 -9.57 3.24
N TYR A 81 -17.71 -8.79 3.23
CA TYR A 81 -17.64 -7.38 2.88
C TYR A 81 -17.80 -6.51 4.14
N ARG A 82 -16.88 -5.57 4.33
CA ARG A 82 -16.94 -4.69 5.49
C ARG A 82 -17.85 -3.51 5.21
N HIS A 83 -18.94 -3.44 5.98
CA HIS A 83 -19.90 -2.35 5.87
C HIS A 83 -19.52 -1.23 6.82
N ASN A 84 -18.65 -0.35 6.35
CA ASN A 84 -18.15 0.76 7.14
C ASN A 84 -19.26 1.78 7.35
N THR A 85 -19.82 1.77 8.57
CA THR A 85 -20.99 2.55 8.87
C THR A 85 -20.66 3.65 9.88
N LEU A 86 -21.53 4.65 9.93
CA LEU A 86 -21.38 5.77 10.84
C LEU A 86 -22.73 6.08 11.49
N PRO A 87 -22.74 6.75 12.68
CA PRO A 87 -23.99 7.00 13.42
C PRO A 87 -24.98 7.84 12.60
N VAL A 88 -24.45 8.86 11.93
CA VAL A 88 -25.23 9.75 11.04
C VAL A 88 -26.50 10.31 11.73
N ARG A 89 -26.57 10.20 13.06
CA ARG A 89 -27.76 10.64 13.77
C ARG A 89 -27.83 12.16 13.74
N ASN A 90 -29.02 12.69 13.42
CA ASN A 90 -29.22 14.11 13.33
C ASN A 90 -29.25 14.76 14.71
N VAL A 91 -28.06 15.09 15.19
CA VAL A 91 -27.90 15.74 16.49
C VAL A 91 -27.92 17.26 16.33
ZN ZN B . 5.35 -5.16 -8.83
ZN ZN C . -23.50 -5.43 2.11
N GLY A 1 50.23 1.08 8.98
CA GLY A 1 50.26 2.12 7.95
C GLY A 1 49.16 3.15 8.15
N SER A 2 48.01 2.96 7.50
CA SER A 2 46.91 3.89 7.55
C SER A 2 45.58 3.23 7.16
N LYS A 3 44.59 3.29 8.05
CA LYS A 3 43.26 2.83 7.74
C LYS A 3 42.32 4.04 7.67
N ALA A 4 41.88 4.39 6.47
CA ALA A 4 40.97 5.50 6.29
C ALA A 4 39.56 4.99 5.99
N THR A 5 38.70 5.03 7.00
CA THR A 5 37.33 4.56 6.86
C THR A 5 36.52 5.51 6.01
N ASP A 6 35.82 4.97 5.01
CA ASP A 6 35.03 5.78 4.07
C ASP A 6 33.64 6.01 4.60
N SER A 7 33.25 7.26 4.74
CA SER A 7 31.93 7.61 5.25
C SER A 7 30.86 7.33 4.20
N VAL A 8 29.62 7.48 4.58
CA VAL A 8 28.48 7.22 3.66
C VAL A 8 27.57 8.44 3.60
N LEU A 9 27.46 9.02 2.44
CA LEU A 9 26.52 10.14 2.17
C LEU A 9 25.39 9.66 1.26
N GLN A 10 25.67 8.57 0.50
CA GLN A 10 24.68 8.01 -0.39
C GLN A 10 23.51 7.50 0.42
N GLY A 11 22.46 8.33 0.46
CA GLY A 11 21.31 8.00 1.28
C GLY A 11 20.63 9.27 1.73
N SER A 12 21.45 10.27 2.08
CA SER A 12 20.97 11.60 2.38
C SER A 12 20.75 12.36 1.08
N GLU A 13 19.57 12.23 0.52
CA GLU A 13 19.26 12.72 -0.81
C GLU A 13 17.95 13.52 -0.82
N GLY A 14 17.70 14.24 0.27
CA GLY A 14 16.50 15.03 0.39
C GLY A 14 15.29 14.16 0.65
N ASN A 15 14.80 13.50 -0.41
CA ASN A 15 13.66 12.60 -0.27
C ASN A 15 14.03 11.40 0.62
N LYS A 16 13.02 10.82 1.27
CA LYS A 16 13.25 9.72 2.19
C LYS A 16 13.12 8.39 1.45
N VAL A 17 12.01 8.24 0.72
CA VAL A 17 11.77 7.09 -0.11
C VAL A 17 11.85 7.49 -1.58
N LYS A 18 12.46 6.61 -2.37
CA LYS A 18 12.64 6.84 -3.80
C LYS A 18 11.57 6.10 -4.56
N ARG A 19 11.06 5.05 -3.93
CA ARG A 19 9.91 4.30 -4.47
C ARG A 19 8.80 4.20 -3.44
N THR A 20 7.60 3.95 -3.94
CA THR A 20 6.44 3.69 -3.15
C THR A 20 6.18 2.18 -3.14
N SER A 21 5.79 1.62 -2.00
CA SER A 21 5.53 0.18 -1.91
C SER A 21 4.50 -0.24 -2.98
N CYS A 22 4.89 -1.21 -3.85
CA CYS A 22 4.02 -1.71 -4.90
C CYS A 22 2.66 -2.08 -4.33
N MET A 23 1.62 -1.48 -4.88
CA MET A 23 0.25 -1.68 -4.40
C MET A 23 -0.16 -3.16 -4.51
N TYR A 24 0.58 -3.91 -5.33
CA TYR A 24 0.32 -5.34 -5.49
C TYR A 24 1.48 -6.17 -4.91
N GLY A 25 2.59 -5.49 -4.58
CA GLY A 25 3.76 -6.19 -4.10
C GLY A 25 4.34 -7.09 -5.17
N ALA A 26 4.60 -8.33 -4.80
CA ALA A 26 5.16 -9.31 -5.73
C ALA A 26 4.09 -9.81 -6.70
N ASN A 27 2.82 -9.49 -6.41
CA ASN A 27 1.69 -10.01 -7.18
C ASN A 27 1.48 -9.25 -8.48
N CYS A 28 2.17 -8.12 -8.65
CA CYS A 28 2.07 -7.35 -9.88
C CYS A 28 2.83 -8.04 -11.02
N TYR A 29 2.18 -8.15 -12.18
CA TYR A 29 2.72 -8.89 -13.31
C TYR A 29 3.69 -8.04 -14.13
N ARG A 30 4.12 -6.92 -13.55
CA ARG A 30 5.07 -6.02 -14.22
C ARG A 30 6.49 -6.31 -13.73
N LYS A 31 7.36 -6.66 -14.68
CA LYS A 31 8.76 -7.02 -14.38
C LYS A 31 9.69 -5.92 -14.85
N ASN A 32 9.20 -5.13 -15.80
CA ASN A 32 9.92 -3.98 -16.35
C ASN A 32 10.57 -3.14 -15.23
N PRO A 33 11.83 -2.71 -15.42
CA PRO A 33 12.59 -1.96 -14.40
C PRO A 33 11.89 -0.67 -13.99
N VAL A 34 11.03 -0.16 -14.88
CA VAL A 34 10.30 1.06 -14.61
C VAL A 34 9.28 0.83 -13.50
N HIS A 35 8.68 -0.35 -13.42
CA HIS A 35 7.72 -0.65 -12.35
C HIS A 35 8.43 -0.60 -10.99
N PHE A 36 9.77 -0.71 -11.02
CA PHE A 36 10.58 -0.71 -9.80
C PHE A 36 11.16 0.68 -9.52
N GLN A 37 10.98 1.61 -10.46
CA GLN A 37 11.54 2.95 -10.30
C GLN A 37 10.56 3.86 -9.55
N HIS A 38 9.30 3.48 -9.54
CA HIS A 38 8.25 4.20 -8.79
C HIS A 38 7.58 3.30 -7.76
N PHE A 39 7.76 1.98 -7.88
CA PHE A 39 7.26 1.06 -6.84
C PHE A 39 8.30 0.04 -6.45
N SER A 40 8.56 -0.06 -5.15
CA SER A 40 9.45 -1.07 -4.59
C SER A 40 8.70 -2.39 -4.46
N HIS A 41 9.44 -3.48 -4.35
CA HIS A 41 8.86 -4.83 -4.26
C HIS A 41 9.59 -5.64 -3.19
N PRO A 42 8.97 -6.69 -2.64
CA PRO A 42 9.54 -7.49 -1.55
C PRO A 42 10.98 -7.89 -1.84
N GLY A 43 11.92 -7.18 -1.24
CA GLY A 43 13.34 -7.44 -1.47
C GLY A 43 14.07 -6.22 -2.00
N ASP A 44 13.35 -5.13 -2.17
CA ASP A 44 13.95 -3.86 -2.64
C ASP A 44 14.33 -2.99 -1.44
N SER A 45 15.38 -2.20 -1.60
CA SER A 45 15.93 -1.38 -0.52
C SER A 45 14.90 -0.33 -0.03
N ASP A 46 13.89 0.00 -0.85
CA ASP A 46 12.91 1.02 -0.51
C ASP A 46 11.59 0.42 -0.03
N TYR A 47 11.50 -0.90 -0.05
CA TYR A 47 10.24 -1.56 0.23
C TYR A 47 9.94 -1.61 1.72
N GLY A 48 8.79 -1.05 2.10
CA GLY A 48 8.33 -1.11 3.48
C GLY A 48 7.03 -1.85 3.58
N GLY A 49 6.22 -1.78 2.54
CA GLY A 49 4.92 -2.46 2.50
C GLY A 49 3.95 -1.80 3.47
N VAL A 50 4.13 -0.51 3.68
CA VAL A 50 3.38 0.27 4.66
C VAL A 50 2.06 0.77 4.08
N GLN A 51 1.86 0.56 2.78
CA GLN A 51 0.67 1.03 2.09
C GLN A 51 -0.47 0.01 2.28
N ILE A 52 -1.66 0.52 2.66
CA ILE A 52 -2.86 -0.31 2.82
C ILE A 52 -3.04 -1.24 1.62
N VAL A 53 -2.91 -0.67 0.40
CA VAL A 53 -2.97 -1.50 -0.80
C VAL A 53 -1.64 -2.22 -0.97
N GLY A 54 -1.68 -3.52 -0.77
CA GLY A 54 -0.47 -4.33 -0.78
C GLY A 54 -0.41 -5.22 0.44
N GLN A 55 -0.77 -4.66 1.60
CA GLN A 55 -0.82 -5.42 2.86
C GLN A 55 -2.27 -5.86 3.15
N ASP A 56 -3.19 -4.91 3.13
CA ASP A 56 -4.60 -5.17 3.45
C ASP A 56 -5.43 -3.94 3.09
N GLU A 57 -6.35 -4.13 2.17
CA GLU A 57 -7.05 -3.04 1.48
C GLU A 57 -8.33 -2.63 2.20
N THR A 58 -8.53 -3.11 3.42
CA THR A 58 -9.74 -2.80 4.14
C THR A 58 -9.82 -1.31 4.48
N ASP A 59 -11.00 -0.86 4.91
CA ASP A 59 -11.26 0.56 5.18
C ASP A 59 -10.43 1.05 6.37
N ASP A 60 -9.85 0.09 7.10
CA ASP A 60 -8.92 0.37 8.21
C ASP A 60 -9.67 0.72 9.48
N ARG A 61 -10.45 -0.25 9.97
CA ARG A 61 -11.21 -0.14 11.22
C ARG A 61 -11.95 -1.45 11.46
N PRO A 62 -12.26 -1.79 12.72
CA PRO A 62 -12.97 -3.03 13.06
C PRO A 62 -14.38 -3.02 12.49
N GLU A 63 -14.92 -4.22 12.25
CA GLU A 63 -16.28 -4.35 11.77
C GLU A 63 -17.24 -4.08 12.93
N CYS A 64 -18.48 -3.77 12.60
CA CYS A 64 -19.49 -3.49 13.60
C CYS A 64 -19.65 -4.67 14.55
N PRO A 65 -19.71 -4.43 15.87
CA PRO A 65 -19.83 -5.51 16.86
C PRO A 65 -21.18 -6.25 16.73
N TYR A 66 -22.14 -5.62 16.09
CA TYR A 66 -23.44 -6.21 15.86
C TYR A 66 -23.48 -6.90 14.49
N GLY A 67 -22.40 -6.73 13.73
CA GLY A 67 -22.35 -7.20 12.35
C GLY A 67 -23.16 -6.30 11.43
N PRO A 68 -23.51 -6.77 10.22
CA PRO A 68 -24.32 -5.99 9.26
C PRO A 68 -25.78 -5.89 9.71
N SER A 69 -26.17 -6.70 10.70
CA SER A 69 -27.52 -6.64 11.26
C SER A 69 -27.68 -5.41 12.14
N CYS A 70 -26.55 -4.75 12.38
CA CYS A 70 -26.52 -3.52 13.16
C CYS A 70 -27.55 -2.51 12.65
N TYR A 71 -28.50 -2.17 13.49
CA TYR A 71 -29.50 -1.16 13.18
C TYR A 71 -29.21 0.12 13.93
N ARG A 72 -28.06 0.16 14.58
CA ARG A 72 -27.57 1.35 15.26
C ARG A 72 -27.28 2.42 14.22
N LYS A 73 -28.09 3.45 14.19
CA LYS A 73 -28.03 4.47 13.11
C LYS A 73 -27.28 5.74 13.56
N ASN A 74 -26.49 5.65 14.61
CA ASN A 74 -25.64 6.75 15.00
C ASN A 74 -24.55 6.94 13.94
N PRO A 75 -24.39 8.15 13.38
CA PRO A 75 -23.42 8.41 12.33
C PRO A 75 -22.00 8.05 12.77
N GLN A 76 -21.67 8.39 14.02
CA GLN A 76 -20.32 8.17 14.56
C GLN A 76 -20.05 6.67 14.61
N HIS A 77 -21.06 5.91 14.97
CA HIS A 77 -20.95 4.46 15.04
C HIS A 77 -20.56 3.89 13.68
N LYS A 78 -21.32 4.28 12.69
CA LYS A 78 -21.09 3.88 11.30
C LYS A 78 -19.69 4.29 10.82
N ILE A 79 -19.22 5.40 11.37
CA ILE A 79 -17.89 5.91 11.03
C ILE A 79 -16.79 5.02 11.61
N GLU A 80 -16.97 4.59 12.87
CA GLU A 80 -15.96 3.81 13.55
C GLU A 80 -15.90 2.36 13.07
N TYR A 81 -17.07 1.77 12.80
CA TYR A 81 -17.15 0.33 12.50
C TYR A 81 -17.60 0.04 11.08
N ARG A 82 -17.15 -1.09 10.56
CA ARG A 82 -17.48 -1.52 9.19
C ARG A 82 -18.67 -2.47 9.20
N HIS A 83 -19.71 -2.15 8.47
CA HIS A 83 -20.89 -2.99 8.36
C HIS A 83 -20.83 -3.80 7.06
N ASN A 84 -20.15 -4.94 7.10
CA ASN A 84 -19.96 -5.77 5.92
C ASN A 84 -20.82 -7.02 6.03
N THR A 85 -21.21 -7.56 4.89
CA THR A 85 -22.07 -8.73 4.84
C THR A 85 -21.22 -9.98 4.63
N LEU A 86 -21.66 -11.10 5.18
CA LEU A 86 -20.94 -12.35 5.03
C LEU A 86 -21.91 -13.54 5.04
N PRO A 87 -21.51 -14.69 4.46
CA PRO A 87 -22.39 -15.86 4.30
C PRO A 87 -22.90 -16.41 5.64
N VAL A 88 -22.12 -16.21 6.70
CA VAL A 88 -22.47 -16.66 8.07
C VAL A 88 -22.96 -18.13 8.07
N ARG A 89 -22.43 -18.93 7.15
CA ARG A 89 -22.85 -20.32 6.99
C ARG A 89 -22.05 -21.22 7.94
N ASN A 90 -22.55 -22.43 8.16
CA ASN A 90 -21.92 -23.40 9.06
C ASN A 90 -21.84 -22.81 10.48
N VAL A 91 -22.94 -22.19 10.90
CA VAL A 91 -23.11 -21.62 12.24
C VAL A 91 -21.87 -20.83 12.66
ZN ZN B . 4.71 -4.21 -8.47
ZN ZN C . -23.80 -0.49 13.09
N GLY A 1 35.53 -12.83 -8.52
CA GLY A 1 35.90 -12.06 -9.73
C GLY A 1 34.76 -11.13 -10.16
N SER A 2 33.71 -11.71 -10.74
CA SER A 2 32.56 -10.94 -11.23
C SER A 2 31.88 -10.18 -10.09
N LYS A 3 32.14 -8.88 -10.00
CA LYS A 3 31.54 -7.99 -9.01
C LYS A 3 31.27 -6.63 -9.62
N ALA A 4 30.05 -6.43 -10.11
CA ALA A 4 29.65 -5.18 -10.74
C ALA A 4 28.15 -5.18 -10.97
N THR A 5 27.43 -4.38 -10.17
CA THR A 5 25.99 -4.30 -10.27
C THR A 5 25.59 -3.57 -11.56
N ASP A 6 24.35 -3.75 -11.97
CA ASP A 6 23.82 -3.07 -13.16
C ASP A 6 23.86 -1.56 -12.94
N SER A 7 24.50 -0.85 -13.86
CA SER A 7 24.66 0.62 -13.76
C SER A 7 23.29 1.32 -13.69
N VAL A 8 22.87 1.65 -12.47
CA VAL A 8 21.61 2.31 -12.24
C VAL A 8 21.67 3.76 -12.69
N LEU A 9 21.33 3.99 -13.95
CA LEU A 9 21.36 5.34 -14.55
C LEU A 9 20.02 6.03 -14.45
N GLN A 10 19.16 5.51 -13.56
CA GLN A 10 17.79 5.99 -13.43
C GLN A 10 17.74 7.49 -13.17
N GLY A 11 17.46 8.27 -14.21
CA GLY A 11 17.42 9.70 -14.09
C GLY A 11 16.06 10.20 -13.63
N SER A 12 15.73 9.96 -12.37
CA SER A 12 14.43 10.34 -11.83
C SER A 12 14.61 11.09 -10.52
N GLU A 13 14.66 12.43 -10.64
CA GLU A 13 14.73 13.32 -9.50
C GLU A 13 13.39 14.03 -9.33
N GLY A 14 13.13 14.49 -8.12
CA GLY A 14 11.85 15.10 -7.79
C GLY A 14 10.99 14.15 -6.99
N ASN A 15 11.64 13.49 -6.03
CA ASN A 15 11.02 12.42 -5.28
C ASN A 15 10.84 12.80 -3.81
N LYS A 16 9.64 12.53 -3.27
CA LYS A 16 9.39 12.66 -1.84
C LYS A 16 9.74 11.37 -1.16
N VAL A 17 9.69 10.28 -1.94
CA VAL A 17 10.25 8.97 -1.57
C VAL A 17 10.92 8.39 -2.83
N LYS A 18 11.91 7.52 -2.65
CA LYS A 18 12.61 6.92 -3.79
C LYS A 18 11.65 6.02 -4.52
N ARG A 19 11.00 5.15 -3.75
CA ARG A 19 9.96 4.28 -4.28
C ARG A 19 8.84 4.12 -3.26
N THR A 20 7.63 4.04 -3.74
CA THR A 20 6.49 3.77 -2.92
C THR A 20 6.16 2.28 -3.00
N SER A 21 5.74 1.67 -1.90
CA SER A 21 5.51 0.23 -1.88
C SER A 21 4.56 -0.22 -2.98
N CYS A 22 5.06 -1.14 -3.80
CA CYS A 22 4.28 -1.74 -4.87
C CYS A 22 2.94 -2.22 -4.31
N MET A 23 1.87 -1.52 -4.65
CA MET A 23 0.54 -1.84 -4.13
C MET A 23 0.20 -3.31 -4.42
N TYR A 24 0.79 -3.84 -5.47
CA TYR A 24 0.60 -5.24 -5.84
C TYR A 24 1.71 -6.11 -5.23
N GLY A 25 2.78 -5.46 -4.79
CA GLY A 25 3.94 -6.18 -4.25
C GLY A 25 4.60 -7.00 -5.35
N ALA A 26 4.78 -8.29 -5.09
CA ALA A 26 5.34 -9.22 -6.06
C ALA A 26 4.24 -9.87 -6.90
N ASN A 27 3.01 -9.43 -6.69
CA ASN A 27 1.85 -9.99 -7.39
C ASN A 27 1.59 -9.28 -8.70
N CYS A 28 2.20 -8.12 -8.88
CA CYS A 28 2.05 -7.37 -10.12
C CYS A 28 2.75 -8.11 -11.27
N TYR A 29 2.03 -8.24 -12.39
CA TYR A 29 2.53 -8.95 -13.56
C TYR A 29 3.41 -8.02 -14.41
N ARG A 30 3.92 -6.98 -13.76
CA ARG A 30 4.85 -6.05 -14.39
C ARG A 30 6.28 -6.45 -14.05
N LYS A 31 7.06 -6.69 -15.11
CA LYS A 31 8.45 -7.14 -14.96
C LYS A 31 9.38 -5.99 -15.35
N ASN A 32 8.85 -5.11 -16.20
CA ASN A 32 9.56 -3.93 -16.66
C ASN A 32 10.20 -3.16 -15.48
N PRO A 33 11.43 -2.65 -15.67
CA PRO A 33 12.16 -1.96 -14.61
C PRO A 33 11.47 -0.71 -14.16
N VAL A 34 10.63 -0.15 -15.03
CA VAL A 34 9.90 1.07 -14.73
C VAL A 34 8.89 0.85 -13.59
N HIS A 35 8.30 -0.35 -13.54
CA HIS A 35 7.41 -0.70 -12.46
C HIS A 35 8.14 -0.62 -11.13
N PHE A 36 9.40 -1.04 -11.15
CA PHE A 36 10.22 -1.11 -9.96
C PHE A 36 10.91 0.24 -9.68
N GLN A 37 10.98 1.11 -10.67
CA GLN A 37 11.70 2.38 -10.53
C GLN A 37 10.89 3.38 -9.68
N HIS A 38 9.57 3.28 -9.72
CA HIS A 38 8.72 4.15 -8.89
C HIS A 38 8.05 3.37 -7.75
N PHE A 39 8.03 2.05 -7.85
CA PHE A 39 7.48 1.20 -6.78
C PHE A 39 8.53 0.22 -6.28
N SER A 40 8.74 0.19 -4.97
CA SER A 40 9.63 -0.76 -4.33
C SER A 40 8.94 -2.11 -4.22
N HIS A 41 9.74 -3.17 -4.12
CA HIS A 41 9.21 -4.54 -4.08
C HIS A 41 9.82 -5.36 -2.95
N PRO A 42 9.13 -6.44 -2.54
CA PRO A 42 9.61 -7.32 -1.47
C PRO A 42 11.04 -7.80 -1.73
N GLY A 43 11.99 -7.20 -1.03
CA GLY A 43 13.40 -7.50 -1.22
C GLY A 43 14.20 -6.26 -1.63
N ASP A 44 13.50 -5.14 -1.76
CA ASP A 44 14.14 -3.87 -2.12
C ASP A 44 14.38 -3.03 -0.87
N SER A 45 15.42 -2.20 -0.92
CA SER A 45 15.84 -1.38 0.21
C SER A 45 14.76 -0.36 0.62
N ASP A 46 13.95 0.07 -0.35
CA ASP A 46 12.99 1.14 -0.10
C ASP A 46 11.56 0.58 0.03
N TYR A 47 11.45 -0.72 0.22
CA TYR A 47 10.16 -1.35 0.41
C TYR A 47 9.73 -1.24 1.89
N GLY A 48 8.44 -1.15 2.14
CA GLY A 48 7.96 -0.97 3.50
C GLY A 48 6.69 -1.76 3.77
N GLY A 49 5.70 -1.59 2.88
CA GLY A 49 4.39 -2.19 3.13
C GLY A 49 3.68 -1.52 4.30
N VAL A 50 4.08 -0.26 4.55
CA VAL A 50 3.50 0.53 5.63
C VAL A 50 2.55 1.57 5.06
N GLN A 51 2.22 1.44 3.78
CA GLN A 51 1.37 2.36 3.07
C GLN A 51 -0.02 1.75 2.87
N ILE A 52 -1.07 2.55 2.99
CA ILE A 52 -2.42 2.09 2.71
C ILE A 52 -2.47 1.48 1.33
N VAL A 53 -1.86 2.15 0.36
CA VAL A 53 -1.75 1.60 -0.97
C VAL A 53 -0.81 0.40 -0.95
N GLY A 54 -1.38 -0.80 -0.78
CA GLY A 54 -0.59 -2.01 -0.66
C GLY A 54 -1.21 -2.96 0.32
N GLN A 55 -1.49 -2.47 1.53
CA GLN A 55 -2.13 -3.27 2.57
C GLN A 55 -3.64 -3.14 2.49
N ASP A 56 -4.10 -1.91 2.36
CA ASP A 56 -5.54 -1.60 2.28
C ASP A 56 -5.71 -0.10 2.09
N GLU A 57 -6.34 0.26 1.00
CA GLU A 57 -6.40 1.63 0.55
C GLU A 57 -7.57 2.38 1.17
N THR A 58 -8.67 1.69 1.35
CA THR A 58 -9.92 2.30 1.79
C THR A 58 -10.58 1.46 2.88
N ASP A 59 -11.07 2.13 3.92
CA ASP A 59 -11.85 1.47 4.96
C ASP A 59 -12.96 0.61 4.33
N ASP A 60 -13.80 1.28 3.58
CA ASP A 60 -14.87 0.61 2.80
C ASP A 60 -15.10 1.40 1.52
N ARG A 61 -15.14 2.72 1.68
CA ARG A 61 -15.41 3.64 0.58
C ARG A 61 -14.25 4.61 0.45
N PRO A 62 -14.16 5.36 -0.67
CA PRO A 62 -13.13 6.39 -0.83
C PRO A 62 -13.42 7.62 0.03
N GLU A 63 -12.37 8.26 0.51
CA GLU A 63 -12.47 9.49 1.28
C GLU A 63 -13.11 10.60 0.44
N CYS A 64 -13.72 11.57 1.12
CA CYS A 64 -14.33 12.71 0.46
C CYS A 64 -13.21 13.55 -0.18
N PRO A 65 -13.42 14.03 -1.43
CA PRO A 65 -12.39 14.76 -2.20
C PRO A 65 -11.82 15.96 -1.42
N TYR A 66 -12.68 16.61 -0.61
CA TYR A 66 -12.30 17.80 0.14
C TYR A 66 -12.03 17.46 1.60
N GLY A 67 -12.02 16.15 1.91
CA GLY A 67 -11.76 15.69 3.27
C GLY A 67 -12.89 15.99 4.23
N PRO A 68 -12.61 16.14 5.53
CA PRO A 68 -13.62 16.52 6.52
C PRO A 68 -14.10 17.96 6.31
N SER A 69 -13.29 18.73 5.59
CA SER A 69 -13.63 20.12 5.25
C SER A 69 -14.78 20.13 4.26
N CYS A 70 -14.99 19.01 3.58
CA CYS A 70 -16.07 18.88 2.61
C CYS A 70 -17.42 19.21 3.26
N TYR A 71 -18.04 20.27 2.78
CA TYR A 71 -19.35 20.71 3.28
C TYR A 71 -20.42 20.44 2.24
N ARG A 72 -20.09 19.59 1.26
CA ARG A 72 -21.05 19.13 0.27
C ARG A 72 -22.27 18.54 0.97
N LYS A 73 -23.26 19.39 1.17
CA LYS A 73 -24.45 19.05 1.94
C LYS A 73 -25.39 18.15 1.12
N ASN A 74 -25.04 16.88 1.09
CA ASN A 74 -25.88 15.86 0.46
C ASN A 74 -25.62 14.52 1.16
N PRO A 75 -26.68 13.89 1.69
CA PRO A 75 -26.53 12.66 2.46
C PRO A 75 -25.96 11.53 1.59
N GLN A 76 -26.30 11.51 0.29
CA GLN A 76 -25.83 10.47 -0.63
C GLN A 76 -24.32 10.62 -0.83
N HIS A 77 -23.87 11.86 -0.91
CA HIS A 77 -22.46 12.17 -1.04
C HIS A 77 -21.71 11.62 0.17
N LYS A 78 -22.19 12.00 1.34
CA LYS A 78 -21.61 11.58 2.61
C LYS A 78 -21.73 10.06 2.80
N ILE A 79 -22.55 9.41 1.99
CA ILE A 79 -22.70 7.95 2.03
C ILE A 79 -21.64 7.27 1.16
N GLU A 80 -21.45 7.77 -0.04
CA GLU A 80 -20.47 7.17 -0.96
C GLU A 80 -19.04 7.53 -0.58
N TYR A 81 -18.87 8.70 0.02
CA TYR A 81 -17.56 9.22 0.42
C TYR A 81 -17.46 9.28 1.93
N ARG A 82 -16.31 8.87 2.47
CA ARG A 82 -16.06 8.91 3.91
C ARG A 82 -15.34 10.19 4.29
N HIS A 83 -15.88 10.87 5.30
CA HIS A 83 -15.28 12.10 5.82
C HIS A 83 -14.61 11.82 7.17
N ASN A 84 -13.35 11.37 7.11
CA ASN A 84 -12.63 10.94 8.31
C ASN A 84 -12.29 12.11 9.22
N THR A 85 -12.52 11.92 10.52
CA THR A 85 -12.25 12.95 11.53
C THR A 85 -11.55 12.35 12.73
N LEU A 86 -11.13 13.21 13.66
CA LEU A 86 -10.51 12.78 14.92
C LEU A 86 -11.05 13.60 16.08
N PRO A 87 -11.18 13.00 17.28
CA PRO A 87 -11.78 13.65 18.45
C PRO A 87 -10.99 14.89 18.89
N VAL A 88 -9.67 14.77 18.94
CA VAL A 88 -8.75 15.85 19.36
C VAL A 88 -9.21 16.53 20.68
N ARG A 89 -9.93 15.79 21.51
CA ARG A 89 -10.43 16.30 22.78
C ARG A 89 -9.44 15.98 23.90
N ASN A 90 -9.65 16.61 25.05
CA ASN A 90 -8.78 16.41 26.23
C ASN A 90 -7.44 17.11 26.07
N VAL A 91 -6.85 17.01 24.89
CA VAL A 91 -5.58 17.66 24.59
C VAL A 91 -5.75 19.17 24.40
ZN ZN B . 5.19 -4.68 -8.24
ZN ZN C . -18.10 15.54 1.54
N GLY A 1 30.17 21.72 -16.78
CA GLY A 1 29.40 22.97 -16.62
C GLY A 1 29.62 23.59 -15.25
N SER A 2 30.38 24.66 -15.20
CA SER A 2 30.71 25.32 -13.94
C SER A 2 29.51 26.09 -13.41
N LYS A 3 28.78 25.49 -12.45
CA LYS A 3 27.61 26.14 -11.85
C LYS A 3 27.76 26.17 -10.34
N ALA A 4 27.06 27.12 -9.70
CA ALA A 4 27.08 27.22 -8.25
C ALA A 4 26.10 26.24 -7.63
N THR A 5 26.24 24.96 -8.02
CA THR A 5 25.40 23.90 -7.51
C THR A 5 25.80 23.56 -6.09
N ASP A 6 24.87 23.71 -5.14
CA ASP A 6 25.11 23.37 -3.75
C ASP A 6 25.22 21.85 -3.60
N SER A 7 26.41 21.35 -3.35
CA SER A 7 26.66 19.92 -3.24
C SER A 7 26.30 19.45 -1.83
N VAL A 8 25.20 18.72 -1.72
CA VAL A 8 24.77 18.11 -0.46
C VAL A 8 24.61 16.60 -0.62
N LEU A 9 25.61 15.86 -0.15
CA LEU A 9 25.62 14.41 -0.29
C LEU A 9 25.02 13.75 0.94
N GLN A 10 24.70 14.56 1.93
CA GLN A 10 24.09 14.10 3.17
C GLN A 10 22.78 13.38 2.89
N GLY A 11 22.78 12.08 3.07
CA GLY A 11 21.60 11.26 2.82
C GLY A 11 21.28 11.21 1.33
N SER A 12 22.34 11.03 0.52
CA SER A 12 22.20 10.92 -0.94
C SER A 12 23.25 9.98 -1.51
N GLU A 13 22.80 8.80 -1.93
CA GLU A 13 23.67 7.81 -2.56
C GLU A 13 23.68 8.00 -4.07
N GLY A 14 22.62 8.63 -4.59
CA GLY A 14 22.49 8.86 -6.00
C GLY A 14 21.09 9.33 -6.34
N ASN A 15 20.11 8.85 -5.54
CA ASN A 15 18.73 9.29 -5.67
C ASN A 15 18.49 10.54 -4.83
N LYS A 16 17.30 11.10 -4.96
CA LYS A 16 16.86 12.19 -4.09
C LYS A 16 15.50 11.84 -3.49
N VAL A 17 15.00 10.66 -3.85
CA VAL A 17 13.74 10.11 -3.34
C VAL A 17 13.84 8.59 -3.32
N LYS A 18 12.80 7.95 -2.81
CA LYS A 18 12.71 6.48 -2.85
C LYS A 18 11.35 6.04 -3.36
N ARG A 19 11.22 4.75 -3.68
CA ARG A 19 9.99 4.21 -4.21
C ARG A 19 8.95 4.00 -3.13
N THR A 20 7.73 3.77 -3.57
CA THR A 20 6.62 3.48 -2.68
C THR A 20 6.18 2.03 -2.84
N SER A 21 5.43 1.53 -1.87
CA SER A 21 5.01 0.13 -1.83
C SER A 21 4.22 -0.26 -3.09
N CYS A 22 4.76 -1.20 -3.87
CA CYS A 22 4.05 -1.77 -5.01
C CYS A 22 2.68 -2.25 -4.57
N MET A 23 1.62 -1.66 -5.11
CA MET A 23 0.27 -1.90 -4.62
C MET A 23 -0.09 -3.38 -4.70
N TYR A 24 0.62 -4.13 -5.56
CA TYR A 24 0.44 -5.60 -5.65
C TYR A 24 1.67 -6.30 -5.08
N GLY A 25 2.77 -5.56 -4.90
CA GLY A 25 3.98 -6.16 -4.34
C GLY A 25 4.62 -7.08 -5.35
N ALA A 26 5.03 -8.26 -4.90
CA ALA A 26 5.64 -9.25 -5.79
C ALA A 26 4.58 -9.92 -6.65
N ASN A 27 3.33 -9.53 -6.44
CA ASN A 27 2.20 -10.13 -7.14
C ASN A 27 1.86 -9.38 -8.43
N CYS A 28 2.46 -8.21 -8.64
CA CYS A 28 2.28 -7.47 -9.87
C CYS A 28 3.05 -8.13 -11.00
N TYR A 29 2.35 -8.43 -12.09
CA TYR A 29 2.91 -9.14 -13.20
C TYR A 29 3.78 -8.23 -14.09
N ARG A 30 4.06 -7.04 -13.57
CA ARG A 30 4.89 -6.10 -14.27
C ARG A 30 6.34 -6.21 -13.78
N LYS A 31 7.23 -6.54 -14.69
CA LYS A 31 8.65 -6.73 -14.37
C LYS A 31 9.48 -5.79 -15.22
N ASN A 32 8.79 -4.90 -15.97
CA ASN A 32 9.42 -3.87 -16.75
C ASN A 32 10.14 -2.90 -15.81
N PRO A 33 11.39 -2.49 -16.16
CA PRO A 33 12.27 -1.72 -15.28
C PRO A 33 11.57 -0.51 -14.67
N VAL A 34 10.64 0.07 -15.43
CA VAL A 34 9.94 1.27 -15.00
C VAL A 34 9.07 0.97 -13.78
N HIS A 35 8.49 -0.22 -13.71
CA HIS A 35 7.62 -0.57 -12.57
C HIS A 35 8.38 -0.42 -11.26
N PHE A 36 9.69 -0.66 -11.30
CA PHE A 36 10.52 -0.64 -10.10
C PHE A 36 11.10 0.77 -9.82
N GLN A 37 10.96 1.68 -10.79
CA GLN A 37 11.57 3.01 -10.64
C GLN A 37 10.68 3.94 -9.80
N HIS A 38 9.44 3.53 -9.55
CA HIS A 38 8.52 4.31 -8.71
C HIS A 38 7.89 3.46 -7.62
N PHE A 39 7.83 2.14 -7.83
CA PHE A 39 7.32 1.22 -6.80
C PHE A 39 8.38 0.14 -6.46
N SER A 40 8.68 0.02 -5.16
CA SER A 40 9.53 -1.03 -4.64
C SER A 40 8.73 -2.29 -4.33
N HIS A 41 9.41 -3.40 -4.12
CA HIS A 41 8.77 -4.70 -3.94
C HIS A 41 9.34 -5.41 -2.71
N PRO A 42 8.59 -6.40 -2.15
CA PRO A 42 9.04 -7.16 -0.98
C PRO A 42 10.40 -7.81 -1.21
N GLY A 43 11.44 -7.16 -0.73
CA GLY A 43 12.81 -7.60 -0.95
C GLY A 43 13.70 -6.46 -1.35
N ASP A 44 13.09 -5.48 -2.01
CA ASP A 44 13.78 -4.26 -2.43
C ASP A 44 14.17 -3.45 -1.20
N SER A 45 15.34 -2.82 -1.27
CA SER A 45 15.91 -2.09 -0.12
C SER A 45 15.05 -0.88 0.28
N ASP A 46 14.17 -0.45 -0.62
CA ASP A 46 13.36 0.77 -0.40
C ASP A 46 11.91 0.42 -0.13
N TYR A 47 11.61 -0.87 0.03
CA TYR A 47 10.26 -1.31 0.33
C TYR A 47 10.01 -1.28 1.82
N GLY A 48 8.94 -0.63 2.24
CA GLY A 48 8.61 -0.51 3.65
C GLY A 48 7.22 -0.98 3.94
N GLY A 49 6.27 -0.59 3.10
CA GLY A 49 4.89 -0.93 3.29
C GLY A 49 4.17 0.09 4.13
N VAL A 50 4.65 1.32 4.12
CA VAL A 50 4.07 2.41 4.91
C VAL A 50 2.74 2.86 4.28
N GLN A 51 2.56 2.45 3.04
CA GLN A 51 1.30 2.68 2.33
C GLN A 51 0.28 1.66 2.71
N ILE A 52 -0.95 2.08 2.92
CA ILE A 52 -2.05 1.12 3.18
C ILE A 52 -2.18 0.11 2.06
N VAL A 53 -2.17 0.62 0.84
CA VAL A 53 -2.34 -0.22 -0.36
C VAL A 53 -1.06 -1.05 -0.62
N GLY A 54 -1.23 -2.36 -0.68
CA GLY A 54 -0.10 -3.27 -0.86
C GLY A 54 -0.02 -4.29 0.23
N GLN A 55 -0.58 -3.94 1.39
CA GLN A 55 -0.61 -4.82 2.55
C GLN A 55 -2.06 -5.00 3.02
N ASP A 56 -2.73 -3.87 3.26
CA ASP A 56 -4.14 -3.87 3.64
C ASP A 56 -4.68 -2.44 3.63
N GLU A 57 -5.78 -2.26 2.92
CA GLU A 57 -6.36 -0.93 2.69
C GLU A 57 -7.47 -0.61 3.70
N THR A 58 -7.96 -1.65 4.41
CA THR A 58 -9.10 -1.49 5.31
C THR A 58 -8.70 -0.87 6.65
N ASP A 59 -9.59 -0.07 7.20
CA ASP A 59 -9.40 0.49 8.54
C ASP A 59 -10.05 -0.43 9.58
N ASP A 60 -11.34 -0.67 9.40
CA ASP A 60 -12.09 -1.61 10.27
C ASP A 60 -12.87 -2.61 9.40
N ARG A 61 -13.17 -2.18 8.18
CA ARG A 61 -14.00 -2.95 7.26
C ARG A 61 -13.65 -2.55 5.83
N PRO A 62 -14.07 -3.32 4.82
CA PRO A 62 -13.80 -3.00 3.40
C PRO A 62 -14.54 -1.74 2.94
N GLU A 63 -13.90 -0.96 2.08
CA GLU A 63 -14.53 0.20 1.49
C GLU A 63 -15.65 -0.23 0.53
N CYS A 64 -16.65 0.62 0.38
CA CYS A 64 -17.77 0.34 -0.51
C CYS A 64 -17.28 0.23 -1.96
N PRO A 65 -17.77 -0.77 -2.71
CA PRO A 65 -17.36 -1.00 -4.11
C PRO A 65 -17.71 0.18 -5.03
N TYR A 66 -18.55 1.08 -4.53
CA TYR A 66 -18.94 2.29 -5.26
C TYR A 66 -18.35 3.53 -4.57
N GLY A 67 -17.47 3.30 -3.60
CA GLY A 67 -16.95 4.37 -2.76
C GLY A 67 -18.06 5.13 -2.06
N PRO A 68 -17.87 6.44 -1.79
CA PRO A 68 -18.90 7.28 -1.19
C PRO A 68 -19.95 7.73 -2.21
N SER A 69 -19.74 7.33 -3.47
CA SER A 69 -20.71 7.60 -4.54
C SER A 69 -21.78 6.50 -4.51
N CYS A 70 -21.60 5.54 -3.60
CA CYS A 70 -22.52 4.44 -3.43
C CYS A 70 -23.98 4.90 -3.32
N TYR A 71 -24.78 4.46 -4.27
CA TYR A 71 -26.22 4.75 -4.26
C TYR A 71 -26.99 3.47 -3.94
N ARG A 72 -26.27 2.45 -3.49
CA ARG A 72 -26.89 1.18 -3.12
C ARG A 72 -27.59 1.33 -1.78
N LYS A 73 -28.88 1.63 -1.82
CA LYS A 73 -29.67 1.88 -0.63
C LYS A 73 -30.07 0.59 0.07
N ASN A 74 -29.17 0.06 0.89
CA ASN A 74 -29.45 -1.09 1.73
C ASN A 74 -28.71 -0.94 3.05
N PRO A 75 -29.44 -0.98 4.18
CA PRO A 75 -28.84 -0.75 5.50
C PRO A 75 -27.74 -1.74 5.82
N GLN A 76 -27.91 -3.01 5.44
CA GLN A 76 -26.91 -4.03 5.74
C GLN A 76 -25.61 -3.73 5.00
N HIS A 77 -25.74 -3.28 3.75
CA HIS A 77 -24.60 -2.89 2.93
C HIS A 77 -23.80 -1.78 3.62
N LYS A 78 -24.53 -0.73 3.97
CA LYS A 78 -23.96 0.43 4.65
C LYS A 78 -23.35 0.07 6.00
N ILE A 79 -23.74 -1.10 6.51
CA ILE A 79 -23.23 -1.60 7.79
C ILE A 79 -21.90 -2.33 7.60
N GLU A 80 -21.80 -3.13 6.56
CA GLU A 80 -20.62 -3.97 6.33
C GLU A 80 -19.48 -3.14 5.74
N TYR A 81 -19.81 -2.33 4.74
CA TYR A 81 -18.83 -1.57 4.00
C TYR A 81 -18.73 -0.16 4.54
N ARG A 82 -17.52 0.40 4.51
CA ARG A 82 -17.31 1.77 4.93
C ARG A 82 -17.41 2.71 3.74
N HIS A 83 -18.37 3.61 3.80
CA HIS A 83 -18.52 4.64 2.80
C HIS A 83 -17.78 5.88 3.23
N ASN A 84 -16.45 5.84 3.04
CA ASN A 84 -15.59 6.97 3.40
C ASN A 84 -15.88 8.17 2.50
N THR A 85 -16.54 9.15 3.07
CA THR A 85 -16.97 10.32 2.33
C THR A 85 -15.83 11.29 2.21
N LEU A 86 -15.49 11.61 0.98
CA LEU A 86 -14.32 12.43 0.70
C LEU A 86 -14.67 13.91 0.74
N PRO A 87 -13.73 14.76 1.21
CA PRO A 87 -13.98 16.19 1.34
C PRO A 87 -14.09 16.91 -0.01
N VAL A 88 -13.35 16.40 -1.01
CA VAL A 88 -13.27 17.01 -2.36
C VAL A 88 -13.14 18.51 -2.25
N ARG A 89 -12.46 18.96 -1.19
CA ARG A 89 -12.20 20.36 -0.94
C ARG A 89 -10.87 20.78 -1.53
N ASN A 90 -10.70 22.08 -1.79
CA ASN A 90 -9.42 22.63 -2.20
C ASN A 90 -8.92 22.01 -3.51
N VAL A 91 -9.83 21.45 -4.29
CA VAL A 91 -9.46 20.83 -5.56
C VAL A 91 -10.46 21.22 -6.64
ZN ZN B . 5.26 -4.45 -8.45
ZN ZN C . -22.10 1.16 -0.99
N GLY A 1 41.08 -9.11 -19.01
CA GLY A 1 40.22 -8.22 -19.82
C GLY A 1 38.76 -8.59 -19.74
N SER A 2 37.95 -7.71 -19.16
CA SER A 2 36.51 -7.96 -19.04
C SER A 2 35.72 -7.04 -19.96
N LYS A 3 35.92 -5.75 -19.82
CA LYS A 3 35.20 -4.71 -20.59
C LYS A 3 33.70 -4.76 -20.31
N ALA A 4 33.29 -5.53 -19.31
CA ALA A 4 31.88 -5.57 -18.86
C ALA A 4 31.68 -4.44 -17.85
N THR A 5 31.57 -3.24 -18.37
CA THR A 5 31.53 -2.04 -17.53
C THR A 5 30.11 -1.65 -17.16
N ASP A 6 29.82 -1.65 -15.86
CA ASP A 6 28.51 -1.20 -15.36
C ASP A 6 28.68 0.09 -14.57
N SER A 7 27.73 1.00 -14.71
CA SER A 7 27.76 2.27 -14.00
C SER A 7 26.38 2.62 -13.45
N VAL A 8 26.36 3.36 -12.35
CA VAL A 8 25.11 3.76 -11.73
C VAL A 8 24.53 4.98 -12.44
N LEU A 9 23.72 4.72 -13.46
CA LEU A 9 23.08 5.79 -14.22
C LEU A 9 21.89 6.35 -13.46
N GLN A 10 21.42 5.59 -12.48
CA GLN A 10 20.34 6.04 -11.61
C GLN A 10 20.90 6.59 -10.30
N GLY A 11 20.03 6.75 -9.31
CA GLY A 11 20.45 7.27 -8.02
C GLY A 11 20.24 8.77 -7.95
N SER A 12 20.90 9.48 -8.87
CA SER A 12 20.69 10.91 -9.03
C SER A 12 19.47 11.11 -9.94
N GLU A 13 18.30 11.08 -9.34
CA GLU A 13 17.03 11.10 -10.10
C GLU A 13 16.55 12.54 -10.28
N GLY A 14 16.85 13.38 -9.29
CA GLY A 14 16.36 14.75 -9.29
C GLY A 14 15.09 14.87 -8.48
N ASN A 15 15.02 14.03 -7.45
CA ASN A 15 13.86 13.97 -6.55
C ASN A 15 14.29 13.27 -5.26
N LYS A 16 13.73 13.70 -4.14
CA LYS A 16 14.13 13.17 -2.83
C LYS A 16 13.47 11.82 -2.56
N VAL A 17 12.35 11.57 -3.22
CA VAL A 17 11.70 10.27 -3.15
C VAL A 17 12.34 9.31 -4.15
N LYS A 18 12.11 8.03 -3.97
CA LYS A 18 12.61 7.03 -4.90
C LYS A 18 11.52 6.07 -5.31
N ARG A 19 11.02 5.28 -4.36
CA ARG A 19 9.94 4.34 -4.62
C ARG A 19 9.02 4.22 -3.44
N THR A 20 7.86 3.62 -3.66
CA THR A 20 6.88 3.35 -2.61
C THR A 20 6.38 1.93 -2.77
N SER A 21 5.76 1.38 -1.73
CA SER A 21 5.32 -0.02 -1.72
C SER A 21 4.43 -0.31 -2.93
N CYS A 22 4.90 -1.24 -3.79
CA CYS A 22 4.13 -1.74 -4.95
C CYS A 22 2.74 -2.17 -4.48
N MET A 23 1.70 -1.54 -5.02
CA MET A 23 0.31 -1.82 -4.59
C MET A 23 -0.03 -3.30 -4.76
N TYR A 24 0.67 -3.99 -5.66
CA TYR A 24 0.50 -5.43 -5.84
C TYR A 24 1.64 -6.18 -5.19
N GLY A 25 2.73 -5.46 -4.87
CA GLY A 25 3.88 -6.11 -4.28
C GLY A 25 4.49 -7.08 -5.25
N ALA A 26 4.76 -8.30 -4.77
CA ALA A 26 5.33 -9.36 -5.61
C ALA A 26 4.27 -9.95 -6.54
N ASN A 27 3.02 -9.50 -6.37
CA ASN A 27 1.89 -10.01 -7.14
C ASN A 27 1.72 -9.28 -8.47
N CYS A 28 2.52 -8.23 -8.71
CA CYS A 28 2.48 -7.53 -9.97
C CYS A 28 3.27 -8.25 -11.04
N TYR A 29 2.59 -8.58 -12.14
CA TYR A 29 3.20 -9.29 -13.27
C TYR A 29 3.96 -8.32 -14.18
N ARG A 30 4.14 -7.09 -13.70
CA ARG A 30 4.94 -6.09 -14.41
C ARG A 30 6.41 -6.29 -14.05
N LYS A 31 7.23 -6.48 -15.08
CA LYS A 31 8.65 -6.76 -14.89
C LYS A 31 9.48 -5.63 -15.49
N ASN A 32 8.78 -4.71 -16.14
CA ASN A 32 9.40 -3.52 -16.71
C ASN A 32 10.10 -2.72 -15.62
N PRO A 33 11.31 -2.22 -15.91
CA PRO A 33 12.12 -1.53 -14.91
C PRO A 33 11.41 -0.31 -14.37
N VAL A 34 10.49 0.22 -15.16
CA VAL A 34 9.74 1.39 -14.79
C VAL A 34 8.82 1.10 -13.61
N HIS A 35 8.16 -0.07 -13.63
CA HIS A 35 7.29 -0.46 -12.53
C HIS A 35 8.06 -0.41 -11.20
N PHE A 36 9.33 -0.75 -11.30
CA PHE A 36 10.19 -0.84 -10.14
C PHE A 36 10.86 0.50 -9.84
N GLN A 37 10.97 1.36 -10.86
CA GLN A 37 11.64 2.66 -10.68
C GLN A 37 10.77 3.62 -9.86
N HIS A 38 9.46 3.34 -9.81
CA HIS A 38 8.55 4.16 -9.00
C HIS A 38 7.85 3.34 -7.88
N PHE A 39 8.02 2.01 -7.91
CA PHE A 39 7.47 1.15 -6.85
C PHE A 39 8.49 0.08 -6.44
N SER A 40 8.76 0.00 -5.14
CA SER A 40 9.63 -1.04 -4.61
C SER A 40 8.82 -2.31 -4.33
N HIS A 41 9.50 -3.43 -4.24
CA HIS A 41 8.85 -4.72 -4.09
C HIS A 41 9.44 -5.49 -2.91
N PRO A 42 8.65 -6.39 -2.29
CA PRO A 42 9.07 -7.11 -1.08
C PRO A 42 10.44 -7.76 -1.21
N GLY A 43 11.40 -7.24 -0.47
CA GLY A 43 12.77 -7.71 -0.55
C GLY A 43 13.73 -6.64 -1.01
N ASP A 44 13.17 -5.48 -1.39
CA ASP A 44 13.98 -4.37 -1.89
C ASP A 44 14.28 -3.39 -0.76
N SER A 45 15.48 -2.78 -0.79
CA SER A 45 15.92 -1.89 0.29
C SER A 45 14.95 -0.72 0.48
N ASP A 46 14.29 -0.31 -0.59
CA ASP A 46 13.42 0.88 -0.54
C ASP A 46 11.98 0.47 -0.27
N TYR A 47 11.73 -0.81 -0.08
CA TYR A 47 10.39 -1.30 0.22
C TYR A 47 10.10 -1.13 1.70
N GLY A 48 8.84 -1.00 2.06
CA GLY A 48 8.46 -0.80 3.45
C GLY A 48 7.19 -1.55 3.83
N GLY A 49 6.25 -1.57 2.89
CA GLY A 49 4.96 -2.22 3.15
C GLY A 49 4.09 -1.38 4.05
N VAL A 50 4.38 -0.07 4.06
CA VAL A 50 3.65 0.86 4.91
C VAL A 50 2.30 1.22 4.29
N GLN A 51 2.16 0.92 2.99
CA GLN A 51 0.88 1.02 2.32
C GLN A 51 0.17 -0.32 2.42
N ILE A 52 -1.03 -0.33 3.01
CA ILE A 52 -1.80 -1.55 3.17
C ILE A 52 -1.80 -2.38 1.88
N VAL A 53 -2.08 -1.72 0.77
CA VAL A 53 -2.19 -2.39 -0.52
C VAL A 53 -0.80 -2.79 -1.02
N GLY A 54 -0.58 -4.10 -1.12
CA GLY A 54 0.70 -4.64 -1.45
C GLY A 54 0.97 -5.93 -0.73
N GLN A 55 0.76 -5.91 0.60
CA GLN A 55 0.97 -7.11 1.43
C GLN A 55 -0.26 -7.41 2.27
N ASP A 56 -0.84 -6.38 2.94
CA ASP A 56 -1.99 -6.56 3.81
C ASP A 56 -3.11 -5.64 3.38
N GLU A 57 -3.99 -6.15 2.54
CA GLU A 57 -5.10 -5.37 2.01
C GLU A 57 -6.36 -5.58 2.85
N THR A 58 -6.15 -5.72 4.14
CA THR A 58 -7.20 -6.02 5.08
C THR A 58 -8.22 -4.87 5.13
N ASP A 59 -9.50 -5.22 5.02
CA ASP A 59 -10.58 -4.23 5.03
C ASP A 59 -10.58 -3.43 6.34
N ASP A 60 -9.89 -4.01 7.33
CA ASP A 60 -9.67 -3.40 8.65
C ASP A 60 -10.91 -3.57 9.52
N ARG A 61 -11.28 -4.83 9.70
CA ARG A 61 -12.40 -5.22 10.54
C ARG A 61 -12.46 -6.75 10.59
N PRO A 62 -13.01 -7.29 11.67
CA PRO A 62 -13.13 -8.74 11.84
C PRO A 62 -13.88 -9.39 10.68
N GLU A 63 -13.50 -10.60 10.31
CA GLU A 63 -14.25 -11.39 9.32
C GLU A 63 -15.52 -11.91 9.94
N CYS A 64 -16.55 -12.10 9.13
CA CYS A 64 -17.82 -12.63 9.61
C CYS A 64 -17.60 -14.02 10.23
N PRO A 65 -18.07 -14.24 11.49
CA PRO A 65 -17.83 -15.51 12.21
C PRO A 65 -18.31 -16.74 11.43
N TYR A 66 -19.24 -16.53 10.52
CA TYR A 66 -19.81 -17.61 9.71
C TYR A 66 -19.20 -17.58 8.31
N GLY A 67 -18.07 -16.89 8.18
CA GLY A 67 -17.40 -16.75 6.91
C GLY A 67 -18.27 -16.09 5.86
N PRO A 68 -18.00 -16.32 4.56
CA PRO A 68 -18.85 -15.82 3.48
C PRO A 68 -20.16 -16.61 3.39
N SER A 69 -20.22 -17.71 4.14
CA SER A 69 -21.44 -18.52 4.25
C SER A 69 -22.47 -17.78 5.11
N CYS A 70 -22.03 -16.70 5.75
CA CYS A 70 -22.90 -15.87 6.55
C CYS A 70 -23.99 -15.27 5.67
N TYR A 71 -25.23 -15.65 5.94
CA TYR A 71 -26.40 -15.13 5.24
C TYR A 71 -27.18 -14.23 6.19
N ARG A 72 -26.49 -13.74 7.22
CA ARG A 72 -27.09 -12.83 8.17
C ARG A 72 -27.46 -11.54 7.44
N LYS A 73 -28.69 -11.49 6.96
CA LYS A 73 -29.17 -10.38 6.15
C LYS A 73 -29.30 -9.10 6.97
N ASN A 74 -28.22 -8.33 6.97
CA ASN A 74 -28.18 -7.01 7.57
C ASN A 74 -27.00 -6.23 7.01
N PRO A 75 -27.23 -5.06 6.42
CA PRO A 75 -26.17 -4.26 5.82
C PRO A 75 -25.16 -3.80 6.87
N GLN A 76 -25.67 -3.49 8.06
CA GLN A 76 -24.81 -3.03 9.16
C GLN A 76 -23.87 -4.19 9.56
N HIS A 77 -24.37 -5.41 9.54
CA HIS A 77 -23.56 -6.57 9.89
C HIS A 77 -22.41 -6.71 8.90
N LYS A 78 -22.78 -6.65 7.63
CA LYS A 78 -21.82 -6.75 6.52
C LYS A 78 -20.88 -5.56 6.47
N ILE A 79 -21.15 -4.55 7.34
CA ILE A 79 -20.28 -3.39 7.46
C ILE A 79 -19.30 -3.60 8.61
N GLU A 80 -19.79 -4.11 9.72
CA GLU A 80 -18.95 -4.37 10.90
C GLU A 80 -17.96 -5.50 10.63
N TYR A 81 -18.44 -6.50 9.89
CA TYR A 81 -17.67 -7.68 9.56
C TYR A 81 -17.46 -7.77 8.08
N ARG A 82 -16.24 -8.14 7.69
CA ARG A 82 -15.91 -8.33 6.27
C ARG A 82 -16.19 -9.77 5.88
N HIS A 83 -17.10 -9.94 4.92
CA HIS A 83 -17.46 -11.24 4.39
C HIS A 83 -16.62 -11.52 3.16
N ASN A 84 -15.56 -12.28 3.33
CA ASN A 84 -14.61 -12.56 2.26
C ASN A 84 -15.04 -13.83 1.52
N THR A 85 -15.56 -13.66 0.32
CA THR A 85 -16.03 -14.80 -0.45
C THR A 85 -14.83 -15.51 -1.04
N LEU A 86 -14.84 -16.83 -1.01
CA LEU A 86 -13.68 -17.60 -1.39
C LEU A 86 -13.95 -18.49 -2.58
N PRO A 87 -12.92 -18.76 -3.39
CA PRO A 87 -13.01 -19.68 -4.53
C PRO A 87 -12.94 -21.11 -4.09
N VAL A 88 -12.43 -21.32 -2.85
CA VAL A 88 -12.25 -22.66 -2.24
C VAL A 88 -11.68 -23.65 -3.24
N ARG A 89 -10.88 -23.14 -4.19
CA ARG A 89 -10.35 -23.96 -5.28
C ARG A 89 -8.87 -24.21 -5.09
N ASN A 90 -8.18 -23.23 -4.51
CA ASN A 90 -6.72 -23.32 -4.29
C ASN A 90 -6.43 -24.12 -3.02
N VAL A 91 -7.36 -24.11 -2.10
CA VAL A 91 -7.21 -24.84 -0.83
C VAL A 91 -7.85 -26.24 -0.97
ZN ZN B . 5.10 -4.34 -8.44
ZN ZN C . -22.01 -12.10 8.15
N GLY A 1 12.62 -30.79 -11.21
CA GLY A 1 12.84 -29.38 -10.81
C GLY A 1 12.04 -29.01 -9.57
N SER A 2 10.84 -28.44 -9.79
CA SER A 2 9.95 -27.96 -8.73
C SER A 2 10.52 -26.69 -8.06
N LYS A 3 11.65 -26.87 -7.39
CA LYS A 3 12.31 -25.76 -6.67
C LYS A 3 12.98 -24.81 -7.65
N ALA A 4 12.22 -23.82 -8.10
CA ALA A 4 12.76 -22.75 -8.94
C ALA A 4 13.42 -21.71 -8.05
N THR A 5 14.72 -21.56 -8.20
CA THR A 5 15.50 -20.65 -7.36
C THR A 5 14.96 -19.20 -7.47
N ASP A 6 15.21 -18.40 -6.45
CA ASP A 6 14.79 -17.01 -6.42
C ASP A 6 15.97 -16.09 -6.73
N SER A 7 15.70 -15.08 -7.56
CA SER A 7 16.76 -14.16 -8.01
C SER A 7 17.18 -13.21 -6.88
N VAL A 8 18.43 -12.80 -6.89
CA VAL A 8 18.99 -11.93 -5.86
C VAL A 8 19.39 -10.58 -6.46
N LEU A 9 18.77 -9.50 -5.97
CA LEU A 9 19.06 -8.15 -6.45
C LEU A 9 19.99 -7.41 -5.49
N GLN A 10 20.31 -8.03 -4.36
CA GLN A 10 21.21 -7.44 -3.38
C GLN A 10 22.53 -7.04 -4.07
N GLY A 11 23.02 -5.86 -3.73
CA GLY A 11 24.21 -5.32 -4.40
C GLY A 11 23.89 -4.02 -5.07
N SER A 12 22.60 -3.66 -5.09
CA SER A 12 22.15 -2.38 -5.59
C SER A 12 21.80 -1.47 -4.41
N GLU A 13 22.51 -0.35 -4.32
CA GLU A 13 22.21 0.67 -3.30
C GLU A 13 20.74 1.07 -3.41
N GLY A 14 20.19 0.98 -4.63
CA GLY A 14 18.83 1.32 -4.89
C GLY A 14 18.73 2.44 -5.92
N ASN A 15 18.65 3.67 -5.44
CA ASN A 15 18.56 4.83 -6.30
C ASN A 15 18.71 6.11 -5.48
N LYS A 16 18.82 7.24 -6.17
CA LYS A 16 18.91 8.53 -5.52
C LYS A 16 17.51 9.04 -5.15
N VAL A 17 16.51 8.31 -5.61
CA VAL A 17 15.14 8.55 -5.20
C VAL A 17 14.58 7.29 -4.53
N LYS A 18 13.60 7.46 -3.68
CA LYS A 18 12.95 6.33 -3.01
C LYS A 18 11.74 5.91 -3.83
N ARG A 19 11.25 4.70 -3.57
CA ARG A 19 10.03 4.20 -4.18
C ARG A 19 8.95 4.00 -3.13
N THR A 20 7.69 3.98 -3.57
CA THR A 20 6.57 3.76 -2.67
C THR A 20 6.13 2.30 -2.82
N SER A 21 5.62 1.74 -1.74
CA SER A 21 5.31 0.32 -1.67
C SER A 21 4.32 -0.05 -2.79
N CYS A 22 4.80 -0.85 -3.77
CA CYS A 22 3.95 -1.36 -4.83
C CYS A 22 2.73 -2.02 -4.19
N MET A 23 1.57 -1.39 -4.32
CA MET A 23 0.35 -1.88 -3.69
C MET A 23 0.01 -3.28 -4.18
N TYR A 24 0.67 -3.68 -5.25
CA TYR A 24 0.52 -5.03 -5.80
C TYR A 24 1.59 -5.93 -5.23
N GLY A 25 2.74 -5.33 -4.86
CA GLY A 25 3.83 -6.08 -4.27
C GLY A 25 4.35 -7.15 -5.20
N ALA A 26 4.24 -8.42 -4.76
CA ALA A 26 4.68 -9.52 -5.58
C ALA A 26 3.62 -9.95 -6.58
N ASN A 27 2.41 -9.39 -6.42
CA ASN A 27 1.26 -9.77 -7.27
C ASN A 27 1.33 -9.07 -8.62
N CYS A 28 1.98 -7.91 -8.66
CA CYS A 28 2.23 -7.26 -9.95
C CYS A 28 3.31 -8.02 -10.70
N TYR A 29 2.92 -8.67 -11.79
CA TYR A 29 3.85 -9.49 -12.57
C TYR A 29 4.60 -8.63 -13.57
N ARG A 30 4.50 -7.31 -13.38
CA ARG A 30 5.30 -6.36 -14.15
C ARG A 30 6.77 -6.54 -13.79
N LYS A 31 7.59 -6.75 -14.81
CA LYS A 31 9.03 -7.02 -14.61
C LYS A 31 9.82 -5.93 -15.31
N ASN A 32 9.10 -5.00 -15.92
CA ASN A 32 9.72 -3.82 -16.52
C ASN A 32 10.35 -2.95 -15.44
N PRO A 33 11.60 -2.48 -15.66
CA PRO A 33 12.36 -1.74 -14.64
C PRO A 33 11.65 -0.44 -14.21
N VAL A 34 10.77 0.03 -15.08
CA VAL A 34 10.00 1.23 -14.83
C VAL A 34 9.00 1.02 -13.70
N HIS A 35 8.40 -0.17 -13.65
CA HIS A 35 7.44 -0.49 -12.60
C HIS A 35 8.14 -0.46 -11.21
N PHE A 36 9.46 -0.72 -11.25
CA PHE A 36 10.26 -0.78 -10.03
C PHE A 36 10.90 0.57 -9.71
N GLN A 37 10.98 1.44 -10.72
CA GLN A 37 11.62 2.75 -10.54
C GLN A 37 10.74 3.68 -9.74
N HIS A 38 9.42 3.44 -9.73
CA HIS A 38 8.47 4.24 -8.95
C HIS A 38 7.76 3.44 -7.86
N PHE A 39 7.88 2.11 -7.91
CA PHE A 39 7.31 1.26 -6.85
C PHE A 39 8.32 0.23 -6.35
N SER A 40 8.44 0.14 -5.03
CA SER A 40 9.31 -0.83 -4.38
C SER A 40 8.60 -2.16 -4.24
N HIS A 41 9.36 -3.24 -4.17
CA HIS A 41 8.79 -4.59 -4.17
C HIS A 41 9.48 -5.47 -3.13
N PRO A 42 8.85 -6.57 -2.69
CA PRO A 42 9.41 -7.44 -1.67
C PRO A 42 10.82 -7.93 -2.06
N GLY A 43 11.83 -7.32 -1.43
CA GLY A 43 13.22 -7.63 -1.72
C GLY A 43 14.03 -6.37 -1.98
N ASP A 44 13.32 -5.32 -2.39
CA ASP A 44 13.94 -4.04 -2.72
C ASP A 44 14.33 -3.28 -1.46
N SER A 45 15.36 -2.47 -1.58
CA SER A 45 15.93 -1.77 -0.44
C SER A 45 14.98 -0.71 0.15
N ASP A 46 14.03 -0.25 -0.68
CA ASP A 46 13.16 0.85 -0.29
C ASP A 46 11.73 0.35 -0.11
N TYR A 47 11.58 -0.96 0.01
CA TYR A 47 10.25 -1.56 0.18
C TYR A 47 9.74 -1.30 1.59
N GLY A 48 8.44 -1.03 1.70
CA GLY A 48 7.83 -0.79 2.99
C GLY A 48 6.84 -1.87 3.36
N GLY A 49 5.84 -2.05 2.49
CA GLY A 49 4.76 -2.97 2.77
C GLY A 49 3.96 -2.53 3.98
N VAL A 50 4.16 -1.27 4.37
CA VAL A 50 3.48 -0.72 5.54
C VAL A 50 2.16 -0.10 5.16
N GLN A 51 1.98 0.13 3.88
CA GLN A 51 0.75 0.65 3.33
C GLN A 51 -0.30 -0.43 3.30
N ILE A 52 -1.50 -0.12 3.77
CA ILE A 52 -2.60 -1.09 3.80
C ILE A 52 -2.73 -1.83 2.47
N VAL A 53 -2.90 -1.07 1.39
CA VAL A 53 -2.94 -1.68 0.07
C VAL A 53 -1.51 -2.04 -0.34
N GLY A 54 -1.27 -3.35 -0.48
CA GLY A 54 0.08 -3.85 -0.62
C GLY A 54 0.27 -5.07 0.26
N GLN A 55 -0.13 -4.94 1.54
CA GLN A 55 -0.07 -6.06 2.48
C GLN A 55 -1.46 -6.66 2.68
N ASP A 56 -2.43 -5.81 2.99
CA ASP A 56 -3.82 -6.24 3.19
C ASP A 56 -4.74 -5.04 3.20
N GLU A 57 -5.73 -5.09 2.31
CA GLU A 57 -6.49 -3.91 1.91
C GLU A 57 -7.66 -3.61 2.83
N THR A 58 -7.71 -4.24 3.99
CA THR A 58 -8.80 -4.00 4.93
C THR A 58 -8.49 -2.78 5.82
N ASP A 59 -9.40 -2.48 6.74
CA ASP A 59 -9.26 -1.33 7.63
C ASP A 59 -8.11 -1.50 8.63
N ASP A 60 -7.61 -2.73 8.74
CA ASP A 60 -6.60 -3.09 9.74
C ASP A 60 -7.20 -3.03 11.15
N ARG A 61 -8.02 -4.03 11.46
CA ARG A 61 -8.68 -4.17 12.76
C ARG A 61 -9.16 -5.62 12.88
N PRO A 62 -9.42 -6.10 14.11
CA PRO A 62 -9.82 -7.49 14.35
C PRO A 62 -11.16 -7.81 13.70
N GLU A 63 -11.26 -8.97 13.05
CA GLU A 63 -12.52 -9.42 12.48
C GLU A 63 -13.48 -9.80 13.57
N CYS A 64 -14.76 -9.59 13.33
CA CYS A 64 -15.80 -9.90 14.27
C CYS A 64 -15.71 -11.36 14.68
N PRO A 65 -15.89 -11.64 16.00
CA PRO A 65 -15.79 -13.01 16.52
C PRO A 65 -16.80 -13.96 15.88
N TYR A 66 -17.79 -13.37 15.19
CA TYR A 66 -18.83 -14.16 14.50
C TYR A 66 -18.71 -13.99 12.99
N GLY A 67 -17.62 -13.39 12.56
CA GLY A 67 -17.41 -13.10 11.14
C GLY A 67 -18.52 -12.22 10.57
N PRO A 68 -18.82 -12.35 9.28
CA PRO A 68 -19.90 -11.59 8.64
C PRO A 68 -21.28 -12.10 9.07
N SER A 69 -21.30 -13.28 9.70
CA SER A 69 -22.54 -13.83 10.22
C SER A 69 -22.91 -13.17 11.55
N CYS A 70 -22.06 -12.23 11.96
CA CYS A 70 -22.30 -11.47 13.18
C CYS A 70 -23.62 -10.69 13.10
N TYR A 71 -24.54 -11.05 13.98
CA TYR A 71 -25.84 -10.37 14.08
C TYR A 71 -25.96 -9.65 15.42
N ARG A 72 -24.81 -9.33 15.98
CA ARG A 72 -24.73 -8.62 17.26
C ARG A 72 -25.21 -7.19 17.07
N LYS A 73 -26.39 -6.90 17.62
CA LYS A 73 -27.04 -5.61 17.48
C LYS A 73 -26.37 -4.58 18.42
N ASN A 74 -25.27 -4.00 17.96
CA ASN A 74 -24.61 -2.94 18.70
C ASN A 74 -23.78 -2.08 17.74
N PRO A 75 -24.08 -0.77 17.69
CA PRO A 75 -23.43 0.14 16.73
C PRO A 75 -21.90 0.19 16.89
N GLN A 76 -21.45 0.24 18.14
CA GLN A 76 -20.02 0.38 18.42
C GLN A 76 -19.29 -0.87 17.99
N HIS A 77 -19.99 -1.99 17.99
CA HIS A 77 -19.42 -3.27 17.62
C HIS A 77 -18.90 -3.26 16.17
N LYS A 78 -19.78 -2.98 15.21
CA LYS A 78 -19.41 -2.93 13.81
C LYS A 78 -18.35 -1.87 13.57
N ILE A 79 -18.29 -0.86 14.43
CA ILE A 79 -17.31 0.19 14.33
C ILE A 79 -15.90 -0.32 14.67
N GLU A 80 -15.82 -1.07 15.76
CA GLU A 80 -14.52 -1.57 16.24
C GLU A 80 -14.03 -2.76 15.40
N TYR A 81 -14.86 -3.78 15.27
CA TYR A 81 -14.47 -5.00 14.54
C TYR A 81 -14.85 -4.91 13.08
N ARG A 82 -14.01 -5.47 12.19
CA ARG A 82 -14.32 -5.50 10.77
C ARG A 82 -15.09 -6.77 10.45
N HIS A 83 -16.14 -6.65 9.63
CA HIS A 83 -16.97 -7.80 9.24
C HIS A 83 -16.77 -8.11 7.76
N ASN A 84 -15.66 -8.80 7.47
CA ASN A 84 -15.35 -9.18 6.09
C ASN A 84 -16.23 -10.33 5.67
N THR A 85 -16.88 -10.21 4.51
CA THR A 85 -17.80 -11.21 4.03
C THR A 85 -17.04 -12.28 3.24
N LEU A 86 -17.43 -13.52 3.43
CA LEU A 86 -16.73 -14.63 2.83
C LEU A 86 -17.57 -15.25 1.70
N PRO A 87 -16.92 -15.85 0.67
CA PRO A 87 -17.62 -16.39 -0.50
C PRO A 87 -18.57 -17.54 -0.13
N VAL A 88 -18.05 -18.51 0.64
CA VAL A 88 -18.80 -19.73 1.00
C VAL A 88 -19.58 -20.23 -0.21
N ARG A 89 -18.96 -20.13 -1.38
CA ARG A 89 -19.60 -20.44 -2.64
C ARG A 89 -19.43 -21.92 -2.99
N ASN A 90 -20.24 -22.45 -3.88
CA ASN A 90 -20.12 -23.85 -4.33
C ASN A 90 -18.74 -24.11 -4.89
N VAL A 91 -18.16 -23.12 -5.56
CA VAL A 91 -16.80 -23.24 -6.08
C VAL A 91 -15.76 -22.70 -5.10
ZN ZN B . 4.97 -4.04 -8.68
ZN ZN C . -19.90 -8.41 14.54
N GLY A 1 16.66 30.32 -0.49
CA GLY A 1 15.34 29.77 -0.89
C GLY A 1 15.24 28.27 -0.57
N SER A 2 15.81 27.45 -1.43
CA SER A 2 15.76 26.01 -1.25
C SER A 2 17.05 25.36 -1.75
N LYS A 3 17.31 24.14 -1.32
CA LYS A 3 18.44 23.36 -1.84
C LYS A 3 17.90 22.29 -2.79
N ALA A 4 18.20 22.46 -4.07
CA ALA A 4 17.66 21.59 -5.11
C ALA A 4 18.39 20.26 -5.19
N THR A 5 19.26 20.00 -4.23
CA THR A 5 19.86 18.68 -4.08
C THR A 5 18.74 17.65 -3.86
N ASP A 6 18.51 16.82 -4.87
CA ASP A 6 17.33 15.99 -4.91
C ASP A 6 17.72 14.51 -4.99
N SER A 7 17.66 13.84 -3.87
CA SER A 7 17.98 12.42 -3.78
C SER A 7 17.50 11.86 -2.45
N VAL A 8 17.62 10.56 -2.29
CA VAL A 8 17.05 9.85 -1.12
C VAL A 8 18.09 9.64 -0.05
N LEU A 9 17.67 9.76 1.21
CA LEU A 9 18.56 9.45 2.35
C LEU A 9 18.42 7.97 2.72
N GLN A 10 17.19 7.51 2.89
CA GLN A 10 16.92 6.09 3.12
C GLN A 10 16.56 5.42 1.80
N GLY A 11 17.61 5.07 1.05
CA GLY A 11 17.45 4.57 -0.30
C GLY A 11 18.50 5.17 -1.20
N SER A 12 19.70 5.39 -0.64
CA SER A 12 20.80 6.01 -1.36
C SER A 12 21.44 5.05 -2.33
N GLU A 13 21.25 5.34 -3.62
CA GLU A 13 21.77 4.50 -4.68
C GLU A 13 22.16 5.36 -5.87
N GLY A 14 21.16 5.92 -6.55
CA GLY A 14 21.40 6.77 -7.70
C GLY A 14 20.12 7.33 -8.28
N ASN A 15 19.15 7.57 -7.38
CA ASN A 15 17.82 8.00 -7.78
C ASN A 15 17.52 9.37 -7.18
N LYS A 16 16.53 10.03 -7.76
CA LYS A 16 16.11 11.36 -7.28
C LYS A 16 14.86 11.26 -6.44
N VAL A 17 14.17 10.14 -6.53
CA VAL A 17 13.07 9.80 -5.64
C VAL A 17 13.17 8.35 -5.21
N LYS A 18 12.61 8.01 -4.06
CA LYS A 18 12.57 6.66 -3.57
C LYS A 18 11.27 5.98 -4.02
N ARG A 19 11.25 4.67 -4.05
CA ARG A 19 10.08 3.96 -4.52
C ARG A 19 9.04 3.85 -3.41
N THR A 20 7.78 3.85 -3.82
CA THR A 20 6.67 3.69 -2.88
C THR A 20 6.17 2.25 -2.95
N SER A 21 5.59 1.76 -1.87
CA SER A 21 5.25 0.36 -1.74
C SER A 21 4.37 -0.11 -2.91
N CYS A 22 4.88 -1.10 -3.65
CA CYS A 22 4.11 -1.73 -4.72
C CYS A 22 2.86 -2.35 -4.10
N MET A 23 1.70 -1.76 -4.41
CA MET A 23 0.42 -2.18 -3.83
C MET A 23 0.18 -3.67 -4.06
N TYR A 24 0.71 -4.19 -5.14
CA TYR A 24 0.59 -5.61 -5.45
C TYR A 24 1.85 -6.37 -5.03
N GLY A 25 2.94 -5.64 -4.80
CA GLY A 25 4.19 -6.26 -4.39
C GLY A 25 4.72 -7.20 -5.46
N ALA A 26 4.79 -8.48 -5.14
CA ALA A 26 5.29 -9.48 -6.07
C ALA A 26 4.15 -10.08 -6.91
N ASN A 27 2.95 -9.48 -6.79
CA ASN A 27 1.76 -9.98 -7.49
C ASN A 27 1.50 -9.18 -8.75
N CYS A 28 2.03 -7.95 -8.80
CA CYS A 28 1.90 -7.14 -10.01
C CYS A 28 2.65 -7.76 -11.17
N TYR A 29 1.99 -7.85 -12.33
CA TYR A 29 2.53 -8.55 -13.49
C TYR A 29 3.53 -7.69 -14.26
N ARG A 30 3.94 -6.58 -13.65
CA ARG A 30 4.93 -5.69 -14.23
C ARG A 30 6.32 -6.09 -13.74
N LYS A 31 7.13 -6.59 -14.66
CA LYS A 31 8.49 -7.02 -14.35
C LYS A 31 9.47 -5.93 -14.76
N ASN A 32 9.04 -5.12 -15.71
CA ASN A 32 9.83 -4.04 -16.26
C ASN A 32 10.48 -3.19 -15.15
N PRO A 33 11.75 -2.78 -15.32
CA PRO A 33 12.48 -2.02 -14.30
C PRO A 33 11.79 -0.69 -14.00
N VAL A 34 10.97 -0.22 -14.95
CA VAL A 34 10.23 1.02 -14.76
C VAL A 34 9.19 0.84 -13.64
N HIS A 35 8.59 -0.33 -13.58
CA HIS A 35 7.68 -0.65 -12.49
C HIS A 35 8.39 -0.51 -11.14
N PHE A 36 9.65 -0.94 -11.14
CA PHE A 36 10.45 -0.97 -9.92
C PHE A 36 11.16 0.36 -9.68
N GLN A 37 11.05 1.30 -10.63
CA GLN A 37 11.67 2.60 -10.49
C GLN A 37 10.75 3.54 -9.71
N HIS A 38 9.43 3.27 -9.74
CA HIS A 38 8.49 4.05 -8.96
C HIS A 38 7.88 3.23 -7.81
N PHE A 39 7.87 1.90 -7.93
CA PHE A 39 7.34 1.05 -6.85
C PHE A 39 8.40 0.07 -6.32
N SER A 40 8.56 0.06 -5.00
CA SER A 40 9.45 -0.86 -4.32
C SER A 40 8.77 -2.21 -4.12
N HIS A 41 9.56 -3.26 -3.95
CA HIS A 41 9.06 -4.61 -3.94
C HIS A 41 9.66 -5.44 -2.82
N PRO A 42 9.02 -6.57 -2.47
CA PRO A 42 9.54 -7.49 -1.43
C PRO A 42 10.95 -7.94 -1.76
N GLY A 43 11.92 -7.31 -1.10
CA GLY A 43 13.32 -7.56 -1.39
C GLY A 43 13.96 -6.37 -2.08
N ASP A 44 13.38 -5.19 -1.85
CA ASP A 44 13.89 -3.96 -2.43
C ASP A 44 14.28 -2.98 -1.34
N SER A 45 15.27 -2.14 -1.62
CA SER A 45 15.81 -1.18 -0.67
C SER A 45 14.71 -0.29 -0.06
N ASP A 46 13.78 0.13 -0.90
CA ASP A 46 12.84 1.19 -0.51
C ASP A 46 11.46 0.62 -0.19
N TYR A 47 11.37 -0.70 0.02
CA TYR A 47 10.08 -1.33 0.32
C TYR A 47 9.62 -0.98 1.73
N GLY A 48 8.31 -1.03 1.94
CA GLY A 48 7.76 -0.70 3.24
C GLY A 48 6.55 -1.54 3.54
N GLY A 49 5.56 -1.50 2.65
CA GLY A 49 4.32 -2.24 2.84
C GLY A 49 3.52 -1.78 4.04
N VAL A 50 3.75 -0.53 4.46
CA VAL A 50 3.00 0.04 5.57
C VAL A 50 2.01 1.09 5.09
N GLN A 51 2.15 1.47 3.83
CA GLN A 51 1.26 2.45 3.19
C GLN A 51 -0.02 1.74 2.70
N ILE A 52 -1.15 2.50 2.66
CA ILE A 52 -2.38 1.94 2.09
C ILE A 52 -2.08 1.30 0.74
N VAL A 53 -1.32 2.00 -0.09
CA VAL A 53 -0.81 1.48 -1.32
C VAL A 53 0.35 0.53 -0.98
N GLY A 54 0.01 -0.72 -0.64
CA GLY A 54 1.01 -1.72 -0.34
C GLY A 54 0.57 -2.72 0.71
N GLN A 55 0.02 -2.23 1.82
CA GLN A 55 -0.46 -3.09 2.89
C GLN A 55 -1.87 -3.58 2.57
N ASP A 56 -2.72 -2.64 2.16
CA ASP A 56 -4.10 -2.92 1.74
C ASP A 56 -4.78 -1.60 1.39
N GLU A 57 -5.68 -1.64 0.44
CA GLU A 57 -6.30 -0.43 -0.11
C GLU A 57 -7.34 0.16 0.85
N THR A 58 -7.70 -0.60 1.89
CA THR A 58 -8.73 -0.17 2.83
C THR A 58 -8.24 0.96 3.74
N ASP A 59 -9.14 1.91 4.01
CA ASP A 59 -8.87 3.10 4.81
C ASP A 59 -8.61 2.77 6.27
N ASP A 60 -9.40 1.81 6.77
CA ASP A 60 -9.43 1.41 8.17
C ASP A 60 -10.29 2.37 8.98
N ARG A 61 -11.50 2.59 8.47
CA ARG A 61 -12.50 3.43 9.13
C ARG A 61 -13.90 2.97 8.71
N PRO A 62 -14.95 3.29 9.50
CA PRO A 62 -16.33 2.91 9.19
C PRO A 62 -16.71 3.23 7.74
N GLU A 63 -17.50 2.35 7.13
CA GLU A 63 -17.96 2.54 5.77
C GLU A 63 -19.21 3.44 5.76
N CYS A 64 -19.31 4.28 4.74
CA CYS A 64 -20.45 5.16 4.61
C CYS A 64 -21.73 4.34 4.51
N PRO A 65 -22.75 4.60 5.35
CA PRO A 65 -24.01 3.85 5.32
C PRO A 65 -24.86 4.16 4.07
N TYR A 66 -24.28 4.92 3.15
CA TYR A 66 -24.93 5.24 1.88
C TYR A 66 -24.06 4.73 0.73
N GLY A 67 -22.97 4.01 1.07
CA GLY A 67 -22.04 3.50 0.06
C GLY A 67 -21.35 4.62 -0.68
N PRO A 68 -20.74 4.33 -1.84
CA PRO A 68 -20.09 5.36 -2.68
C PRO A 68 -21.10 6.25 -3.39
N SER A 69 -22.36 5.82 -3.41
CA SER A 69 -23.45 6.60 -3.99
C SER A 69 -23.75 7.80 -3.11
N CYS A 70 -23.21 7.78 -1.89
CA CYS A 70 -23.41 8.83 -0.90
C CYS A 70 -23.18 10.21 -1.52
N TYR A 71 -24.22 11.04 -1.51
CA TYR A 71 -24.14 12.41 -1.99
C TYR A 71 -24.36 13.39 -0.83
N ARG A 72 -24.19 12.87 0.39
CA ARG A 72 -24.27 13.69 1.58
C ARG A 72 -23.11 14.67 1.60
N LYS A 73 -23.36 15.89 1.16
CA LYS A 73 -22.33 16.90 1.07
C LYS A 73 -21.91 17.34 2.47
N ASN A 74 -20.87 16.73 3.00
CA ASN A 74 -20.26 17.14 4.25
C ASN A 74 -18.83 16.63 4.32
N PRO A 75 -17.86 17.54 4.50
CA PRO A 75 -16.44 17.17 4.52
C PRO A 75 -16.11 16.25 5.69
N GLN A 76 -16.79 16.47 6.83
CA GLN A 76 -16.49 15.71 8.04
C GLN A 76 -16.94 14.26 7.84
N HIS A 77 -18.09 14.09 7.23
CA HIS A 77 -18.62 12.76 6.92
C HIS A 77 -17.60 11.96 6.09
N LYS A 78 -17.15 12.60 5.02
CA LYS A 78 -16.21 11.97 4.08
C LYS A 78 -14.84 11.75 4.73
N ILE A 79 -14.62 12.37 5.89
CA ILE A 79 -13.37 12.23 6.63
C ILE A 79 -13.46 11.06 7.59
N GLU A 80 -14.63 10.84 8.14
CA GLU A 80 -14.83 9.80 9.15
C GLU A 80 -15.07 8.45 8.49
N TYR A 81 -15.93 8.44 7.46
CA TYR A 81 -16.36 7.22 6.80
C TYR A 81 -15.64 7.06 5.47
N ARG A 82 -15.38 5.81 5.09
CA ARG A 82 -14.73 5.53 3.82
C ARG A 82 -15.77 5.26 2.74
N HIS A 83 -15.86 6.13 1.76
CA HIS A 83 -16.71 5.91 0.59
C HIS A 83 -15.98 5.02 -0.39
N ASN A 84 -16.10 3.71 -0.17
CA ASN A 84 -15.35 2.73 -0.94
C ASN A 84 -15.84 2.75 -2.38
N THR A 85 -15.05 3.36 -3.24
CA THR A 85 -15.39 3.49 -4.65
C THR A 85 -14.57 2.50 -5.45
N LEU A 86 -15.00 2.16 -6.65
CA LEU A 86 -14.33 1.16 -7.47
C LEU A 86 -14.21 1.60 -8.91
N PRO A 87 -13.09 1.24 -9.59
CA PRO A 87 -12.86 1.57 -11.01
C PRO A 87 -13.91 0.87 -11.91
N VAL A 88 -14.38 -0.27 -11.46
CA VAL A 88 -15.30 -1.14 -12.21
C VAL A 88 -14.96 -1.11 -13.70
N ARG A 89 -13.82 -1.69 -14.04
CA ARG A 89 -13.33 -1.76 -15.42
C ARG A 89 -14.36 -2.42 -16.34
N ASN A 90 -14.27 -2.14 -17.62
CA ASN A 90 -15.25 -2.63 -18.60
C ASN A 90 -15.15 -4.15 -18.74
N VAL A 91 -13.97 -4.69 -18.46
CA VAL A 91 -13.75 -6.15 -18.54
C VAL A 91 -14.69 -6.90 -17.60
ZN ZN B . 5.43 -4.82 -8.55
ZN ZN C . -21.92 9.08 3.06
N GLY A 1 9.93 19.19 29.42
CA GLY A 1 10.80 19.91 28.46
C GLY A 1 10.68 19.33 27.07
N SER A 2 11.80 18.95 26.50
CA SER A 2 11.83 18.40 25.18
C SER A 2 13.16 17.66 24.94
N LYS A 3 13.08 16.45 24.40
CA LYS A 3 14.27 15.66 24.07
C LYS A 3 14.26 15.30 22.60
N ALA A 4 14.23 16.35 21.76
CA ALA A 4 14.22 16.19 20.31
C ALA A 4 15.55 15.59 19.86
N THR A 5 15.45 14.50 19.11
CA THR A 5 16.63 13.78 18.64
C THR A 5 17.07 14.28 17.27
N ASP A 6 18.37 14.42 17.07
CA ASP A 6 18.93 14.77 15.77
C ASP A 6 18.63 13.65 14.77
N SER A 7 17.51 13.76 14.10
CA SER A 7 17.06 12.72 13.18
C SER A 7 17.79 12.82 11.86
N VAL A 8 19.02 12.29 11.83
CA VAL A 8 19.79 12.22 10.60
C VAL A 8 19.19 11.13 9.71
N LEU A 9 18.60 11.54 8.57
CA LEU A 9 17.83 10.65 7.72
C LEU A 9 18.01 10.92 6.22
N GLN A 10 18.87 11.87 5.87
CA GLN A 10 19.10 12.24 4.48
C GLN A 10 19.29 10.99 3.59
N GLY A 11 18.86 11.07 2.34
CA GLY A 11 18.93 9.94 1.44
C GLY A 11 20.36 9.50 1.16
N SER A 12 20.51 8.19 0.90
CA SER A 12 21.81 7.62 0.56
C SER A 12 21.69 6.74 -0.69
N GLU A 13 20.49 6.70 -1.26
CA GLU A 13 20.22 5.88 -2.44
C GLU A 13 20.55 6.64 -3.73
N GLY A 14 20.98 7.88 -3.55
CA GLY A 14 21.36 8.71 -4.67
C GLY A 14 20.16 9.30 -5.38
N ASN A 15 19.05 9.40 -4.67
CA ASN A 15 17.80 9.94 -5.22
C ASN A 15 17.16 10.91 -4.22
N LYS A 16 16.30 11.80 -4.71
CA LYS A 16 15.58 12.72 -3.83
C LYS A 16 14.31 12.05 -3.29
N VAL A 17 13.94 10.92 -3.88
CA VAL A 17 12.80 10.14 -3.46
C VAL A 17 13.19 8.68 -3.31
N LYS A 18 12.39 7.96 -2.53
CA LYS A 18 12.49 6.52 -2.43
C LYS A 18 11.22 5.92 -3.00
N ARG A 19 11.28 4.69 -3.49
CA ARG A 19 10.14 4.07 -4.13
C ARG A 19 9.06 3.75 -3.12
N THR A 20 7.83 3.81 -3.60
CA THR A 20 6.67 3.53 -2.78
C THR A 20 6.25 2.08 -2.99
N SER A 21 5.60 1.48 -2.00
CA SER A 21 5.33 0.05 -2.01
C SER A 21 4.39 -0.33 -3.16
N CYS A 22 4.87 -1.24 -4.01
CA CYS A 22 4.14 -1.72 -5.16
C CYS A 22 2.73 -2.14 -4.75
N MET A 23 1.70 -1.57 -5.37
CA MET A 23 0.33 -1.78 -4.95
C MET A 23 -0.03 -3.27 -4.93
N TYR A 24 0.61 -4.04 -5.79
CA TYR A 24 0.41 -5.48 -5.82
C TYR A 24 1.53 -6.19 -5.05
N GLY A 25 2.61 -5.50 -4.76
CA GLY A 25 3.73 -6.08 -4.06
C GLY A 25 4.36 -7.24 -4.83
N ALA A 26 4.13 -8.45 -4.36
CA ALA A 26 4.66 -9.64 -5.03
C ALA A 26 3.76 -10.12 -6.17
N ASN A 27 2.53 -9.60 -6.22
CA ASN A 27 1.54 -10.05 -7.18
C ASN A 27 1.73 -9.41 -8.55
N CYS A 28 2.32 -8.22 -8.59
CA CYS A 28 2.52 -7.52 -9.86
C CYS A 28 3.50 -8.27 -10.75
N TYR A 29 2.99 -8.77 -11.85
CA TYR A 29 3.80 -9.50 -12.84
C TYR A 29 4.45 -8.54 -13.82
N ARG A 30 4.35 -7.24 -13.52
CA ARG A 30 4.98 -6.22 -14.34
C ARG A 30 6.51 -6.41 -14.33
N LYS A 31 7.10 -6.33 -15.49
CA LYS A 31 8.50 -6.66 -15.69
C LYS A 31 9.27 -5.44 -16.20
N ASN A 32 8.51 -4.39 -16.52
CA ASN A 32 9.09 -3.15 -16.99
C ASN A 32 9.89 -2.49 -15.86
N PRO A 33 11.10 -1.95 -16.21
CA PRO A 33 11.98 -1.35 -15.20
C PRO A 33 11.30 -0.16 -14.51
N VAL A 34 10.43 0.52 -15.26
CA VAL A 34 9.70 1.68 -14.76
C VAL A 34 8.87 1.30 -13.56
N HIS A 35 8.24 0.12 -13.61
CA HIS A 35 7.40 -0.34 -12.51
C HIS A 35 8.18 -0.35 -11.19
N PHE A 36 9.42 -0.84 -11.27
CA PHE A 36 10.27 -0.96 -10.09
C PHE A 36 10.94 0.37 -9.78
N GLN A 37 11.10 1.20 -10.80
CA GLN A 37 11.82 2.47 -10.64
C GLN A 37 11.06 3.42 -9.72
N HIS A 38 9.74 3.27 -9.67
CA HIS A 38 8.92 4.14 -8.83
C HIS A 38 8.14 3.36 -7.77
N PHE A 39 8.23 2.03 -7.79
CA PHE A 39 7.56 1.20 -6.78
C PHE A 39 8.49 0.06 -6.35
N SER A 40 8.70 -0.06 -5.03
CA SER A 40 9.52 -1.12 -4.45
C SER A 40 8.72 -2.40 -4.26
N HIS A 41 9.43 -3.52 -4.16
CA HIS A 41 8.80 -4.83 -4.04
C HIS A 41 9.38 -5.56 -2.83
N PRO A 42 8.70 -6.60 -2.32
CA PRO A 42 9.19 -7.37 -1.17
C PRO A 42 10.60 -7.89 -1.40
N GLY A 43 11.54 -7.27 -0.74
CA GLY A 43 12.95 -7.62 -0.89
C GLY A 43 13.79 -6.47 -1.39
N ASP A 44 13.15 -5.31 -1.65
CA ASP A 44 13.85 -4.13 -2.14
C ASP A 44 14.22 -3.23 -0.96
N SER A 45 15.34 -2.52 -1.09
CA SER A 45 15.88 -1.70 -0.01
C SER A 45 14.90 -0.58 0.38
N ASP A 46 14.12 -0.11 -0.59
CA ASP A 46 13.24 1.02 -0.37
C ASP A 46 11.83 0.55 -0.04
N TYR A 47 11.65 -0.77 0.02
CA TYR A 47 10.34 -1.33 0.36
C TYR A 47 10.13 -1.28 1.86
N GLY A 48 8.90 -0.96 2.28
CA GLY A 48 8.60 -0.91 3.70
C GLY A 48 7.10 -0.79 3.98
N GLY A 49 6.29 -1.27 3.05
CA GLY A 49 4.85 -1.19 3.21
C GLY A 49 4.40 0.22 3.52
N VAL A 50 4.95 1.18 2.80
CA VAL A 50 4.64 2.61 3.01
C VAL A 50 3.25 2.93 2.44
N GLN A 51 2.71 1.98 1.69
CA GLN A 51 1.38 2.07 1.18
C GLN A 51 0.57 0.87 1.67
N ILE A 52 -0.65 1.11 2.10
CA ILE A 52 -1.53 0.03 2.51
C ILE A 52 -1.69 -1.00 1.40
N VAL A 53 -1.95 -0.51 0.20
CA VAL A 53 -2.07 -1.39 -0.95
C VAL A 53 -0.71 -1.96 -1.31
N GLY A 54 -0.55 -3.27 -1.15
CA GLY A 54 0.73 -3.91 -1.35
C GLY A 54 1.09 -4.82 -0.19
N GLN A 55 0.78 -4.35 1.01
CA GLN A 55 1.01 -5.10 2.24
C GLN A 55 -0.32 -5.59 2.84
N ASP A 56 -1.32 -4.71 2.87
CA ASP A 56 -2.67 -5.04 3.30
C ASP A 56 -3.63 -3.92 2.93
N GLU A 57 -4.69 -4.24 2.20
CA GLU A 57 -5.57 -3.24 1.61
C GLU A 57 -6.85 -3.06 2.41
N THR A 58 -6.98 -3.80 3.50
CA THR A 58 -8.25 -3.84 4.21
C THR A 58 -8.05 -3.69 5.72
N ASP A 59 -7.61 -4.78 6.35
CA ASP A 59 -7.49 -4.91 7.80
C ASP A 59 -7.01 -6.31 8.10
N ASP A 60 -7.62 -7.25 7.39
CA ASP A 60 -7.29 -8.69 7.49
C ASP A 60 -8.26 -9.49 6.61
N ARG A 61 -9.46 -8.93 6.44
CA ARG A 61 -10.55 -9.58 5.76
C ARG A 61 -11.27 -8.58 4.85
N PRO A 62 -12.12 -9.07 3.93
CA PRO A 62 -12.90 -8.18 3.05
C PRO A 62 -14.07 -7.55 3.82
N GLU A 63 -14.62 -6.48 3.27
CA GLU A 63 -15.76 -5.80 3.89
C GLU A 63 -17.02 -6.62 3.68
N CYS A 64 -18.01 -6.39 4.55
CA CYS A 64 -19.30 -7.04 4.41
C CYS A 64 -19.96 -6.56 3.13
N PRO A 65 -20.57 -7.47 2.33
CA PRO A 65 -21.18 -7.09 1.06
C PRO A 65 -22.30 -6.05 1.23
N TYR A 66 -22.79 -5.91 2.47
CA TYR A 66 -23.85 -4.95 2.78
C TYR A 66 -23.34 -3.87 3.74
N GLY A 67 -22.01 -3.78 3.85
CA GLY A 67 -21.37 -2.80 4.71
C GLY A 67 -21.81 -2.89 6.15
N PRO A 68 -21.79 -1.78 6.90
CA PRO A 68 -22.26 -1.77 8.30
C PRO A 68 -23.79 -1.91 8.37
N SER A 69 -24.46 -1.72 7.23
CA SER A 69 -25.91 -1.86 7.12
C SER A 69 -26.29 -3.33 6.96
N CYS A 70 -25.26 -4.18 6.99
CA CYS A 70 -25.41 -5.61 6.85
C CYS A 70 -26.28 -6.19 7.97
N TYR A 71 -27.34 -6.89 7.59
CA TYR A 71 -28.25 -7.52 8.54
C TYR A 71 -28.31 -9.02 8.28
N ARG A 72 -27.19 -9.70 8.52
CA ARG A 72 -27.08 -11.14 8.33
C ARG A 72 -27.00 -11.82 9.69
N LYS A 73 -28.04 -12.51 10.09
CA LYS A 73 -28.12 -13.15 11.40
C LYS A 73 -27.15 -14.33 11.48
N ASN A 74 -25.88 -14.06 11.75
CA ASN A 74 -24.87 -15.09 11.91
C ASN A 74 -23.60 -14.49 12.52
N PRO A 75 -23.13 -15.03 13.65
CA PRO A 75 -21.95 -14.53 14.32
C PRO A 75 -20.67 -14.76 13.51
N GLN A 76 -20.63 -15.87 12.77
CA GLN A 76 -19.46 -16.21 11.98
C GLN A 76 -19.32 -15.24 10.82
N HIS A 77 -20.46 -14.80 10.26
CA HIS A 77 -20.45 -13.80 9.20
C HIS A 77 -19.68 -12.56 9.63
N LYS A 78 -20.11 -12.01 10.76
CA LYS A 78 -19.51 -10.83 11.37
C LYS A 78 -18.04 -11.04 11.75
N ILE A 79 -17.63 -12.31 11.80
CA ILE A 79 -16.24 -12.65 12.09
C ILE A 79 -15.40 -12.69 10.81
N GLU A 80 -16.03 -13.00 9.69
CA GLU A 80 -15.31 -13.17 8.42
C GLU A 80 -15.24 -11.85 7.66
N TYR A 81 -16.28 -11.03 7.80
CA TYR A 81 -16.40 -9.78 7.04
C TYR A 81 -16.31 -8.58 7.97
N ARG A 82 -15.45 -7.64 7.62
CA ARG A 82 -15.26 -6.44 8.43
C ARG A 82 -16.39 -5.45 8.17
N HIS A 83 -17.14 -5.14 9.24
CA HIS A 83 -18.20 -4.14 9.17
C HIS A 83 -17.68 -2.83 9.74
N ASN A 84 -17.12 -2.00 8.86
CA ASN A 84 -16.51 -0.74 9.24
C ASN A 84 -17.55 0.23 9.75
N THR A 85 -17.54 0.45 11.07
CA THR A 85 -18.45 1.33 11.71
C THR A 85 -17.80 2.69 11.95
N LEU A 86 -18.42 3.73 11.42
CA LEU A 86 -17.85 5.06 11.45
C LEU A 86 -18.91 6.08 11.91
N PRO A 87 -18.47 7.25 12.44
CA PRO A 87 -19.39 8.24 13.02
C PRO A 87 -20.45 8.67 12.01
N VAL A 88 -20.03 8.79 10.74
CA VAL A 88 -20.89 9.14 9.60
C VAL A 88 -21.82 10.32 9.88
N ARG A 89 -21.46 11.13 10.89
CA ARG A 89 -22.25 12.30 11.25
C ARG A 89 -22.17 13.37 10.16
N ASN A 90 -23.33 13.84 9.75
CA ASN A 90 -23.45 14.83 8.71
C ASN A 90 -23.28 16.22 9.30
N VAL A 91 -23.43 16.33 10.61
CA VAL A 91 -23.28 17.59 11.34
C VAL A 91 -21.80 17.98 11.43
ZN ZN B . 5.25 -4.42 -8.58
ZN ZN C . -22.51 -8.34 7.64
N GLY A 1 43.94 -5.09 -19.65
CA GLY A 1 43.01 -3.94 -19.55
C GLY A 1 42.95 -3.36 -18.15
N SER A 2 41.97 -2.52 -17.88
CA SER A 2 41.79 -1.94 -16.56
C SER A 2 41.35 -3.01 -15.57
N LYS A 3 42.29 -3.54 -14.81
CA LYS A 3 42.02 -4.61 -13.84
C LYS A 3 42.14 -4.06 -12.41
N ALA A 4 41.02 -3.60 -11.87
CA ALA A 4 40.97 -3.08 -10.51
C ALA A 4 39.62 -3.42 -9.89
N THR A 5 39.65 -4.27 -8.88
CA THR A 5 38.43 -4.73 -8.22
C THR A 5 37.79 -3.63 -7.38
N ASP A 6 36.47 -3.49 -7.53
CA ASP A 6 35.69 -2.51 -6.74
C ASP A 6 35.03 -3.22 -5.57
N SER A 7 35.04 -4.54 -5.61
CA SER A 7 34.41 -5.40 -4.60
C SER A 7 32.88 -5.40 -4.77
N VAL A 8 32.31 -4.24 -5.05
CA VAL A 8 30.89 -4.12 -5.32
C VAL A 8 30.57 -4.61 -6.74
N LEU A 9 30.47 -5.93 -6.88
CA LEU A 9 30.23 -6.58 -8.18
C LEU A 9 28.91 -6.14 -8.81
N GLN A 10 27.96 -5.73 -7.97
CA GLN A 10 26.66 -5.28 -8.46
C GLN A 10 26.75 -3.83 -8.94
N GLY A 11 27.80 -3.13 -8.54
CA GLY A 11 27.97 -1.73 -8.93
C GLY A 11 27.40 -0.79 -7.90
N SER A 12 28.17 0.23 -7.54
CA SER A 12 27.79 1.19 -6.51
C SER A 12 26.88 2.27 -7.09
N GLU A 13 26.46 2.08 -8.33
CA GLU A 13 25.57 3.03 -9.01
C GLU A 13 24.18 3.01 -8.38
N GLY A 14 23.84 4.12 -7.71
CA GLY A 14 22.55 4.24 -7.08
C GLY A 14 21.56 5.04 -7.89
N ASN A 15 20.84 5.94 -7.25
CA ASN A 15 19.73 6.60 -7.91
C ASN A 15 19.33 7.87 -7.17
N LYS A 16 18.78 8.81 -7.93
CA LYS A 16 18.36 10.11 -7.36
C LYS A 16 16.87 10.13 -7.10
N VAL A 17 16.22 8.97 -7.17
CA VAL A 17 14.81 8.85 -6.88
C VAL A 17 14.56 7.79 -5.80
N LYS A 18 13.40 7.82 -5.19
CA LYS A 18 13.00 6.81 -4.21
C LYS A 18 11.71 6.12 -4.66
N ARG A 19 11.38 5.02 -4.03
CA ARG A 19 10.16 4.28 -4.39
C ARG A 19 9.21 4.16 -3.21
N THR A 20 8.00 3.69 -3.50
CA THR A 20 7.00 3.42 -2.50
C THR A 20 6.42 2.03 -2.71
N SER A 21 5.70 1.51 -1.74
CA SER A 21 5.23 0.13 -1.75
C SER A 21 4.30 -0.15 -2.95
N CYS A 22 4.80 -0.99 -3.86
CA CYS A 22 4.01 -1.47 -5.01
C CYS A 22 2.69 -2.02 -4.49
N MET A 23 1.58 -1.37 -4.85
CA MET A 23 0.26 -1.74 -4.31
C MET A 23 -0.02 -3.23 -4.50
N TYR A 24 0.59 -3.81 -5.53
CA TYR A 24 0.41 -5.23 -5.79
C TYR A 24 1.52 -6.03 -5.07
N GLY A 25 2.64 -5.38 -4.82
CA GLY A 25 3.74 -6.06 -4.16
C GLY A 25 4.25 -7.24 -4.95
N ALA A 26 4.11 -8.43 -4.40
CA ALA A 26 4.54 -9.65 -5.07
C ALA A 26 3.52 -10.10 -6.11
N ASN A 27 2.38 -9.42 -6.16
CA ASN A 27 1.27 -9.83 -7.03
C ASN A 27 1.39 -9.25 -8.43
N CYS A 28 2.02 -8.08 -8.59
CA CYS A 28 2.21 -7.49 -9.91
C CYS A 28 3.25 -8.31 -10.69
N TYR A 29 2.89 -8.67 -11.91
CA TYR A 29 3.72 -9.55 -12.74
C TYR A 29 4.60 -8.73 -13.67
N ARG A 30 4.76 -7.45 -13.35
CA ARG A 30 5.57 -6.54 -14.13
C ARG A 30 7.05 -6.90 -13.98
N LYS A 31 7.82 -6.73 -15.05
CA LYS A 31 9.26 -6.99 -15.02
C LYS A 31 10.02 -5.80 -15.60
N ASN A 32 9.26 -4.80 -16.02
CA ASN A 32 9.83 -3.59 -16.60
C ASN A 32 10.40 -2.70 -15.49
N PRO A 33 11.62 -2.15 -15.67
CA PRO A 33 12.32 -1.40 -14.61
C PRO A 33 11.53 -0.15 -14.21
N VAL A 34 10.65 0.30 -15.09
CA VAL A 34 9.83 1.48 -14.81
C VAL A 34 8.88 1.20 -13.66
N HIS A 35 8.23 0.02 -13.66
CA HIS A 35 7.32 -0.35 -12.58
C HIS A 35 8.06 -0.32 -11.24
N PHE A 36 9.36 -0.56 -11.29
CA PHE A 36 10.19 -0.64 -10.09
C PHE A 36 10.89 0.69 -9.78
N GLN A 37 10.89 1.60 -10.75
CA GLN A 37 11.62 2.89 -10.57
C GLN A 37 10.83 3.83 -9.67
N HIS A 38 9.53 3.56 -9.51
CA HIS A 38 8.69 4.39 -8.65
C HIS A 38 8.02 3.59 -7.55
N PHE A 39 7.89 2.27 -7.74
CA PHE A 39 7.33 1.39 -6.69
C PHE A 39 8.27 0.19 -6.42
N SER A 40 8.63 0.00 -5.14
CA SER A 40 9.48 -1.12 -4.74
C SER A 40 8.64 -2.36 -4.43
N HIS A 41 9.31 -3.52 -4.35
CA HIS A 41 8.65 -4.80 -4.19
C HIS A 41 9.35 -5.60 -3.09
N PRO A 42 8.69 -6.68 -2.59
CA PRO A 42 9.25 -7.53 -1.55
C PRO A 42 10.62 -8.07 -1.97
N GLY A 43 11.66 -7.35 -1.58
CA GLY A 43 13.02 -7.70 -1.95
C GLY A 43 13.79 -6.50 -2.45
N ASP A 44 13.27 -5.30 -2.19
CA ASP A 44 13.93 -4.06 -2.55
C ASP A 44 14.16 -3.22 -1.31
N SER A 45 15.23 -2.43 -1.32
CA SER A 45 15.64 -1.65 -0.14
C SER A 45 14.57 -0.61 0.23
N ASP A 46 13.89 -0.08 -0.78
CA ASP A 46 12.91 0.99 -0.59
C ASP A 46 11.51 0.44 -0.34
N TYR A 47 11.44 -0.88 -0.13
CA TYR A 47 10.19 -1.53 0.22
C TYR A 47 10.06 -1.59 1.73
N GLY A 48 8.91 -1.14 2.23
CA GLY A 48 8.70 -1.08 3.68
C GLY A 48 7.25 -1.10 4.08
N GLY A 49 6.35 -1.36 3.11
CA GLY A 49 4.94 -1.38 3.41
C GLY A 49 4.44 -0.04 3.95
N VAL A 50 4.92 1.02 3.33
CA VAL A 50 4.58 2.40 3.76
C VAL A 50 3.13 2.71 3.41
N GLN A 51 2.57 1.91 2.48
CA GLN A 51 1.18 2.01 2.09
C GLN A 51 0.51 0.66 2.26
N ILE A 52 -0.63 0.66 3.00
CA ILE A 52 -1.39 -0.57 3.27
C ILE A 52 -1.65 -1.34 1.98
N VAL A 53 -2.10 -0.66 0.95
CA VAL A 53 -2.22 -1.28 -0.36
C VAL A 53 -0.85 -1.31 -1.00
N GLY A 54 -0.06 -2.31 -0.62
CA GLY A 54 1.34 -2.37 -1.02
C GLY A 54 2.15 -3.28 -0.14
N GLN A 55 1.47 -4.27 0.42
CA GLN A 55 2.05 -5.22 1.37
C GLN A 55 0.96 -6.20 1.77
N ASP A 56 -0.19 -5.65 2.15
CA ASP A 56 -1.41 -6.40 2.48
C ASP A 56 -2.44 -5.45 3.05
N GLU A 57 -3.64 -5.53 2.54
CA GLU A 57 -4.67 -4.54 2.86
C GLU A 57 -5.37 -4.85 4.16
N THR A 58 -4.98 -5.96 4.80
CA THR A 58 -5.65 -6.44 6.00
C THR A 58 -5.59 -5.43 7.15
N ASP A 59 -6.74 -5.19 7.77
CA ASP A 59 -6.83 -4.40 8.98
C ASP A 59 -6.21 -5.19 10.14
N ASP A 60 -6.86 -6.32 10.48
CA ASP A 60 -6.31 -7.26 11.44
C ASP A 60 -6.65 -8.67 10.98
N ARG A 61 -7.15 -8.76 9.74
CA ARG A 61 -7.60 -10.02 9.13
C ARG A 61 -7.95 -9.78 7.65
N PRO A 62 -7.98 -10.83 6.80
CA PRO A 62 -8.34 -10.69 5.39
C PRO A 62 -9.82 -10.35 5.20
N GLU A 63 -10.12 -9.73 4.06
CA GLU A 63 -11.49 -9.40 3.69
C GLU A 63 -12.24 -10.65 3.23
N CYS A 64 -13.52 -10.73 3.57
CA CYS A 64 -14.37 -11.85 3.19
C CYS A 64 -14.37 -11.99 1.66
N PRO A 65 -14.19 -13.23 1.14
CA PRO A 65 -14.11 -13.46 -0.31
C PRO A 65 -15.38 -13.06 -1.05
N TYR A 66 -16.47 -12.88 -0.33
CA TYR A 66 -17.75 -12.47 -0.91
C TYR A 66 -18.11 -11.07 -0.44
N GLY A 67 -17.16 -10.36 0.17
CA GLY A 67 -17.41 -9.04 0.70
C GLY A 67 -18.54 -9.00 1.69
N PRO A 68 -19.30 -7.88 1.79
CA PRO A 68 -20.46 -7.78 2.69
C PRO A 68 -21.64 -8.60 2.19
N SER A 69 -21.56 -9.02 0.92
CA SER A 69 -22.58 -9.85 0.31
C SER A 69 -22.43 -11.29 0.81
N CYS A 70 -21.33 -11.53 1.51
CA CYS A 70 -21.06 -12.84 2.10
C CYS A 70 -22.19 -13.22 3.07
N TYR A 71 -22.85 -14.32 2.76
CA TYR A 71 -23.96 -14.81 3.59
C TYR A 71 -23.63 -16.21 4.10
N ARG A 72 -22.35 -16.54 4.15
CA ARG A 72 -21.90 -17.85 4.61
C ARG A 72 -22.26 -18.03 6.09
N LYS A 73 -23.23 -18.91 6.35
CA LYS A 73 -23.70 -19.13 7.70
C LYS A 73 -22.67 -19.88 8.54
N ASN A 74 -21.87 -19.10 9.27
CA ASN A 74 -20.87 -19.66 10.18
C ASN A 74 -20.30 -18.54 11.05
N PRO A 75 -20.36 -18.69 12.38
CA PRO A 75 -19.86 -17.66 13.31
C PRO A 75 -18.34 -17.50 13.20
N GLN A 76 -17.66 -18.62 12.91
CA GLN A 76 -16.20 -18.62 12.81
C GLN A 76 -15.75 -17.82 11.61
N HIS A 77 -16.57 -17.86 10.56
CA HIS A 77 -16.26 -17.17 9.31
C HIS A 77 -16.19 -15.67 9.58
N LYS A 78 -17.28 -15.14 10.08
CA LYS A 78 -17.35 -13.72 10.45
C LYS A 78 -16.25 -13.31 11.41
N ILE A 79 -15.68 -14.30 12.10
CA ILE A 79 -14.60 -14.06 13.03
C ILE A 79 -13.28 -13.92 12.27
N GLU A 80 -13.05 -14.78 11.28
CA GLU A 80 -11.77 -14.81 10.56
C GLU A 80 -11.68 -13.70 9.54
N TYR A 81 -12.72 -13.53 8.75
CA TYR A 81 -12.73 -12.58 7.63
C TYR A 81 -13.57 -11.35 7.97
N ARG A 82 -13.02 -10.18 7.64
CA ARG A 82 -13.71 -8.91 7.88
C ARG A 82 -14.65 -8.60 6.72
N HIS A 83 -15.87 -8.21 7.04
CA HIS A 83 -16.87 -7.86 6.06
C HIS A 83 -17.07 -6.35 6.02
N ASN A 84 -16.24 -5.70 5.24
CA ASN A 84 -16.20 -4.25 5.13
C ASN A 84 -17.45 -3.78 4.38
N THR A 85 -18.28 -3.00 5.05
CA THR A 85 -19.53 -2.54 4.49
C THR A 85 -19.67 -1.02 4.64
N LEU A 86 -20.42 -0.39 3.75
CA LEU A 86 -20.69 1.03 3.82
C LEU A 86 -22.14 1.24 4.28
N PRO A 87 -22.44 2.40 4.88
CA PRO A 87 -23.75 2.66 5.51
C PRO A 87 -24.93 2.48 4.51
N VAL A 88 -24.73 2.91 3.28
CA VAL A 88 -25.72 2.77 2.19
C VAL A 88 -27.12 3.25 2.64
N ARG A 89 -27.17 4.08 3.66
CA ARG A 89 -28.44 4.55 4.21
C ARG A 89 -28.34 6.04 4.51
N ASN A 90 -29.47 6.74 4.42
CA ASN A 90 -29.55 8.19 4.65
C ASN A 90 -28.78 8.95 3.60
N VAL A 91 -28.51 8.30 2.45
CA VAL A 91 -27.72 8.91 1.37
C VAL A 91 -28.63 9.69 0.39
ZN ZN B . 4.82 -4.12 -8.61
ZN ZN C . -18.44 -13.60 5.00
#